data_8G0H
#
_entry.id   8G0H
#
_cell.length_a   108.066
_cell.length_b   110.172
_cell.length_c   117.086
_cell.angle_alpha   90.00
_cell.angle_beta   114.51
_cell.angle_gamma   90.00
#
_symmetry.space_group_name_H-M   'P 1 21 1'
#
loop_
_entity.id
_entity.type
_entity.pdbx_description
1 polymer "DNA (5'-D(*CP*GP*AP*CP*G)-3')"
2 polymer "DNA (5'-D(*CP*GP*TP*CP*G)-3')"
3 polymer 'Poly [ADP-ribose] polymerase 1'
4 polymer 'Fusion of human PARP1 zinc fingers 1 and 3 (Zn1, Zn3),Poly [ADP-ribose] polymerase 1'
5 non-polymer 2-(4-{[2-(1H-benzimidazol-2-yl)ethyl]carbamoyl}phenyl)-1H-benzimidazole-7-carboxamide
6 non-polymer 'ZINC ION'
#
loop_
_entity_poly.entity_id
_entity_poly.type
_entity_poly.pdbx_seq_one_letter_code
_entity_poly.pdbx_strand_id
1 'polydeoxyribonucleotide' (DC)(DG)(DA)(DC)(DG) O,N
2 'polydeoxyribonucleotide' (DC)(DG)(DT)(DC)(DG) P,M
3 'polypeptide(L)'
;MKSEKRMKLTLKGGAAVDPDSGLEHSAHVLEKGGKVFSATLGLVDIVKGTNSYYKLQLLEDDKENRYWIFRSWGRVGTVI
GSNKLEQMPSKEDAIEHFMKLYEEKTGNAWHSKNFTKYPKKFYPLEIDYGQDEEAVKKLTVNPGTKSKLPKPVQDLIKMI
FDVESMKKAMYEIDLQKMPLGKLSKRQIQAAYSILSEVQQAVSQGSSDSQILDLSNRFYTLIPHDFGMKKPPLLNNADSV
QAKAEMLDNLLDIEVAYSLLRGGSDDSSKDPIDVNYEKLKTDIKVVDRDSEEAEIIRKYVKNTHATTHNAYDLEVIDIFK
IEREGECQRYKPFKQLHNRRLLWHGSRTTNFAGILSQGLRIAPPEAPVTGYMFGKGIYFADMVSKSANYCHTSQGDPIGL
ILLGEVALGNMYELKHASHISKLPKGKHSVKGLGKTTPDPSANISLDGVDVPLGTGISSGVNDTSLLYNEYIVYDIAQVN
LKYLLKLKFNFKTSLWLEHHHHHH
;
D,B
4 'polypeptide(L)'
;MGSSHHHHHHSSGLVPRGSHMAESSDKLYRVEYAKSGRASCKKCSESIPKDSLRMAIMVQSPMFDGKVPHWYHFSCFWKV
GHSIRHPDVEVDGFSELRWDDQQKVKKTAEAGGVTGKRKGDEVDGVDEVAKKKSKKEKDKDSKLEKALKAQNDLIWNIKD
ELKKVCSTNDLKELLIFNKQQVPSGESAILDRVADGMVFGALLPCEECSGQLVFKSDAYYCTGDVTAWTKCMVKTQTPNR
KEWVTPKEFREISYLKKLKVKKQDRIFPPETSASVA
;
A,C
#
loop_
_chem_comp.id
_chem_comp.type
_chem_comp.name
_chem_comp.formula
DA DNA linking 2'-DEOXYADENOSINE-5'-MONOPHOSPHATE 'C10 H14 N5 O6 P'
DC DNA linking 2'-DEOXYCYTIDINE-5'-MONOPHOSPHATE 'C9 H14 N3 O7 P'
DG DNA linking 2'-DEOXYGUANOSINE-5'-MONOPHOSPHATE 'C10 H14 N5 O7 P'
DT DNA linking THYMIDINE-5'-MONOPHOSPHATE 'C10 H15 N2 O8 P'
YH0 non-polymer 2-(4-{[2-(1H-benzimidazol-2-yl)ethyl]carbamoyl}phenyl)-1H-benzimidazole-7-carboxamide 'C24 H20 N6 O2'
ZN non-polymer 'ZINC ION' 'Zn 2'
#
# COMPACT_ATOMS: atom_id res chain seq x y z
N ALA D 15 -10.44 -22.28 -4.05
CA ALA D 15 -10.21 -22.02 -5.47
C ALA D 15 -9.56 -23.22 -6.15
N ALA D 16 -9.23 -23.06 -7.43
CA ALA D 16 -8.72 -24.14 -8.25
C ALA D 16 -7.19 -24.15 -8.22
N VAL D 17 -6.59 -24.94 -9.10
CA VAL D 17 -5.13 -25.04 -9.24
C VAL D 17 -4.81 -25.22 -10.71
N ASP D 18 -4.03 -24.29 -11.27
CA ASP D 18 -3.74 -24.35 -12.69
C ASP D 18 -3.05 -25.66 -13.04
N PRO D 19 -3.41 -26.30 -14.17
CA PRO D 19 -2.83 -27.61 -14.48
C PRO D 19 -1.41 -27.53 -15.03
N ASP D 20 -1.02 -26.41 -15.63
CA ASP D 20 0.35 -26.30 -16.14
C ASP D 20 1.40 -26.53 -15.07
N SER D 21 1.02 -26.40 -13.80
CA SER D 21 1.90 -26.82 -12.70
C SER D 21 1.83 -28.32 -12.50
N GLY D 22 0.67 -28.93 -12.75
CA GLY D 22 0.50 -30.36 -12.61
C GLY D 22 0.39 -30.86 -11.18
N LEU D 23 0.20 -29.96 -10.22
CA LEU D 23 0.15 -30.33 -8.81
C LEU D 23 -1.27 -30.28 -8.25
N GLU D 24 -2.29 -30.22 -9.13
CA GLU D 24 -3.66 -30.22 -8.66
C GLU D 24 -3.94 -31.43 -7.78
N HIS D 25 -3.32 -32.58 -8.09
CA HIS D 25 -3.45 -33.78 -7.29
C HIS D 25 -2.43 -33.85 -6.16
N SER D 26 -1.38 -33.04 -6.22
CA SER D 26 -0.30 -33.08 -5.25
C SER D 26 -0.27 -31.86 -4.32
N ALA D 27 -1.00 -30.79 -4.64
CA ALA D 27 -0.97 -29.58 -3.82
C ALA D 27 -2.23 -28.77 -4.09
N HIS D 28 -2.58 -27.94 -3.13
CA HIS D 28 -3.74 -27.07 -3.22
C HIS D 28 -3.32 -25.61 -3.03
N VAL D 29 -4.20 -24.70 -3.46
CA VAL D 29 -3.92 -23.28 -3.32
C VAL D 29 -4.06 -22.87 -1.87
N LEU D 30 -3.33 -21.83 -1.49
CA LEU D 30 -3.26 -21.40 -0.10
C LEU D 30 -4.37 -20.41 0.24
N GLU D 31 -4.69 -20.35 1.54
CA GLU D 31 -5.68 -19.41 2.06
C GLU D 31 -5.21 -18.92 3.42
N LYS D 32 -5.11 -17.60 3.57
CA LYS D 32 -4.77 -17.01 4.86
C LYS D 32 -5.50 -15.69 4.99
N GLY D 33 -5.84 -15.34 6.24
CA GLY D 33 -6.53 -14.09 6.52
C GLY D 33 -7.77 -13.90 5.68
N GLY D 34 -8.40 -14.99 5.28
CA GLY D 34 -9.59 -14.96 4.44
C GLY D 34 -9.28 -14.88 2.95
N LYS D 35 -8.22 -14.18 2.58
CA LYS D 35 -7.86 -14.04 1.17
C LYS D 35 -7.32 -15.36 0.62
N VAL D 36 -7.31 -15.46 -0.70
CA VAL D 36 -6.83 -16.64 -1.41
C VAL D 36 -5.81 -16.19 -2.45
N PHE D 37 -4.80 -17.05 -2.67
CA PHE D 37 -3.63 -16.69 -3.46
C PHE D 37 -3.75 -17.27 -4.86
N SER D 38 -4.57 -16.62 -5.69
CA SER D 38 -4.74 -17.00 -7.09
C SER D 38 -5.18 -15.73 -7.84
N ALA D 39 -4.20 -15.01 -8.38
CA ALA D 39 -4.46 -13.80 -9.14
C ALA D 39 -4.61 -14.12 -10.61
N THR D 40 -5.59 -13.48 -11.26
CA THR D 40 -5.88 -13.66 -12.68
C THR D 40 -5.87 -12.27 -13.32
N LEU D 41 -4.66 -11.77 -13.58
CA LEU D 41 -4.49 -10.44 -14.14
C LEU D 41 -4.66 -10.48 -15.66
N GLY D 42 -5.31 -9.45 -16.21
CA GLY D 42 -5.49 -9.31 -17.64
C GLY D 42 -4.83 -8.04 -18.16
N LEU D 43 -4.73 -7.96 -19.48
CA LEU D 43 -4.17 -6.75 -20.13
C LEU D 43 -4.66 -6.70 -21.56
N VAL D 44 -5.45 -5.67 -21.90
CA VAL D 44 -6.00 -5.52 -23.23
C VAL D 44 -5.67 -4.12 -23.75
N ASP D 45 -5.07 -4.07 -24.94
CA ASP D 45 -4.72 -2.82 -25.61
C ASP D 45 -5.11 -2.95 -27.08
N ILE D 46 -6.30 -2.45 -27.43
CA ILE D 46 -6.75 -2.53 -28.82
C ILE D 46 -5.90 -1.65 -29.71
N VAL D 47 -5.36 -0.55 -29.16
CA VAL D 47 -4.53 0.35 -29.95
C VAL D 47 -3.43 -0.43 -30.66
N LYS D 48 -2.81 -1.37 -29.98
CA LYS D 48 -1.79 -2.23 -30.56
C LYS D 48 -2.25 -3.66 -30.81
N GLY D 49 -3.26 -4.13 -30.09
CA GLY D 49 -3.72 -5.49 -30.22
C GLY D 49 -3.16 -6.47 -29.23
N THR D 50 -2.86 -6.03 -28.00
CA THR D 50 -2.31 -6.91 -26.97
C THR D 50 -3.46 -7.50 -26.17
N ASN D 51 -3.52 -8.83 -26.09
CA ASN D 51 -4.55 -9.53 -25.33
C ASN D 51 -3.88 -10.49 -24.35
N SER D 52 -3.08 -9.95 -23.44
CA SER D 52 -2.23 -10.76 -22.58
C SER D 52 -2.95 -11.10 -21.27
N TYR D 53 -2.49 -12.20 -20.66
CA TYR D 53 -3.00 -12.67 -19.38
C TYR D 53 -1.84 -12.95 -18.45
N TYR D 54 -2.16 -13.25 -17.19
CA TYR D 54 -1.12 -13.57 -16.20
C TYR D 54 -1.81 -14.24 -15.01
N LYS D 55 -1.56 -15.52 -14.82
CA LYS D 55 -2.08 -16.26 -13.68
C LYS D 55 -0.94 -16.48 -12.69
N LEU D 56 -1.16 -16.08 -11.44
CA LEU D 56 -0.15 -16.14 -10.40
C LEU D 56 -0.73 -16.87 -9.19
N GLN D 57 -0.11 -17.98 -8.79
CA GLN D 57 -0.62 -18.78 -7.69
C GLN D 57 0.50 -19.11 -6.72
N LEU D 58 0.14 -19.23 -5.44
CA LEU D 58 1.02 -19.75 -4.40
C LEU D 58 0.41 -21.05 -3.92
N LEU D 59 1.12 -22.16 -4.15
CA LEU D 59 0.59 -23.50 -3.94
C LEU D 59 1.30 -24.16 -2.78
N GLU D 60 0.51 -24.78 -1.89
CA GLU D 60 1.02 -25.50 -0.74
C GLU D 60 0.69 -26.97 -0.90
N ASP D 61 1.66 -27.83 -0.63
CA ASP D 61 1.44 -29.26 -0.75
C ASP D 61 0.28 -29.69 0.15
N ASP D 62 -0.49 -30.68 -0.32
CA ASP D 62 -1.68 -31.09 0.42
C ASP D 62 -1.36 -31.41 1.87
N LYS D 63 -0.21 -32.03 2.14
CA LYS D 63 0.19 -32.42 3.49
C LYS D 63 1.41 -31.64 3.93
N GLU D 64 2.60 -31.99 3.43
CA GLU D 64 3.83 -31.40 3.92
C GLU D 64 3.83 -29.87 3.76
N ASN D 65 4.79 -29.24 4.43
CA ASN D 65 4.95 -27.78 4.35
C ASN D 65 5.93 -27.44 3.23
N ARG D 66 5.45 -27.64 2.01
CA ARG D 66 6.22 -27.37 0.79
C ARG D 66 5.42 -26.41 -0.07
N TYR D 67 6.08 -25.36 -0.56
CA TYR D 67 5.40 -24.28 -1.24
C TYR D 67 6.07 -23.96 -2.56
N TRP D 68 5.24 -23.59 -3.55
CA TRP D 68 5.71 -23.17 -4.86
C TRP D 68 5.02 -21.88 -5.24
N ILE D 69 5.69 -21.11 -6.08
CA ILE D 69 5.11 -19.97 -6.77
C ILE D 69 4.97 -20.37 -8.24
N PHE D 70 3.75 -20.38 -8.73
CA PHE D 70 3.47 -20.72 -10.12
C PHE D 70 3.08 -19.46 -10.87
N ARG D 71 3.76 -19.22 -11.99
CA ARG D 71 3.46 -18.10 -12.87
C ARG D 71 3.11 -18.66 -14.24
N SER D 72 2.14 -18.03 -14.91
CA SER D 72 1.85 -18.39 -16.29
C SER D 72 1.39 -17.15 -17.03
N TRP D 73 1.87 -16.99 -18.26
CA TRP D 73 1.60 -15.80 -19.04
C TRP D 73 1.42 -16.19 -20.50
N GLY D 74 1.01 -15.23 -21.31
CA GLY D 74 0.79 -15.44 -22.72
C GLY D 74 -0.46 -14.71 -23.18
N ARG D 75 -1.01 -15.17 -24.29
CA ARG D 75 -2.23 -14.60 -24.85
C ARG D 75 -3.43 -15.48 -24.50
N VAL D 76 -4.62 -14.92 -24.68
CA VAL D 76 -5.86 -15.58 -24.28
C VAL D 76 -6.21 -16.64 -25.31
N GLY D 77 -6.52 -17.84 -24.84
CA GLY D 77 -7.00 -18.91 -25.71
C GLY D 77 -5.92 -19.61 -26.49
N THR D 78 -4.89 -18.88 -26.91
CA THR D 78 -3.84 -19.46 -27.72
C THR D 78 -2.79 -20.13 -26.86
N VAL D 79 -2.00 -20.99 -27.49
CA VAL D 79 -0.87 -21.62 -26.82
C VAL D 79 0.29 -20.65 -26.63
N ILE D 80 0.26 -19.50 -27.30
CA ILE D 80 1.32 -18.53 -27.14
C ILE D 80 1.40 -18.12 -25.68
N GLY D 81 2.59 -18.24 -25.11
CA GLY D 81 2.82 -17.95 -23.72
C GLY D 81 3.80 -18.95 -23.14
N SER D 82 3.73 -19.11 -21.82
CA SER D 82 4.63 -19.98 -21.10
C SER D 82 4.19 -20.03 -19.65
N ASN D 83 4.93 -20.81 -18.85
CA ASN D 83 4.69 -20.91 -17.42
C ASN D 83 6.02 -21.21 -16.75
N LYS D 84 6.01 -21.16 -15.42
CA LYS D 84 7.20 -21.48 -14.63
C LYS D 84 6.77 -21.73 -13.19
N LEU D 85 7.24 -22.86 -12.65
CA LEU D 85 7.03 -23.20 -11.25
C LEU D 85 8.34 -23.06 -10.51
N GLU D 86 8.31 -22.40 -9.34
CA GLU D 86 9.49 -22.17 -8.53
C GLU D 86 9.18 -22.62 -7.11
N GLN D 87 9.73 -23.77 -6.72
CA GLN D 87 9.60 -24.18 -5.33
C GLN D 87 10.26 -23.15 -4.42
N MET D 88 9.54 -22.75 -3.39
CA MET D 88 10.02 -21.74 -2.45
C MET D 88 10.63 -22.39 -1.22
N PRO D 89 11.39 -21.64 -0.42
CA PRO D 89 11.97 -22.21 0.80
C PRO D 89 10.92 -22.52 1.85
N SER D 90 10.16 -21.50 2.23
CA SER D 90 9.11 -21.62 3.23
C SER D 90 7.95 -20.70 2.85
N LYS D 91 6.84 -20.87 3.55
CA LYS D 91 5.66 -20.05 3.28
C LYS D 91 5.97 -18.56 3.44
N GLU D 92 6.90 -18.21 4.34
CA GLU D 92 7.24 -16.80 4.54
C GLU D 92 7.82 -16.20 3.27
N ASP D 93 8.93 -16.77 2.79
CA ASP D 93 9.54 -16.29 1.55
C ASP D 93 8.59 -16.45 0.37
N ALA D 94 7.77 -17.51 0.39
CA ALA D 94 6.83 -17.73 -0.70
C ALA D 94 5.83 -16.58 -0.80
N ILE D 95 5.24 -16.19 0.32
CA ILE D 95 4.27 -15.09 0.31
C ILE D 95 4.96 -13.77 0.00
N GLU D 96 6.19 -13.58 0.47
CA GLU D 96 6.92 -12.37 0.12
C GLU D 96 7.05 -12.26 -1.40
N HIS D 97 7.52 -13.34 -2.04
CA HIS D 97 7.67 -13.34 -3.49
C HIS D 97 6.34 -13.15 -4.19
N PHE D 98 5.28 -13.80 -3.68
CA PHE D 98 3.96 -13.68 -4.29
C PHE D 98 3.49 -12.23 -4.28
N MET D 99 3.61 -11.56 -3.12
CA MET D 99 3.15 -10.18 -3.01
C MET D 99 4.00 -9.25 -3.88
N LYS D 100 5.31 -9.44 -3.88
CA LYS D 100 6.14 -8.57 -4.69
C LYS D 100 5.90 -8.79 -6.18
N LEU D 101 5.54 -10.01 -6.57
CA LEU D 101 5.16 -10.27 -7.97
C LEU D 101 3.86 -9.57 -8.31
N TYR D 102 2.86 -9.71 -7.44
CA TYR D 102 1.60 -8.98 -7.65
C TYR D 102 1.87 -7.49 -7.83
N GLU D 103 2.75 -6.93 -6.99
CA GLU D 103 3.10 -5.52 -7.11
C GLU D 103 3.75 -5.23 -8.47
N GLU D 104 4.85 -5.93 -8.76
CA GLU D 104 5.57 -5.71 -10.02
C GLU D 104 4.66 -5.78 -11.23
N LYS D 105 3.64 -6.63 -11.18
CA LYS D 105 2.79 -6.83 -12.35
C LYS D 105 1.65 -5.82 -12.44
N THR D 106 0.81 -5.75 -11.39
CA THR D 106 -0.39 -4.95 -11.44
C THR D 106 -0.22 -3.55 -10.88
N GLY D 107 0.90 -3.26 -10.22
CA GLY D 107 1.17 -1.96 -9.67
C GLY D 107 0.65 -1.74 -8.27
N ASN D 108 -0.42 -2.42 -7.90
CA ASN D 108 -1.00 -2.30 -6.56
C ASN D 108 -0.50 -3.42 -5.66
N ALA D 109 -0.81 -3.30 -4.37
CA ALA D 109 -0.42 -4.28 -3.38
C ALA D 109 -1.52 -5.31 -3.17
N TRP D 110 -1.14 -6.42 -2.52
CA TRP D 110 -2.09 -7.51 -2.32
C TRP D 110 -3.25 -7.06 -1.44
N HIS D 111 -2.94 -6.43 -0.30
CA HIS D 111 -3.98 -5.92 0.59
C HIS D 111 -4.32 -4.47 0.25
N SER D 112 -4.63 -4.19 -1.01
CA SER D 112 -5.02 -2.85 -1.42
C SER D 112 -6.54 -2.91 -1.55
N LYS D 113 -7.22 -2.35 -0.56
CA LYS D 113 -8.67 -2.35 -0.57
C LYS D 113 -9.20 -1.66 -1.83
N ASN D 114 -8.70 -0.46 -2.10
CA ASN D 114 -9.06 0.30 -3.30
C ASN D 114 -7.96 0.09 -4.33
N PHE D 115 -8.29 -0.62 -5.41
CA PHE D 115 -7.34 -0.85 -6.50
C PHE D 115 -7.38 0.32 -7.47
N THR D 116 -6.19 0.86 -7.76
CA THR D 116 -6.05 2.02 -8.65
C THR D 116 -5.24 1.58 -9.87
N LYS D 117 -5.89 1.54 -11.02
CA LYS D 117 -5.24 1.11 -12.25
C LYS D 117 -4.11 2.05 -12.64
N TYR D 118 -3.01 1.48 -13.12
CA TYR D 118 -1.88 2.22 -13.66
C TYR D 118 -1.62 1.80 -15.10
N PRO D 119 -1.09 2.69 -15.94
CA PRO D 119 -0.84 2.34 -17.34
C PRO D 119 0.27 1.31 -17.47
N LYS D 120 0.17 0.50 -18.53
CA LYS D 120 1.10 -0.58 -18.82
C LYS D 120 1.10 -1.67 -17.75
N LYS D 121 0.17 -1.61 -16.81
CA LYS D 121 0.05 -2.61 -15.76
C LYS D 121 -1.19 -3.46 -16.02
N PHE D 122 -1.23 -4.62 -15.37
CA PHE D 122 -2.34 -5.55 -15.56
C PHE D 122 -3.54 -5.13 -14.71
N TYR D 123 -4.51 -6.04 -14.54
CA TYR D 123 -5.72 -5.75 -13.77
C TYR D 123 -6.33 -7.05 -13.26
N PRO D 124 -6.55 -7.18 -11.95
CA PRO D 124 -7.08 -8.45 -11.42
C PRO D 124 -8.55 -8.63 -11.74
N LEU D 125 -8.95 -9.90 -11.85
CA LEU D 125 -10.30 -10.28 -12.21
C LEU D 125 -10.89 -11.17 -11.13
N GLU D 126 -12.11 -10.85 -10.69
CA GLU D 126 -12.79 -11.62 -9.66
C GLU D 126 -13.48 -12.82 -10.29
N ILE D 127 -13.21 -14.01 -9.75
CA ILE D 127 -13.74 -15.26 -10.29
C ILE D 127 -14.44 -16.00 -9.16
N ASP D 128 -15.72 -16.32 -9.36
CA ASP D 128 -16.51 -16.99 -8.34
C ASP D 128 -16.23 -18.48 -8.30
N TYR D 129 -16.35 -19.05 -7.10
CA TYR D 129 -16.10 -20.47 -6.87
C TYR D 129 -17.07 -20.98 -5.81
N GLY D 130 -17.08 -22.29 -5.62
CA GLY D 130 -17.92 -22.91 -4.62
C GLY D 130 -19.40 -22.75 -4.88
N GLY D 144 -36.28 -37.11 4.18
CA GLY D 144 -37.22 -38.17 3.92
C GLY D 144 -38.63 -37.82 4.36
N THR D 145 -39.36 -37.11 3.50
CA THR D 145 -40.74 -36.72 3.77
C THR D 145 -41.51 -36.82 2.46
N LYS D 146 -42.72 -36.25 2.44
CA LYS D 146 -43.56 -36.32 1.24
C LYS D 146 -44.40 -35.05 1.11
N SER D 147 -44.38 -34.46 -0.08
CA SER D 147 -45.20 -33.31 -0.38
C SER D 147 -46.61 -33.75 -0.77
N LYS D 148 -47.60 -32.95 -0.39
CA LYS D 148 -49.00 -33.22 -0.71
C LYS D 148 -49.55 -32.02 -1.47
N LEU D 149 -49.08 -31.84 -2.69
CA LEU D 149 -49.53 -30.77 -3.59
C LEU D 149 -49.96 -31.36 -4.92
N PRO D 150 -50.77 -30.64 -5.68
CA PRO D 150 -51.08 -31.08 -7.05
C PRO D 150 -49.81 -31.30 -7.86
N LYS D 151 -49.82 -32.31 -8.71
CA LYS D 151 -48.62 -32.83 -9.35
C LYS D 151 -48.09 -31.91 -10.46
N PRO D 152 -48.95 -31.36 -11.31
CA PRO D 152 -48.43 -30.45 -12.36
C PRO D 152 -47.63 -29.31 -11.79
N VAL D 153 -48.03 -28.78 -10.63
CA VAL D 153 -47.27 -27.70 -10.01
C VAL D 153 -45.90 -28.20 -9.57
N GLN D 154 -45.83 -29.44 -9.07
CA GLN D 154 -44.54 -29.98 -8.65
C GLN D 154 -43.62 -30.16 -9.85
N ASP D 155 -44.16 -30.61 -10.98
CA ASP D 155 -43.36 -30.68 -12.21
C ASP D 155 -42.87 -29.29 -12.61
N LEU D 156 -43.78 -28.32 -12.61
CA LEU D 156 -43.40 -26.95 -12.92
C LEU D 156 -42.26 -26.49 -12.02
N ILE D 157 -42.35 -26.78 -10.72
CA ILE D 157 -41.31 -26.35 -9.79
C ILE D 157 -39.98 -27.01 -10.14
N LYS D 158 -39.99 -28.33 -10.33
CA LYS D 158 -38.77 -29.02 -10.72
C LYS D 158 -38.17 -28.40 -11.98
N MET D 159 -39.01 -27.81 -12.83
CA MET D 159 -38.48 -27.17 -14.04
C MET D 159 -37.89 -25.78 -13.75
N ILE D 160 -38.64 -24.94 -13.03
CA ILE D 160 -38.21 -23.55 -12.86
C ILE D 160 -37.12 -23.42 -11.80
N PHE D 161 -37.10 -24.32 -10.83
CA PHE D 161 -36.00 -24.42 -9.87
C PHE D 161 -35.06 -25.56 -10.23
N ASP D 162 -34.74 -25.69 -11.51
CA ASP D 162 -33.92 -26.79 -12.03
C ASP D 162 -32.46 -26.45 -11.76
N VAL D 163 -31.97 -26.86 -10.58
CA VAL D 163 -30.59 -26.58 -10.20
C VAL D 163 -29.63 -27.15 -11.23
N GLU D 164 -30.00 -28.24 -11.88
CA GLU D 164 -29.12 -28.86 -12.87
C GLU D 164 -28.87 -27.92 -14.04
N SER D 165 -29.94 -27.34 -14.60
CA SER D 165 -29.76 -26.38 -15.69
C SER D 165 -29.10 -25.10 -15.21
N MET D 166 -29.32 -24.71 -13.96
CA MET D 166 -28.64 -23.53 -13.42
C MET D 166 -27.13 -23.76 -13.39
N LYS D 167 -26.70 -24.96 -13.00
CA LYS D 167 -25.27 -25.28 -13.02
C LYS D 167 -24.75 -25.40 -14.45
N LYS D 168 -25.57 -25.97 -15.35
CA LYS D 168 -25.23 -25.99 -16.76
C LYS D 168 -25.00 -24.58 -17.29
N ALA D 169 -25.72 -23.60 -16.75
CA ALA D 169 -25.56 -22.22 -17.19
C ALA D 169 -24.30 -21.60 -16.60
N MET D 170 -24.23 -21.52 -15.27
CA MET D 170 -23.08 -20.88 -14.63
C MET D 170 -21.83 -21.76 -14.73
N TYR D 171 -21.88 -22.94 -14.12
CA TYR D 171 -20.68 -23.77 -13.95
C TYR D 171 -20.56 -24.67 -15.18
N GLU D 172 -20.03 -24.08 -16.26
CA GLU D 172 -19.82 -24.75 -17.53
C GLU D 172 -18.51 -24.26 -18.11
N ILE D 173 -17.92 -25.04 -19.01
CA ILE D 173 -16.62 -24.70 -19.56
C ILE D 173 -16.81 -23.60 -20.59
N ASP D 174 -17.26 -23.97 -21.79
CA ASP D 174 -17.42 -23.02 -22.88
C ASP D 174 -16.27 -22.02 -22.88
N LEU D 175 -15.09 -22.48 -23.31
CA LEU D 175 -13.89 -21.66 -23.20
C LEU D 175 -14.07 -20.28 -23.83
N GLN D 176 -14.74 -20.21 -24.98
CA GLN D 176 -14.87 -18.94 -25.67
C GLN D 176 -15.57 -17.92 -24.79
N LYS D 177 -16.64 -18.33 -24.10
CA LYS D 177 -17.34 -17.41 -23.23
C LYS D 177 -16.44 -16.98 -22.06
N MET D 178 -15.86 -17.96 -21.36
CA MET D 178 -15.01 -17.72 -20.19
C MET D 178 -13.61 -18.24 -20.45
N PRO D 179 -12.78 -17.52 -21.21
CA PRO D 179 -11.44 -18.02 -21.49
C PRO D 179 -10.54 -18.09 -20.28
N LEU D 180 -10.90 -17.42 -19.18
CA LEU D 180 -10.12 -17.44 -17.95
C LEU D 180 -10.85 -18.06 -16.78
N GLY D 181 -12.17 -17.96 -16.73
CA GLY D 181 -12.93 -18.54 -15.64
C GLY D 181 -14.29 -17.91 -15.51
N LYS D 182 -15.09 -18.48 -14.61
CA LYS D 182 -16.43 -17.96 -14.33
C LYS D 182 -16.30 -16.68 -13.52
N LEU D 183 -16.45 -15.54 -14.19
CA LEU D 183 -16.36 -14.26 -13.50
C LEU D 183 -17.46 -14.13 -12.45
N SER D 184 -17.18 -13.31 -11.45
CA SER D 184 -18.12 -13.09 -10.37
C SER D 184 -19.24 -12.15 -10.83
N LYS D 185 -20.24 -11.96 -9.96
CA LYS D 185 -21.38 -11.13 -10.32
C LYS D 185 -20.98 -9.67 -10.48
N ARG D 186 -20.18 -9.14 -9.56
CA ARG D 186 -19.82 -7.73 -9.62
C ARG D 186 -19.05 -7.41 -10.90
N GLN D 187 -18.19 -8.32 -11.35
CA GLN D 187 -17.47 -8.10 -12.60
C GLN D 187 -18.44 -7.91 -13.76
N ILE D 188 -19.40 -8.83 -13.90
CA ILE D 188 -20.33 -8.79 -15.02
C ILE D 188 -21.21 -7.54 -14.92
N GLN D 189 -21.56 -7.12 -13.70
CA GLN D 189 -22.38 -5.93 -13.54
C GLN D 189 -21.61 -4.68 -13.95
N ALA D 190 -20.32 -4.60 -13.57
CA ALA D 190 -19.50 -3.47 -14.00
C ALA D 190 -19.36 -3.44 -15.52
N ALA D 191 -19.17 -4.62 -16.13
CA ALA D 191 -19.10 -4.68 -17.59
C ALA D 191 -20.40 -4.19 -18.22
N TYR D 192 -21.54 -4.57 -17.63
CA TYR D 192 -22.83 -4.13 -18.15
C TYR D 192 -22.99 -2.61 -18.04
N SER D 193 -22.52 -2.03 -16.95
CA SER D 193 -22.56 -0.57 -16.81
C SER D 193 -21.68 0.11 -17.85
N ILE D 194 -20.47 -0.40 -18.06
CA ILE D 194 -19.60 0.18 -19.08
C ILE D 194 -20.23 0.02 -20.46
N LEU D 195 -20.99 -1.05 -20.68
CA LEU D 195 -21.71 -1.19 -21.93
C LEU D 195 -22.84 -0.16 -22.05
N SER D 196 -23.48 0.19 -20.93
CA SER D 196 -24.42 1.31 -20.96
C SER D 196 -23.74 2.56 -21.49
N GLU D 197 -22.53 2.84 -20.99
CA GLU D 197 -21.76 3.97 -21.51
C GLU D 197 -21.49 3.81 -23.00
N VAL D 198 -21.12 2.60 -23.43
CA VAL D 198 -20.84 2.38 -24.85
C VAL D 198 -22.08 2.65 -25.71
N GLN D 199 -23.25 2.26 -25.21
CA GLN D 199 -24.48 2.48 -25.96
C GLN D 199 -24.77 3.96 -26.09
N GLN D 200 -24.64 4.71 -24.99
CA GLN D 200 -24.90 6.14 -25.06
C GLN D 200 -23.85 6.86 -25.90
N ALA D 201 -22.65 6.29 -26.05
CA ALA D 201 -21.68 6.87 -26.96
C ALA D 201 -22.00 6.55 -28.41
N VAL D 202 -22.52 5.35 -28.68
CA VAL D 202 -22.94 4.99 -30.03
C VAL D 202 -24.10 5.86 -30.48
N SER D 203 -25.04 6.14 -29.58
CA SER D 203 -26.19 6.98 -29.94
C SER D 203 -25.73 8.36 -30.41
N GLN D 204 -24.81 8.98 -29.69
CA GLN D 204 -24.28 10.28 -30.06
C GLN D 204 -23.04 10.09 -30.94
N GLY D 205 -22.47 11.21 -31.37
CA GLY D 205 -21.27 11.18 -32.19
C GLY D 205 -20.01 11.27 -31.34
N SER D 206 -19.87 10.35 -30.39
CA SER D 206 -18.77 10.42 -29.44
C SER D 206 -17.42 10.33 -30.16
N SER D 207 -16.38 10.81 -29.47
CA SER D 207 -15.04 10.76 -30.02
C SER D 207 -14.59 9.30 -30.16
N ASP D 208 -13.80 9.03 -31.21
CA ASP D 208 -13.31 7.69 -31.43
C ASP D 208 -12.43 7.25 -30.26
N SER D 209 -11.74 8.18 -29.60
CA SER D 209 -10.86 7.84 -28.49
C SER D 209 -11.67 7.38 -27.27
N GLN D 210 -12.80 8.03 -27.02
CA GLN D 210 -13.64 7.63 -25.90
C GLN D 210 -14.14 6.20 -26.08
N ILE D 211 -14.57 5.86 -27.30
CA ILE D 211 -15.05 4.51 -27.56
C ILE D 211 -13.89 3.52 -27.54
N LEU D 212 -12.70 3.95 -27.97
CA LEU D 212 -11.52 3.10 -27.86
C LEU D 212 -11.23 2.74 -26.40
N ASP D 213 -11.28 3.74 -25.51
CA ASP D 213 -11.08 3.48 -24.09
C ASP D 213 -12.17 2.57 -23.54
N LEU D 214 -13.43 2.82 -23.94
CA LEU D 214 -14.51 1.93 -23.54
C LEU D 214 -14.19 0.49 -23.92
N SER D 215 -13.73 0.27 -25.16
CA SER D 215 -13.41 -1.08 -25.61
C SER D 215 -12.27 -1.66 -24.79
N ASN D 216 -11.21 -0.88 -24.56
CA ASN D 216 -10.10 -1.34 -23.74
C ASN D 216 -10.59 -1.85 -22.40
N ARG D 217 -11.40 -1.04 -21.71
CA ARG D 217 -11.83 -1.42 -20.36
C ARG D 217 -12.78 -2.62 -20.41
N PHE D 218 -13.68 -2.65 -21.39
CA PHE D 218 -14.66 -3.73 -21.45
C PHE D 218 -14.02 -5.06 -21.81
N TYR D 219 -12.93 -5.04 -22.59
CA TYR D 219 -12.24 -6.28 -22.94
C TYR D 219 -11.21 -6.68 -21.90
N THR D 220 -10.63 -5.73 -21.17
CA THR D 220 -9.79 -6.11 -20.03
C THR D 220 -10.63 -6.73 -18.93
N LEU D 221 -11.82 -6.16 -18.67
CA LEU D 221 -12.68 -6.68 -17.63
C LEU D 221 -13.23 -8.05 -17.99
N ILE D 222 -13.62 -8.24 -19.25
CA ILE D 222 -14.15 -9.52 -19.72
C ILE D 222 -13.22 -10.07 -20.80
N PRO D 223 -12.45 -11.13 -20.53
CA PRO D 223 -11.56 -11.64 -21.57
C PRO D 223 -12.33 -12.34 -22.68
N HIS D 224 -11.75 -12.30 -23.88
CA HIS D 224 -12.36 -12.92 -25.05
C HIS D 224 -11.27 -13.53 -25.91
N ASP D 225 -11.45 -14.79 -26.29
CA ASP D 225 -10.48 -15.47 -27.15
C ASP D 225 -10.61 -14.97 -28.57
N PHE D 226 -9.80 -13.97 -28.93
CA PHE D 226 -9.73 -13.45 -30.30
C PHE D 226 -8.53 -13.99 -31.06
N GLY D 227 -7.87 -15.02 -30.56
CA GLY D 227 -6.70 -15.52 -31.23
C GLY D 227 -5.68 -14.42 -31.44
N MET D 228 -4.94 -14.53 -32.55
CA MET D 228 -3.99 -13.49 -32.93
C MET D 228 -4.66 -12.29 -33.58
N LYS D 229 -5.97 -12.35 -33.82
CA LYS D 229 -6.67 -11.22 -34.40
C LYS D 229 -6.70 -10.06 -33.41
N LYS D 230 -6.45 -8.86 -33.91
CA LYS D 230 -6.53 -7.67 -33.06
C LYS D 230 -7.94 -7.56 -32.47
N PRO D 231 -8.07 -7.40 -31.16
CA PRO D 231 -9.40 -7.22 -30.57
C PRO D 231 -10.13 -6.05 -31.22
N PRO D 232 -11.42 -6.17 -31.49
CA PRO D 232 -12.14 -5.14 -32.24
C PRO D 232 -12.64 -4.01 -31.35
N LEU D 233 -13.08 -2.94 -32.00
CA LEU D 233 -13.74 -1.84 -31.33
C LEU D 233 -15.24 -2.09 -31.27
N LEU D 234 -15.90 -1.44 -30.30
CA LEU D 234 -17.32 -1.60 -30.08
C LEU D 234 -18.15 -0.66 -30.96
N ASN D 235 -17.62 -0.27 -32.12
CA ASN D 235 -18.36 0.63 -33.00
C ASN D 235 -19.66 0.00 -33.48
N ASN D 236 -19.61 -1.29 -33.83
CA ASN D 236 -20.79 -1.99 -34.30
C ASN D 236 -21.86 -2.06 -33.21
N ALA D 237 -23.00 -1.40 -33.44
CA ALA D 237 -24.03 -1.31 -32.41
C ALA D 237 -24.72 -2.66 -32.19
N ASP D 238 -24.95 -3.41 -33.26
CA ASP D 238 -25.67 -4.67 -33.12
C ASP D 238 -24.89 -5.67 -32.29
N SER D 239 -23.59 -5.80 -32.54
CA SER D 239 -22.77 -6.67 -31.71
C SER D 239 -22.72 -6.19 -30.27
N VAL D 240 -22.81 -4.87 -30.06
CA VAL D 240 -22.88 -4.34 -28.70
C VAL D 240 -24.14 -4.84 -28.00
N GLN D 241 -25.28 -4.74 -28.70
CA GLN D 241 -26.52 -5.22 -28.09
C GLN D 241 -26.49 -6.73 -27.89
N ALA D 242 -25.75 -7.45 -28.73
CA ALA D 242 -25.64 -8.90 -28.56
C ALA D 242 -24.83 -9.24 -27.30
N LYS D 243 -23.67 -8.60 -27.14
CA LYS D 243 -22.89 -8.81 -25.91
C LYS D 243 -23.67 -8.37 -24.69
N ALA D 244 -24.51 -7.34 -24.82
CA ALA D 244 -25.35 -6.93 -23.70
C ALA D 244 -26.39 -7.98 -23.37
N GLU D 245 -26.97 -8.60 -24.40
CA GLU D 245 -27.87 -9.72 -24.17
C GLU D 245 -27.16 -10.84 -23.42
N MET D 246 -25.91 -11.14 -23.82
CA MET D 246 -25.13 -12.17 -23.12
C MET D 246 -24.93 -11.80 -21.66
N LEU D 247 -24.56 -10.55 -21.39
CA LEU D 247 -24.31 -10.11 -20.03
C LEU D 247 -25.58 -10.15 -19.19
N ASP D 248 -26.70 -9.69 -19.75
CA ASP D 248 -27.97 -9.77 -19.03
C ASP D 248 -28.37 -11.21 -18.76
N ASN D 249 -28.10 -12.10 -19.72
CA ASN D 249 -28.34 -13.52 -19.51
C ASN D 249 -27.57 -14.02 -18.29
N LEU D 250 -26.25 -13.81 -18.28
CA LEU D 250 -25.44 -14.26 -17.16
C LEU D 250 -25.88 -13.61 -15.85
N LEU D 251 -26.28 -12.34 -15.91
CA LEU D 251 -26.66 -11.62 -14.71
C LEU D 251 -27.95 -12.20 -14.12
N ASP D 252 -29.01 -12.28 -14.93
CA ASP D 252 -30.24 -12.90 -14.46
C ASP D 252 -30.01 -14.34 -14.03
N ILE D 253 -29.06 -15.02 -14.67
CA ILE D 253 -28.72 -16.39 -14.26
C ILE D 253 -28.21 -16.39 -12.82
N GLU D 254 -27.20 -15.57 -12.54
CA GLU D 254 -26.65 -15.53 -11.19
C GLU D 254 -27.70 -15.03 -10.18
N VAL D 255 -28.62 -14.17 -10.61
CA VAL D 255 -29.65 -13.67 -9.70
C VAL D 255 -30.63 -14.77 -9.34
N ALA D 256 -31.13 -15.49 -10.35
CA ALA D 256 -31.99 -16.63 -10.10
C ALA D 256 -31.25 -17.72 -9.33
N TYR D 257 -29.92 -17.75 -9.40
CA TYR D 257 -29.15 -18.70 -8.61
C TYR D 257 -29.09 -18.28 -7.15
N SER D 258 -28.93 -16.97 -6.89
CA SER D 258 -28.96 -16.49 -5.52
C SER D 258 -30.34 -16.71 -4.90
N LEU D 259 -31.40 -16.55 -5.71
CA LEU D 259 -32.73 -16.90 -5.24
C LEU D 259 -32.89 -18.40 -5.08
N LEU D 260 -32.19 -19.19 -5.89
CA LEU D 260 -32.24 -20.64 -5.80
C LEU D 260 -31.82 -21.11 -4.41
N ARG D 261 -30.90 -20.41 -3.78
CA ARG D 261 -30.42 -20.72 -2.45
C ARG D 261 -31.09 -19.80 -1.43
N GLY D 262 -30.78 -20.03 -0.16
CA GLY D 262 -31.29 -19.22 0.94
C GLY D 262 -32.11 -19.97 1.96
N GLY D 263 -32.47 -21.23 1.71
CA GLY D 263 -33.27 -21.99 2.67
C GLY D 263 -32.40 -22.68 3.70
N SER D 264 -32.91 -22.72 4.94
CA SER D 264 -32.20 -23.38 6.02
C SER D 264 -33.14 -23.65 7.19
N ASP D 265 -34.37 -24.04 6.89
CA ASP D 265 -35.38 -24.31 7.91
C ASP D 265 -36.58 -24.96 7.23
N ASP D 266 -37.56 -25.35 8.02
CA ASP D 266 -38.76 -26.02 7.54
C ASP D 266 -38.39 -27.27 6.74
N SER D 267 -37.66 -28.16 7.40
CA SER D 267 -37.16 -29.39 6.79
C SER D 267 -38.24 -30.47 6.77
N SER D 268 -39.30 -30.20 6.02
CA SER D 268 -40.39 -31.15 5.86
C SER D 268 -41.21 -30.77 4.63
N LYS D 269 -41.97 -31.75 4.14
CA LYS D 269 -42.86 -31.56 2.99
C LYS D 269 -42.11 -31.46 1.67
N ASP D 270 -40.91 -32.05 1.59
CA ASP D 270 -40.10 -32.01 0.38
C ASP D 270 -39.71 -30.59 0.01
N PRO D 271 -38.59 -30.38 -0.69
CA PRO D 271 -38.25 -29.03 -1.15
C PRO D 271 -39.27 -28.48 -2.13
N ILE D 272 -40.19 -29.32 -2.61
CA ILE D 272 -41.28 -28.83 -3.45
C ILE D 272 -42.00 -27.69 -2.75
N ASP D 273 -42.46 -27.91 -1.52
CA ASP D 273 -43.13 -26.86 -0.77
C ASP D 273 -42.18 -25.70 -0.48
N VAL D 274 -40.91 -26.00 -0.21
CA VAL D 274 -39.95 -24.95 0.10
C VAL D 274 -39.88 -23.94 -1.04
N ASN D 275 -39.50 -24.41 -2.22
CA ASN D 275 -39.35 -23.52 -3.37
C ASN D 275 -40.69 -23.07 -3.94
N TYR D 276 -41.79 -23.72 -3.56
CA TYR D 276 -43.12 -23.23 -3.96
C TYR D 276 -43.51 -22.02 -3.13
N GLU D 277 -43.20 -22.05 -1.84
CA GLU D 277 -43.48 -20.91 -0.98
C GLU D 277 -42.44 -19.81 -1.11
N LYS D 278 -41.27 -20.12 -1.66
CA LYS D 278 -40.27 -19.08 -1.91
C LYS D 278 -40.72 -18.07 -2.95
N LEU D 279 -41.87 -18.28 -3.62
CA LEU D 279 -42.36 -17.35 -4.62
C LEU D 279 -43.44 -16.41 -4.11
N LYS D 280 -44.05 -16.71 -2.96
CA LYS D 280 -45.12 -15.89 -2.41
C LYS D 280 -46.29 -15.76 -3.38
N THR D 281 -46.48 -16.78 -4.22
CA THR D 281 -47.54 -16.78 -5.22
C THR D 281 -48.48 -17.95 -4.98
N ASP D 282 -49.75 -17.74 -5.31
CA ASP D 282 -50.76 -18.80 -5.28
C ASP D 282 -50.89 -19.36 -6.68
N ILE D 283 -50.37 -20.56 -6.90
CA ILE D 283 -50.37 -21.22 -8.21
C ILE D 283 -51.42 -22.31 -8.19
N LYS D 284 -52.30 -22.30 -9.18
CA LYS D 284 -53.37 -23.29 -9.26
C LYS D 284 -53.47 -23.79 -10.69
N VAL D 285 -53.34 -25.11 -10.88
CA VAL D 285 -53.36 -25.70 -12.21
C VAL D 285 -54.77 -25.59 -12.79
N VAL D 286 -54.94 -24.65 -13.72
CA VAL D 286 -56.24 -24.49 -14.37
C VAL D 286 -56.60 -25.78 -15.07
N ASP D 287 -57.80 -26.29 -14.79
CA ASP D 287 -58.25 -27.52 -15.43
C ASP D 287 -58.17 -27.38 -16.94
N ARG D 288 -57.45 -28.31 -17.58
CA ARG D 288 -57.22 -28.23 -19.01
C ARG D 288 -58.53 -28.18 -19.78
N ASP D 289 -59.54 -28.92 -19.32
CA ASP D 289 -60.84 -28.96 -19.98
C ASP D 289 -61.71 -27.76 -19.66
N SER D 290 -61.24 -26.83 -18.83
CA SER D 290 -62.04 -25.68 -18.45
C SER D 290 -62.21 -24.70 -19.62
N GLU D 291 -63.17 -23.79 -19.46
CA GLU D 291 -63.44 -22.80 -20.51
C GLU D 291 -62.24 -21.89 -20.73
N GLU D 292 -61.75 -21.25 -19.65
CA GLU D 292 -60.61 -20.36 -19.77
C GLU D 292 -59.43 -21.07 -20.44
N ALA D 293 -59.23 -22.35 -20.12
CA ALA D 293 -58.17 -23.11 -20.77
C ALA D 293 -58.41 -23.24 -22.26
N GLU D 294 -59.67 -23.49 -22.66
CA GLU D 294 -59.98 -23.60 -24.08
C GLU D 294 -59.72 -22.29 -24.80
N ILE D 295 -60.08 -21.16 -24.17
CA ILE D 295 -59.85 -19.87 -24.79
C ILE D 295 -58.36 -19.59 -24.93
N ILE D 296 -57.58 -19.98 -23.91
CA ILE D 296 -56.13 -19.82 -23.99
C ILE D 296 -55.56 -20.66 -25.12
N ARG D 297 -56.04 -21.90 -25.25
CA ARG D 297 -55.57 -22.76 -26.33
C ARG D 297 -55.89 -22.16 -27.69
N LYS D 298 -57.09 -21.58 -27.83
CA LYS D 298 -57.45 -20.95 -29.10
C LYS D 298 -56.57 -19.73 -29.36
N TYR D 299 -56.29 -18.95 -28.31
CA TYR D 299 -55.36 -17.83 -28.43
C TYR D 299 -54.02 -18.31 -28.99
N VAL D 300 -53.44 -19.33 -28.37
CA VAL D 300 -52.14 -19.83 -28.80
C VAL D 300 -52.21 -20.34 -30.23
N LYS D 301 -53.27 -21.07 -30.56
CA LYS D 301 -53.42 -21.62 -31.91
C LYS D 301 -53.44 -20.51 -32.94
N ASN D 302 -54.35 -19.54 -32.78
CA ASN D 302 -54.52 -18.51 -33.79
C ASN D 302 -53.28 -17.62 -33.90
N THR D 303 -52.72 -17.20 -32.77
CA THR D 303 -51.64 -16.23 -32.77
C THR D 303 -50.26 -16.86 -32.97
N HIS D 304 -50.19 -18.16 -33.25
CA HIS D 304 -48.91 -18.82 -33.52
C HIS D 304 -48.63 -18.68 -35.01
N ALA D 305 -47.86 -17.65 -35.37
CA ALA D 305 -47.45 -17.44 -36.75
C ALA D 305 -46.19 -18.26 -37.01
N THR D 306 -46.35 -19.39 -37.69
CA THR D 306 -45.20 -20.22 -38.04
C THR D 306 -44.19 -19.44 -38.86
N THR D 307 -44.64 -18.41 -39.58
CA THR D 307 -43.72 -17.52 -40.26
C THR D 307 -42.77 -16.91 -39.25
N HIS D 308 -41.48 -16.98 -39.54
CA HIS D 308 -40.42 -16.51 -38.67
C HIS D 308 -40.32 -17.35 -37.40
N ASN D 309 -40.98 -18.50 -37.36
CA ASN D 309 -40.99 -19.37 -36.18
C ASN D 309 -40.97 -20.83 -36.66
N ALA D 310 -39.77 -21.39 -36.73
CA ALA D 310 -39.58 -22.76 -37.21
C ALA D 310 -39.80 -23.77 -36.08
N TYR D 311 -41.01 -23.70 -35.52
CA TYR D 311 -41.36 -24.60 -34.43
C TYR D 311 -42.84 -24.50 -34.08
N ASP D 312 -43.51 -25.65 -33.95
CA ASP D 312 -44.89 -25.64 -33.49
C ASP D 312 -44.93 -25.57 -31.96
N LEU D 313 -46.08 -25.18 -31.44
CA LEU D 313 -46.29 -25.00 -30.01
C LEU D 313 -47.42 -25.90 -29.54
N GLU D 314 -47.19 -26.60 -28.43
CA GLU D 314 -48.19 -27.44 -27.80
C GLU D 314 -48.42 -26.99 -26.37
N VAL D 315 -49.68 -26.79 -25.99
CA VAL D 315 -50.04 -26.28 -24.68
C VAL D 315 -50.04 -27.46 -23.71
N ILE D 316 -48.99 -27.58 -22.88
CA ILE D 316 -48.91 -28.69 -21.94
C ILE D 316 -49.81 -28.40 -20.75
N ASP D 317 -49.48 -27.37 -19.98
CA ASP D 317 -50.13 -27.08 -18.71
C ASP D 317 -50.52 -25.62 -18.63
N ILE D 318 -51.58 -25.35 -17.86
CA ILE D 318 -52.04 -24.00 -17.57
C ILE D 318 -51.94 -23.79 -16.06
N PHE D 319 -51.61 -22.57 -15.65
CA PHE D 319 -51.49 -22.24 -14.23
C PHE D 319 -52.03 -20.83 -14.01
N LYS D 320 -53.18 -20.74 -13.34
CA LYS D 320 -53.66 -19.45 -12.87
C LYS D 320 -52.86 -19.06 -11.63
N ILE D 321 -52.16 -17.94 -11.72
CA ILE D 321 -51.28 -17.47 -10.66
C ILE D 321 -51.85 -16.18 -10.10
N GLU D 322 -51.93 -16.11 -8.78
CA GLU D 322 -52.25 -14.88 -8.05
C GLU D 322 -50.99 -14.51 -7.26
N ARG D 323 -50.28 -13.49 -7.73
CA ARG D 323 -49.07 -13.06 -7.06
C ARG D 323 -49.44 -12.24 -5.83
N GLU D 324 -48.74 -12.50 -4.72
CA GLU D 324 -49.01 -11.78 -3.49
C GLU D 324 -48.73 -10.30 -3.67
N GLY D 325 -49.70 -9.47 -3.29
CA GLY D 325 -49.58 -8.03 -3.36
C GLY D 325 -49.92 -7.44 -4.71
N GLU D 326 -49.47 -8.07 -5.80
CA GLU D 326 -49.75 -7.55 -7.13
C GLU D 326 -51.24 -7.42 -7.37
N CYS D 327 -52.04 -8.29 -6.73
CA CYS D 327 -53.49 -8.22 -6.92
C CYS D 327 -54.05 -6.88 -6.43
N GLN D 328 -53.57 -6.39 -5.29
CA GLN D 328 -54.11 -5.16 -4.74
C GLN D 328 -53.51 -3.92 -5.41
N ARG D 329 -52.22 -3.98 -5.76
CA ARG D 329 -51.59 -2.84 -6.43
C ARG D 329 -52.13 -2.63 -7.84
N TYR D 330 -52.80 -3.64 -8.41
CA TYR D 330 -53.44 -3.50 -9.71
C TYR D 330 -54.86 -2.94 -9.62
N LYS D 331 -55.44 -2.87 -8.41
CA LYS D 331 -56.80 -2.35 -8.28
C LYS D 331 -56.93 -0.92 -8.79
N PRO D 332 -55.99 0.00 -8.57
CA PRO D 332 -56.13 1.35 -9.12
C PRO D 332 -56.47 1.38 -10.60
N PHE D 333 -55.99 0.40 -11.37
CA PHE D 333 -56.27 0.34 -12.79
C PHE D 333 -57.30 -0.72 -13.14
N LYS D 334 -57.91 -1.35 -12.15
CA LYS D 334 -58.92 -2.37 -12.43
C LYS D 334 -60.07 -1.79 -13.24
N GLN D 335 -60.42 -0.54 -12.96
CA GLN D 335 -61.51 0.13 -13.67
C GLN D 335 -61.03 0.85 -14.92
N LEU D 336 -59.73 1.10 -15.04
CA LEU D 336 -59.18 1.70 -16.25
C LEU D 336 -59.55 0.85 -17.46
N HIS D 337 -60.21 1.47 -18.43
CA HIS D 337 -60.68 0.76 -19.60
C HIS D 337 -59.49 0.27 -20.44
N ASN D 338 -59.81 -0.54 -21.46
CA ASN D 338 -58.82 -1.03 -22.41
C ASN D 338 -57.80 -1.96 -21.74
N ARG D 339 -58.28 -2.80 -20.83
CA ARG D 339 -57.46 -3.86 -20.27
C ARG D 339 -57.37 -5.02 -21.25
N ARG D 340 -56.19 -5.65 -21.33
CA ARG D 340 -55.99 -6.72 -22.28
C ARG D 340 -55.08 -7.80 -21.69
N LEU D 341 -55.27 -9.02 -22.16
CA LEU D 341 -54.43 -10.15 -21.79
C LEU D 341 -53.35 -10.31 -22.85
N LEU D 342 -52.10 -10.25 -22.43
CA LEU D 342 -50.97 -10.25 -23.36
C LEU D 342 -49.93 -11.27 -22.96
N TRP D 343 -49.04 -11.55 -23.92
CA TRP D 343 -47.96 -12.50 -23.74
C TRP D 343 -46.70 -11.77 -23.27
N HIS D 344 -46.04 -12.33 -22.26
CA HIS D 344 -44.69 -11.93 -21.90
C HIS D 344 -43.85 -13.19 -21.76
N GLY D 345 -42.74 -13.24 -22.48
CA GLY D 345 -41.91 -14.43 -22.47
C GLY D 345 -40.44 -14.13 -22.36
N SER D 346 -39.78 -14.78 -21.40
CA SER D 346 -38.34 -14.70 -21.25
C SER D 346 -37.83 -16.10 -20.97
N ARG D 347 -36.52 -16.22 -20.77
CA ARG D 347 -35.93 -17.52 -20.49
C ARG D 347 -36.58 -18.12 -19.26
N THR D 348 -36.86 -19.42 -19.32
CA THR D 348 -37.49 -20.09 -18.19
C THR D 348 -36.67 -19.92 -16.91
N THR D 349 -35.35 -19.79 -17.04
CA THR D 349 -34.49 -19.63 -15.88
C THR D 349 -34.94 -18.47 -15.00
N ASN D 350 -35.38 -17.38 -15.62
CA ASN D 350 -35.78 -16.20 -14.86
C ASN D 350 -37.18 -16.33 -14.26
N PHE D 351 -38.01 -17.23 -14.80
CA PHE D 351 -39.41 -17.25 -14.41
C PHE D 351 -39.58 -17.34 -12.91
N ALA D 352 -38.73 -18.12 -12.23
CA ALA D 352 -38.81 -18.21 -10.78
C ALA D 352 -38.81 -16.82 -10.18
N GLY D 353 -37.75 -16.04 -10.42
CA GLY D 353 -37.70 -14.69 -9.89
C GLY D 353 -38.86 -13.85 -10.39
N ILE D 354 -39.26 -14.03 -11.65
CA ILE D 354 -40.35 -13.24 -12.21
C ILE D 354 -41.63 -13.52 -11.44
N LEU D 355 -41.78 -14.72 -10.89
CA LEU D 355 -42.94 -15.00 -10.05
C LEU D 355 -42.74 -14.52 -8.62
N SER D 356 -41.49 -14.49 -8.16
CA SER D 356 -41.22 -14.12 -6.77
C SER D 356 -41.37 -12.62 -6.56
N GLN D 357 -40.94 -11.82 -7.53
CA GLN D 357 -40.94 -10.37 -7.41
C GLN D 357 -41.94 -9.67 -8.33
N GLY D 358 -42.59 -10.40 -9.23
CA GLY D 358 -43.46 -9.78 -10.22
C GLY D 358 -42.65 -9.17 -11.35
N LEU D 359 -43.36 -8.85 -12.43
CA LEU D 359 -42.69 -8.29 -13.60
C LEU D 359 -42.03 -6.97 -13.25
N ARG D 360 -40.77 -6.83 -13.64
CA ARG D 360 -39.96 -5.68 -13.28
C ARG D 360 -39.64 -4.86 -14.52
N ILE D 361 -39.18 -3.63 -14.28
CA ILE D 361 -38.72 -2.75 -15.34
C ILE D 361 -37.21 -2.60 -15.20
N ALA D 362 -36.55 -2.35 -16.33
CA ALA D 362 -35.11 -2.15 -16.32
C ALA D 362 -34.75 -1.08 -15.29
N PRO D 363 -33.60 -1.16 -14.65
CA PRO D 363 -33.26 -0.17 -13.64
C PRO D 363 -32.98 1.19 -14.26
N PRO D 364 -33.14 2.28 -13.51
CA PRO D 364 -32.92 3.61 -14.11
C PRO D 364 -31.52 3.81 -14.66
N GLU D 365 -30.53 3.09 -14.13
CA GLU D 365 -29.14 3.28 -14.56
C GLU D 365 -28.75 2.43 -15.77
N ALA D 366 -29.62 1.51 -16.19
CA ALA D 366 -29.37 0.74 -17.40
C ALA D 366 -29.58 1.62 -18.63
N PRO D 367 -28.95 1.28 -19.76
CA PRO D 367 -29.09 2.13 -20.95
C PRO D 367 -30.48 2.02 -21.55
N VAL D 368 -30.94 3.15 -22.10
CA VAL D 368 -32.30 3.24 -22.64
C VAL D 368 -32.34 3.19 -24.17
N THR D 369 -31.19 3.32 -24.85
CA THR D 369 -31.20 3.32 -26.30
C THR D 369 -31.42 1.92 -26.86
N GLY D 370 -30.98 0.89 -26.14
CA GLY D 370 -31.19 -0.47 -26.62
C GLY D 370 -32.65 -0.85 -26.70
N TYR D 371 -33.45 -0.37 -25.74
CA TYR D 371 -34.88 -0.69 -25.71
C TYR D 371 -35.60 -0.02 -26.88
N MET D 372 -36.34 -0.82 -27.64
CA MET D 372 -37.04 -0.33 -28.82
C MET D 372 -37.86 0.91 -28.50
N PHE D 373 -38.60 0.87 -27.40
CA PHE D 373 -39.46 1.97 -26.97
C PHE D 373 -39.15 2.36 -25.53
N GLY D 374 -37.87 2.30 -25.16
CA GLY D 374 -37.47 2.67 -23.82
C GLY D 374 -37.83 1.60 -22.81
N LYS D 375 -37.43 1.86 -21.57
CA LYS D 375 -37.67 0.91 -20.49
C LYS D 375 -39.14 0.84 -20.15
N GLY D 376 -39.55 -0.33 -19.69
CA GLY D 376 -40.93 -0.59 -19.32
C GLY D 376 -41.30 -2.02 -19.63
N ILE D 377 -42.42 -2.45 -19.05
CA ILE D 377 -42.90 -3.80 -19.31
C ILE D 377 -43.25 -3.93 -20.78
N TYR D 378 -42.71 -4.95 -21.43
CA TYR D 378 -43.04 -5.25 -22.81
C TYR D 378 -44.07 -6.37 -22.87
N PHE D 379 -44.85 -6.35 -23.94
CA PHE D 379 -45.88 -7.36 -24.14
C PHE D 379 -46.02 -7.63 -25.63
N ALA D 380 -46.79 -8.67 -25.95
CA ALA D 380 -47.04 -9.02 -27.33
C ALA D 380 -48.43 -9.63 -27.46
N ASP D 381 -49.17 -9.20 -28.48
CA ASP D 381 -50.42 -9.82 -28.82
C ASP D 381 -50.24 -11.06 -29.70
N MET D 382 -49.05 -11.27 -30.24
CA MET D 382 -48.71 -12.45 -31.02
C MET D 382 -47.79 -13.33 -30.17
N VAL D 383 -48.28 -14.51 -29.82
CA VAL D 383 -47.50 -15.40 -28.95
C VAL D 383 -46.17 -15.74 -29.57
N SER D 384 -46.07 -15.69 -30.91
CA SER D 384 -44.81 -16.02 -31.57
C SER D 384 -43.69 -15.09 -31.12
N LYS D 385 -43.92 -13.78 -31.17
CA LYS D 385 -42.86 -12.83 -30.83
C LYS D 385 -42.42 -12.99 -29.39
N SER D 386 -43.37 -13.05 -28.46
CA SER D 386 -43.02 -13.20 -27.05
C SER D 386 -42.30 -14.52 -26.80
N ALA D 387 -42.68 -15.58 -27.53
CA ALA D 387 -42.02 -16.86 -27.35
C ALA D 387 -40.60 -16.84 -27.87
N ASN D 388 -40.34 -16.10 -28.96
CA ASN D 388 -38.98 -16.00 -29.47
C ASN D 388 -37.97 -15.59 -28.40
N TYR D 389 -38.44 -14.95 -27.32
CA TYR D 389 -37.55 -14.51 -26.27
C TYR D 389 -37.27 -15.60 -25.23
N CYS D 390 -38.04 -16.68 -25.22
CA CYS D 390 -37.74 -17.79 -24.31
C CYS D 390 -36.42 -18.47 -24.65
N HIS D 391 -35.93 -18.30 -25.88
CA HIS D 391 -34.65 -18.85 -26.28
C HIS D 391 -34.55 -20.35 -26.01
N THR D 392 -35.69 -21.05 -26.11
CA THR D 392 -35.69 -22.49 -25.95
C THR D 392 -34.91 -23.12 -27.10
N SER D 393 -33.90 -23.92 -26.76
CA SER D 393 -33.05 -24.54 -27.76
C SER D 393 -33.60 -25.90 -28.17
N GLN D 394 -32.98 -26.47 -29.21
CA GLN D 394 -33.36 -27.80 -29.65
C GLN D 394 -33.32 -28.80 -28.50
N GLY D 395 -32.31 -28.68 -27.63
CA GLY D 395 -32.20 -29.56 -26.48
C GLY D 395 -33.14 -29.22 -25.34
N ASP D 396 -33.86 -28.11 -25.43
CA ASP D 396 -34.83 -27.71 -24.42
C ASP D 396 -36.16 -27.42 -25.10
N PRO D 397 -36.89 -28.47 -25.53
CA PRO D 397 -38.16 -28.24 -26.23
C PRO D 397 -39.25 -27.65 -25.35
N ILE D 398 -39.06 -27.59 -24.03
CA ILE D 398 -40.05 -27.04 -23.12
C ILE D 398 -39.72 -25.58 -22.85
N GLY D 399 -40.75 -24.72 -22.91
CA GLY D 399 -40.57 -23.33 -22.61
C GLY D 399 -41.70 -22.81 -21.73
N LEU D 400 -41.51 -21.60 -21.23
CA LEU D 400 -42.49 -20.94 -20.39
C LEU D 400 -42.84 -19.57 -20.94
N ILE D 401 -44.08 -19.15 -20.69
CA ILE D 401 -44.57 -17.85 -21.12
C ILE D 401 -45.72 -17.47 -20.19
N LEU D 402 -45.98 -16.17 -20.08
CA LEU D 402 -46.93 -15.64 -19.11
C LEU D 402 -48.04 -14.87 -19.81
N LEU D 403 -49.27 -15.09 -19.36
CA LEU D 403 -50.41 -14.28 -19.75
C LEU D 403 -50.65 -13.24 -18.67
N GLY D 404 -50.78 -11.98 -19.08
CA GLY D 404 -50.89 -10.89 -18.14
C GLY D 404 -52.03 -9.95 -18.45
N GLU D 405 -52.85 -9.65 -17.44
CA GLU D 405 -53.92 -8.67 -17.55
C GLU D 405 -53.32 -7.30 -17.32
N VAL D 406 -52.86 -6.67 -18.40
CA VAL D 406 -52.25 -5.35 -18.33
C VAL D 406 -53.30 -4.34 -18.77
N ALA D 407 -53.47 -3.28 -17.97
CA ALA D 407 -54.52 -2.30 -18.22
C ALA D 407 -54.00 -1.14 -19.08
N LEU D 408 -53.59 -1.50 -20.30
CA LEU D 408 -53.20 -0.52 -21.31
C LEU D 408 -54.22 0.59 -21.39
N GLY D 409 -54.04 1.66 -20.61
CA GLY D 409 -54.96 2.76 -20.60
C GLY D 409 -55.28 3.29 -21.97
N ASN D 410 -54.34 4.02 -22.56
CA ASN D 410 -54.52 4.63 -23.88
C ASN D 410 -53.24 4.39 -24.67
N MET D 411 -53.37 3.76 -25.83
CA MET D 411 -52.21 3.34 -26.63
C MET D 411 -51.75 4.51 -27.48
N TYR D 412 -50.66 5.14 -27.05
CA TYR D 412 -49.94 6.12 -27.87
C TYR D 412 -49.13 5.34 -28.89
N GLU D 413 -49.66 5.22 -30.10
CA GLU D 413 -49.11 4.35 -31.12
C GLU D 413 -47.86 4.95 -31.75
N LEU D 414 -46.93 4.07 -32.12
CA LEU D 414 -45.67 4.45 -32.74
C LEU D 414 -45.35 3.41 -33.81
N LYS D 415 -45.30 3.84 -35.07
CA LYS D 415 -44.93 2.90 -36.14
C LYS D 415 -43.42 2.64 -36.10
N HIS D 416 -42.62 3.64 -36.48
CA HIS D 416 -41.17 3.47 -36.45
C HIS D 416 -40.67 3.48 -35.01
N ALA D 417 -39.54 2.80 -34.79
CA ALA D 417 -38.95 2.76 -33.47
C ALA D 417 -38.68 4.18 -32.97
N SER D 418 -38.76 4.34 -31.66
CA SER D 418 -38.52 5.65 -31.05
C SER D 418 -38.33 5.53 -29.55
N HIS D 419 -37.12 5.76 -29.07
CA HIS D 419 -36.90 5.85 -27.63
C HIS D 419 -37.54 7.11 -27.08
N ILE D 420 -38.19 6.98 -25.93
CA ILE D 420 -39.00 8.05 -25.35
C ILE D 420 -38.76 8.11 -23.85
N SER D 421 -39.24 9.19 -23.24
CA SER D 421 -39.15 9.37 -21.80
C SER D 421 -40.45 9.88 -21.21
N LYS D 422 -41.11 10.82 -21.89
CA LYS D 422 -42.30 11.47 -21.39
C LYS D 422 -43.54 10.78 -21.93
N LEU D 423 -44.36 10.23 -21.03
CA LEU D 423 -45.66 9.73 -21.42
C LEU D 423 -46.51 10.91 -21.90
N PRO D 424 -47.06 10.87 -23.11
CA PRO D 424 -47.91 11.98 -23.56
C PRO D 424 -49.08 12.21 -22.62
N LYS D 425 -49.71 13.38 -22.78
CA LYS D 425 -50.78 13.79 -21.89
C LYS D 425 -51.98 12.88 -22.07
N GLY D 426 -52.38 12.20 -21.00
CA GLY D 426 -53.52 11.32 -21.08
C GLY D 426 -53.25 10.03 -21.83
N LYS D 427 -52.02 9.54 -21.81
CA LYS D 427 -51.65 8.29 -22.46
C LYS D 427 -50.91 7.41 -21.47
N HIS D 428 -51.31 6.13 -21.41
CA HIS D 428 -50.79 5.19 -20.43
C HIS D 428 -49.87 4.13 -21.00
N SER D 429 -49.78 3.99 -22.32
CA SER D 429 -49.04 2.88 -22.90
C SER D 429 -48.65 3.19 -24.34
N VAL D 430 -47.62 2.47 -24.80
CA VAL D 430 -47.11 2.58 -26.17
C VAL D 430 -47.49 1.31 -26.94
N LYS D 431 -47.75 1.48 -28.23
CA LYS D 431 -48.08 0.38 -29.13
C LYS D 431 -47.25 0.49 -30.41
N GLY D 432 -46.21 -0.33 -30.50
CA GLY D 432 -45.50 -0.48 -31.76
C GLY D 432 -46.34 -1.29 -32.73
N LEU D 433 -46.63 -0.72 -33.89
CA LEU D 433 -47.54 -1.32 -34.86
C LEU D 433 -46.77 -2.09 -35.94
N GLY D 434 -47.11 -3.36 -36.10
CA GLY D 434 -46.57 -4.17 -37.17
C GLY D 434 -47.65 -4.54 -38.17
N LYS D 435 -47.28 -4.87 -39.42
CA LYS D 435 -48.29 -5.19 -40.42
C LYS D 435 -49.13 -6.38 -40.02
N THR D 436 -48.59 -7.29 -39.22
CA THR D 436 -49.29 -8.49 -38.81
C THR D 436 -49.93 -8.26 -37.45
N THR D 437 -51.24 -8.48 -37.36
CA THR D 437 -51.95 -8.30 -36.10
C THR D 437 -52.95 -9.41 -35.93
N PRO D 438 -53.38 -9.70 -34.70
CA PRO D 438 -54.49 -10.62 -34.52
C PRO D 438 -55.77 -10.03 -35.09
N ASP D 439 -56.58 -10.89 -35.69
CA ASP D 439 -57.85 -10.46 -36.28
C ASP D 439 -58.63 -9.64 -35.26
N PRO D 440 -58.81 -8.33 -35.49
CA PRO D 440 -59.54 -7.54 -34.50
C PRO D 440 -60.96 -8.03 -34.28
N SER D 441 -61.63 -8.48 -35.34
CA SER D 441 -62.97 -9.05 -35.18
C SER D 441 -62.94 -10.22 -34.20
N ALA D 442 -61.90 -11.04 -34.28
CA ALA D 442 -61.76 -12.20 -33.39
C ALA D 442 -61.14 -11.73 -32.09
N ASN D 443 -61.99 -11.33 -31.14
CA ASN D 443 -61.58 -10.95 -29.81
C ASN D 443 -62.70 -11.31 -28.85
N ILE D 444 -62.36 -11.45 -27.57
CA ILE D 444 -63.37 -11.83 -26.58
C ILE D 444 -63.13 -11.11 -25.26
N SER D 445 -64.21 -10.77 -24.56
CA SER D 445 -64.14 -10.05 -23.29
C SER D 445 -64.22 -11.07 -22.15
N LEU D 446 -63.05 -11.57 -21.74
CA LEU D 446 -62.96 -12.45 -20.58
C LEU D 446 -62.74 -11.59 -19.33
N ASP D 447 -63.70 -11.63 -18.41
CA ASP D 447 -63.65 -10.80 -17.21
C ASP D 447 -63.57 -9.33 -17.57
N GLY D 448 -64.21 -8.93 -18.66
CA GLY D 448 -64.12 -7.55 -19.11
C GLY D 448 -62.77 -7.17 -19.66
N VAL D 449 -61.94 -8.15 -19.98
CA VAL D 449 -60.59 -7.94 -20.49
C VAL D 449 -60.55 -8.46 -21.92
N ASP D 450 -60.04 -7.64 -22.83
CA ASP D 450 -60.04 -7.98 -24.25
C ASP D 450 -58.92 -8.97 -24.53
N VAL D 451 -59.27 -10.11 -25.10
CA VAL D 451 -58.32 -11.14 -25.53
C VAL D 451 -58.31 -11.14 -27.05
N PRO D 452 -57.15 -10.84 -27.69
CA PRO D 452 -57.06 -10.78 -29.16
C PRO D 452 -56.63 -12.10 -29.79
N LEU D 453 -57.49 -13.12 -29.67
CA LEU D 453 -57.17 -14.46 -30.15
C LEU D 453 -57.48 -14.64 -31.63
N GLY D 454 -57.32 -13.60 -32.45
CA GLY D 454 -57.54 -13.72 -33.87
C GLY D 454 -56.32 -14.23 -34.62
N THR D 455 -56.54 -14.65 -35.86
CA THR D 455 -55.45 -15.09 -36.70
C THR D 455 -54.75 -13.90 -37.34
N GLY D 456 -53.51 -14.13 -37.76
CA GLY D 456 -52.68 -13.11 -38.36
C GLY D 456 -53.26 -12.47 -39.62
N ILE D 457 -53.73 -11.23 -39.48
CA ILE D 457 -54.28 -10.46 -40.59
C ILE D 457 -53.34 -9.29 -40.88
N SER D 458 -53.47 -8.76 -42.09
CA SER D 458 -52.69 -7.63 -42.58
C SER D 458 -53.36 -6.34 -42.10
N SER D 459 -52.82 -5.76 -41.02
CA SER D 459 -53.39 -4.54 -40.46
C SER D 459 -53.42 -3.38 -41.45
N GLY D 460 -52.70 -3.47 -42.56
CA GLY D 460 -52.61 -2.36 -43.49
C GLY D 460 -51.66 -1.26 -43.04
N VAL D 461 -51.25 -1.27 -41.78
CA VAL D 461 -50.30 -0.28 -41.27
C VAL D 461 -49.06 -0.31 -42.14
N ASN D 462 -48.78 0.79 -42.82
CA ASN D 462 -47.62 0.91 -43.69
C ASN D 462 -46.64 1.94 -43.15
N ASP D 463 -45.44 1.92 -43.72
CA ASP D 463 -44.37 2.81 -43.28
C ASP D 463 -44.03 2.54 -41.82
N THR D 464 -43.95 1.25 -41.45
CA THR D 464 -43.67 0.83 -40.09
C THR D 464 -42.41 -0.01 -40.05
N SER D 465 -41.89 -0.20 -38.83
CA SER D 465 -40.69 -1.00 -38.61
C SER D 465 -40.99 -2.36 -38.00
N LEU D 466 -42.02 -2.48 -37.17
CA LEU D 466 -42.30 -3.73 -36.49
C LEU D 466 -42.95 -4.74 -37.41
N LEU D 467 -42.72 -6.01 -37.12
CA LEU D 467 -43.43 -7.11 -37.79
C LEU D 467 -44.71 -7.40 -37.02
N TYR D 468 -44.58 -7.89 -35.79
CA TYR D 468 -45.70 -8.11 -34.90
C TYR D 468 -45.78 -6.98 -33.89
N ASN D 469 -46.98 -6.72 -33.40
CA ASN D 469 -47.20 -5.57 -32.53
C ASN D 469 -46.50 -5.75 -31.19
N GLU D 470 -46.02 -4.64 -30.65
CA GLU D 470 -45.45 -4.59 -29.30
C GLU D 470 -46.34 -3.72 -28.42
N TYR D 471 -46.76 -4.25 -27.28
CA TYR D 471 -47.53 -3.49 -26.31
C TYR D 471 -46.64 -3.23 -25.10
N ILE D 472 -46.58 -1.98 -24.66
CA ILE D 472 -45.65 -1.57 -23.60
C ILE D 472 -46.37 -0.66 -22.63
N VAL D 473 -46.20 -0.92 -21.34
CA VAL D 473 -46.61 -0.01 -20.29
C VAL D 473 -45.37 0.51 -19.58
N TYR D 474 -45.57 1.47 -18.68
CA TYR D 474 -44.47 2.11 -17.95
C TYR D 474 -44.78 2.22 -16.47
N ASP D 475 -45.50 1.24 -15.93
CA ASP D 475 -45.84 1.21 -14.51
C ASP D 475 -45.99 -0.25 -14.10
N ILE D 476 -45.14 -0.71 -13.19
CA ILE D 476 -45.14 -2.11 -12.79
C ILE D 476 -46.46 -2.53 -12.15
N ALA D 477 -47.21 -1.58 -11.60
CA ALA D 477 -48.51 -1.91 -11.03
C ALA D 477 -49.60 -2.03 -12.08
N GLN D 478 -49.36 -1.50 -13.28
CA GLN D 478 -50.34 -1.58 -14.36
C GLN D 478 -50.56 -3.02 -14.84
N VAL D 479 -49.66 -3.93 -14.49
CA VAL D 479 -49.71 -5.31 -14.95
C VAL D 479 -50.25 -6.20 -13.83
N ASN D 480 -50.85 -7.32 -14.22
CA ASN D 480 -51.35 -8.31 -13.26
C ASN D 480 -51.26 -9.68 -13.94
N LEU D 481 -50.21 -10.43 -13.59
CA LEU D 481 -49.98 -11.74 -14.19
C LEU D 481 -51.09 -12.70 -13.81
N LYS D 482 -51.84 -13.18 -14.80
CA LYS D 482 -53.01 -14.01 -14.54
C LYS D 482 -52.75 -15.49 -14.76
N TYR D 483 -52.08 -15.87 -15.85
CA TYR D 483 -51.86 -17.26 -16.16
C TYR D 483 -50.41 -17.49 -16.59
N LEU D 484 -49.91 -18.70 -16.32
CA LEU D 484 -48.58 -19.12 -16.72
C LEU D 484 -48.74 -20.40 -17.52
N LEU D 485 -48.22 -20.40 -18.74
CA LEU D 485 -48.40 -21.49 -19.68
C LEU D 485 -47.11 -22.29 -19.81
N LYS D 486 -47.18 -23.58 -19.49
CA LYS D 486 -46.11 -24.49 -19.86
C LYS D 486 -46.31 -24.89 -21.31
N LEU D 487 -45.33 -24.58 -22.15
CA LEU D 487 -45.43 -24.80 -23.58
C LEU D 487 -44.36 -25.77 -24.02
N LYS D 488 -44.65 -26.48 -25.11
CA LYS D 488 -43.73 -27.44 -25.70
C LYS D 488 -43.41 -26.95 -27.10
N PHE D 489 -42.13 -26.65 -27.33
CA PHE D 489 -41.67 -26.13 -28.61
C PHE D 489 -41.27 -27.32 -29.48
N ASN D 490 -42.28 -27.92 -30.10
CA ASN D 490 -42.06 -29.02 -31.01
C ASN D 490 -41.39 -28.48 -32.28
N PHE D 491 -40.06 -28.43 -32.26
CA PHE D 491 -39.34 -27.94 -33.43
C PHE D 491 -39.58 -28.88 -34.60
N LYS D 492 -40.03 -28.33 -35.72
CA LYS D 492 -40.38 -29.14 -36.88
C LYS D 492 -39.12 -29.71 -37.52
N THR D 493 -38.50 -30.68 -36.84
CA THR D 493 -37.28 -31.32 -37.28
C THR D 493 -37.58 -32.71 -37.85
N SER D 494 -36.52 -33.47 -38.14
CA SER D 494 -36.68 -34.78 -38.74
C SER D 494 -37.66 -35.66 -37.97
N LEU D 495 -37.64 -35.58 -36.64
CA LEU D 495 -38.59 -36.34 -35.82
C LEU D 495 -40.03 -35.96 -36.16
N TRP D 496 -40.37 -34.69 -35.93
CA TRP D 496 -41.70 -34.22 -36.29
C TRP D 496 -41.99 -34.44 -37.77
N LEU D 497 -40.95 -34.39 -38.61
CA LEU D 497 -41.15 -34.60 -40.04
C LEU D 497 -41.62 -36.02 -40.33
N GLU D 498 -41.01 -37.01 -39.66
CA GLU D 498 -41.50 -38.38 -39.80
C GLU D 498 -42.91 -38.52 -39.24
N HIS D 499 -43.18 -37.85 -38.13
CA HIS D 499 -44.53 -37.92 -37.54
C HIS D 499 -45.57 -37.19 -38.39
N HIS D 500 -45.16 -36.38 -39.36
CA HIS D 500 -46.07 -35.55 -40.13
C HIS D 500 -46.33 -36.09 -41.54
N HIS D 501 -45.95 -37.33 -41.82
CA HIS D 501 -46.15 -37.90 -43.15
C HIS D 501 -46.47 -39.38 -43.04
N HIS D 502 -47.35 -39.75 -42.10
CA HIS D 502 -47.80 -41.12 -41.97
C HIS D 502 -48.89 -41.24 -40.92
N ALA E 15 -6.57 16.78 17.28
CA ALA E 15 -5.15 17.01 17.47
C ALA E 15 -4.84 18.50 17.43
N ALA E 16 -3.55 18.83 17.50
CA ALA E 16 -3.10 20.22 17.60
C ALA E 16 -2.82 20.77 16.20
N VAL E 17 -2.18 21.94 16.15
CA VAL E 17 -1.80 22.59 14.90
C VAL E 17 -0.46 23.29 15.13
N ASP E 18 0.55 22.92 14.35
CA ASP E 18 1.88 23.46 14.56
C ASP E 18 1.85 24.99 14.42
N PRO E 19 2.56 25.72 15.28
CA PRO E 19 2.47 27.19 15.22
C PRO E 19 3.28 27.82 14.10
N ASP E 20 4.33 27.16 13.61
CA ASP E 20 5.12 27.73 12.52
C ASP E 20 4.25 28.04 11.31
N SER E 21 3.09 27.40 11.18
CA SER E 21 2.12 27.78 10.16
C SER E 21 1.33 29.01 10.59
N GLY E 22 1.08 29.17 11.89
CA GLY E 22 0.36 30.33 12.39
C GLY E 22 -1.13 30.30 12.18
N LEU E 23 -1.70 29.15 11.81
CA LEU E 23 -3.12 29.04 11.50
C LEU E 23 -3.91 28.35 12.61
N GLU E 24 -3.33 28.21 13.81
CA GLU E 24 -4.06 27.59 14.90
C GLU E 24 -5.39 28.28 15.16
N HIS E 25 -5.43 29.60 15.02
CA HIS E 25 -6.68 30.36 15.17
C HIS E 25 -7.47 30.46 13.87
N SER E 26 -6.85 30.16 12.73
CA SER E 26 -7.49 30.29 11.43
C SER E 26 -7.82 28.96 10.78
N ALA E 27 -7.28 27.86 11.27
CA ALA E 27 -7.50 26.55 10.65
C ALA E 27 -7.22 25.46 11.67
N HIS E 28 -7.84 24.30 11.44
CA HIS E 28 -7.68 23.14 12.29
C HIS E 28 -7.22 21.94 11.46
N VAL E 29 -6.68 20.94 12.14
CA VAL E 29 -6.19 19.75 11.46
C VAL E 29 -7.37 18.89 10.99
N LEU E 30 -7.15 18.14 9.92
CA LEU E 30 -8.18 17.37 9.25
C LEU E 30 -8.30 15.97 9.85
N GLU E 31 -9.48 15.37 9.66
CA GLU E 31 -9.74 14.00 10.09
C GLU E 31 -10.61 13.32 9.04
N LYS E 32 -10.14 12.17 8.56
CA LYS E 32 -10.90 11.37 7.60
C LYS E 32 -10.65 9.89 7.87
N GLY E 33 -11.66 9.07 7.55
CA GLY E 33 -11.55 7.63 7.72
C GLY E 33 -11.13 7.23 9.12
N GLY E 34 -11.46 8.07 10.10
CA GLY E 34 -11.08 7.85 11.48
C GLY E 34 -9.70 8.38 11.82
N LYS E 35 -8.76 8.27 10.89
CA LYS E 35 -7.41 8.76 11.11
C LYS E 35 -7.36 10.28 11.06
N VAL E 36 -6.25 10.83 11.56
CA VAL E 36 -6.02 12.26 11.62
C VAL E 36 -4.69 12.56 10.93
N PHE E 37 -4.63 13.72 10.28
CA PHE E 37 -3.53 14.05 9.37
C PHE E 37 -2.54 14.96 10.09
N SER E 38 -1.74 14.33 10.96
CA SER E 38 -0.66 15.04 11.64
C SER E 38 0.39 13.99 12.03
N ALA E 39 1.37 13.78 11.15
CA ALA E 39 2.43 12.82 11.40
C ALA E 39 3.60 13.53 12.06
N THR E 40 4.20 12.88 13.06
CA THR E 40 5.35 13.41 13.80
C THR E 40 6.44 12.34 13.71
N LEU E 41 7.13 12.30 12.58
CA LEU E 41 8.14 11.30 12.33
C LEU E 41 9.46 11.69 12.99
N GLY E 42 10.17 10.70 13.54
CA GLY E 42 11.47 10.91 14.12
C GLY E 42 12.51 10.13 13.34
N LEU E 43 13.77 10.45 13.58
CA LEU E 43 14.86 9.75 12.91
C LEU E 43 16.14 9.93 13.71
N VAL E 44 16.67 8.84 14.25
CA VAL E 44 17.89 8.90 15.05
C VAL E 44 18.89 7.92 14.46
N ASP E 45 20.09 8.41 14.18
CA ASP E 45 21.20 7.62 13.65
C ASP E 45 22.42 8.04 14.47
N ILE E 46 22.69 7.29 15.54
CA ILE E 46 23.80 7.63 16.43
C ILE E 46 25.14 7.42 15.75
N VAL E 47 25.23 6.48 14.80
CA VAL E 47 26.48 6.25 14.11
C VAL E 47 27.02 7.57 13.56
N LYS E 48 26.12 8.44 13.10
CA LYS E 48 26.49 9.77 12.65
C LYS E 48 26.13 10.85 13.67
N GLY E 49 25.14 10.60 14.52
CA GLY E 49 24.70 11.58 15.48
C GLY E 49 23.57 12.45 15.01
N THR E 50 22.70 11.93 14.14
CA THR E 50 21.59 12.69 13.61
C THR E 50 20.35 12.42 14.47
N ASN E 51 19.74 13.49 14.96
CA ASN E 51 18.51 13.36 15.75
C ASN E 51 17.41 14.22 15.12
N SER E 52 17.02 13.87 13.90
CA SER E 52 16.14 14.69 13.09
C SER E 52 14.68 14.37 13.39
N TYR E 53 13.82 15.34 13.07
CA TYR E 53 12.38 15.24 13.23
C TYR E 53 11.71 15.68 11.94
N TYR E 54 10.39 15.47 11.87
CA TYR E 54 9.63 15.89 10.70
C TYR E 54 8.13 15.88 11.02
N LYS E 55 7.50 17.04 11.07
CA LYS E 55 6.07 17.15 11.29
C LYS E 55 5.37 17.50 9.98
N LEU E 56 4.38 16.69 9.62
CA LEU E 56 3.64 16.84 8.38
C LEU E 56 2.16 16.89 8.69
N GLN E 57 1.51 18.00 8.35
CA GLN E 57 0.11 18.20 8.68
C GLN E 57 -0.66 18.67 7.45
N LEU E 58 -1.94 18.30 7.40
CA LEU E 58 -2.87 18.82 6.41
C LEU E 58 -3.95 19.60 7.16
N LEU E 59 -4.00 20.90 6.92
CA LEU E 59 -4.82 21.82 7.71
C LEU E 59 -5.95 22.36 6.85
N GLU E 60 -7.15 22.39 7.42
CA GLU E 60 -8.34 22.90 6.76
C GLU E 60 -8.82 24.14 7.50
N ASP E 61 -9.15 25.18 6.75
CA ASP E 61 -9.64 26.42 7.35
C ASP E 61 -10.89 26.14 8.18
N ASP E 62 -11.02 26.87 9.29
CA ASP E 62 -12.13 26.65 10.20
C ASP E 62 -13.48 26.69 9.47
N LYS E 63 -13.63 27.63 8.54
CA LYS E 63 -14.89 27.81 7.82
C LYS E 63 -14.72 27.45 6.34
N GLU E 64 -14.07 28.31 5.56
CA GLU E 64 -14.00 28.09 4.12
C GLU E 64 -13.34 26.75 3.80
N ASN E 65 -13.49 26.33 2.54
CA ASN E 65 -12.89 25.10 2.05
C ASN E 65 -11.51 25.41 1.47
N ARG E 66 -10.60 25.76 2.38
CA ARG E 66 -9.23 26.13 2.02
C ARG E 66 -8.29 25.21 2.80
N TYR E 67 -7.31 24.64 2.10
CA TYR E 67 -6.46 23.61 2.67
C TYR E 67 -5.00 23.92 2.42
N TRP E 68 -4.17 23.57 3.40
CA TRP E 68 -2.72 23.71 3.30
C TRP E 68 -2.05 22.43 3.73
N ILE E 69 -0.87 22.19 3.18
CA ILE E 69 0.04 21.16 3.66
C ILE E 69 1.21 21.86 4.32
N PHE E 70 1.40 21.59 5.61
CA PHE E 70 2.49 22.17 6.37
C PHE E 70 3.54 21.10 6.62
N ARG E 71 4.79 21.42 6.29
CA ARG E 71 5.94 20.56 6.53
C ARG E 71 6.90 21.30 7.43
N SER E 72 7.53 20.56 8.35
CA SER E 72 8.57 21.15 9.18
C SER E 72 9.60 20.09 9.47
N TRP E 73 10.88 20.46 9.40
CA TRP E 73 11.98 19.52 9.57
C TRP E 73 13.11 20.21 10.30
N GLY E 74 14.10 19.41 10.67
CA GLY E 74 15.27 19.88 11.39
C GLY E 74 15.66 18.89 12.45
N ARG E 75 16.37 19.38 13.45
CA ARG E 75 16.79 18.57 14.58
C ARG E 75 15.84 18.80 15.75
N VAL E 76 15.92 17.91 16.74
CA VAL E 76 15.00 17.96 17.87
C VAL E 76 15.46 19.02 18.85
N GLY E 77 14.54 19.88 19.26
CA GLY E 77 14.82 20.88 20.27
C GLY E 77 15.52 22.12 19.77
N THR E 78 16.42 21.97 18.80
CA THR E 78 17.21 23.09 18.31
C THR E 78 16.44 23.86 17.25
N VAL E 79 16.90 25.09 17.00
CA VAL E 79 16.34 25.91 15.92
C VAL E 79 16.78 25.42 14.55
N ILE E 80 17.80 24.57 14.48
CA ILE E 80 18.25 24.04 13.19
C ILE E 80 17.07 23.33 12.52
N GLY E 81 16.78 23.73 11.30
CA GLY E 81 15.68 23.17 10.55
C GLY E 81 15.00 24.26 9.75
N SER E 82 13.74 24.00 9.41
CA SER E 82 12.96 24.91 8.59
C SER E 82 11.53 24.40 8.52
N ASN E 83 10.69 25.12 7.80
CA ASN E 83 9.30 24.74 7.59
C ASN E 83 8.85 25.29 6.24
N LYS E 84 7.66 24.88 5.82
CA LYS E 84 7.07 25.36 4.59
C LYS E 84 5.59 25.05 4.58
N LEU E 85 4.78 26.07 4.29
CA LEU E 85 3.34 25.92 4.14
C LEU E 85 2.99 26.02 2.66
N GLU E 86 2.15 25.11 2.18
CA GLU E 86 1.77 25.03 0.77
C GLU E 86 0.26 25.00 0.70
N GLN E 87 -0.36 26.13 0.36
CA GLN E 87 -1.79 26.13 0.10
C GLN E 87 -2.08 25.23 -1.10
N MET E 88 -3.02 24.32 -0.92
CA MET E 88 -3.36 23.34 -1.93
C MET E 88 -4.60 23.76 -2.71
N PRO E 89 -4.85 23.12 -3.86
CA PRO E 89 -6.05 23.46 -4.65
C PRO E 89 -7.35 23.02 -3.97
N SER E 90 -7.45 21.73 -3.67
CA SER E 90 -8.64 21.17 -3.05
C SER E 90 -8.23 20.11 -2.03
N LYS E 91 -9.19 19.69 -1.21
CA LYS E 91 -8.90 18.68 -0.20
C LYS E 91 -8.40 17.38 -0.83
N GLU E 92 -8.90 17.04 -2.03
CA GLU E 92 -8.44 15.83 -2.71
C GLU E 92 -6.96 15.94 -3.07
N ASP E 93 -6.59 16.99 -3.80
CA ASP E 93 -5.19 17.18 -4.16
C ASP E 93 -4.32 17.32 -2.92
N ALA E 94 -4.85 17.97 -1.87
CA ALA E 94 -4.09 18.13 -0.64
C ALA E 94 -3.77 16.79 -0.01
N ILE E 95 -4.78 15.91 0.09
CA ILE E 95 -4.57 14.60 0.69
C ILE E 95 -3.65 13.76 -0.18
N GLU E 96 -3.77 13.89 -1.50
CA GLU E 96 -2.87 13.17 -2.40
C GLU E 96 -1.41 13.54 -2.11
N HIS E 97 -1.14 14.85 -2.08
CA HIS E 97 0.23 15.30 -1.81
C HIS E 97 0.67 14.87 -0.42
N PHE E 98 -0.22 14.95 0.56
CA PHE E 98 0.11 14.57 1.93
C PHE E 98 0.52 13.10 1.99
N MET E 99 -0.26 12.22 1.36
CA MET E 99 0.04 10.80 1.39
C MET E 99 1.33 10.49 0.64
N LYS E 100 1.54 11.10 -0.53
CA LYS E 100 2.77 10.82 -1.25
C LYS E 100 3.99 11.34 -0.50
N LEU E 101 3.85 12.43 0.24
CA LEU E 101 4.95 12.88 1.09
C LEU E 101 5.21 11.91 2.23
N TYR E 102 4.14 11.48 2.91
CA TYR E 102 4.28 10.47 3.95
C TYR E 102 5.04 9.26 3.43
N GLU E 103 4.68 8.78 2.24
CA GLU E 103 5.37 7.65 1.64
C GLU E 103 6.84 7.98 1.38
N GLU E 104 7.10 9.04 0.60
CA GLU E 104 8.47 9.42 0.28
C GLU E 104 9.33 9.52 1.53
N LYS E 105 8.75 9.92 2.65
CA LYS E 105 9.53 10.14 3.86
C LYS E 105 9.73 8.85 4.66
N THR E 106 8.64 8.18 5.03
CA THR E 106 8.70 7.03 5.93
C THR E 106 8.76 5.70 5.20
N GLY E 107 8.49 5.66 3.89
CA GLY E 107 8.55 4.45 3.12
C GLY E 107 7.27 3.64 3.09
N ASN E 108 6.46 3.73 4.13
CA ASN E 108 5.20 3.00 4.22
C ASN E 108 4.04 3.89 3.76
N ALA E 109 2.87 3.27 3.64
CA ALA E 109 1.67 3.98 3.25
C ALA E 109 0.94 4.49 4.48
N TRP E 110 0.04 5.45 4.25
CA TRP E 110 -0.62 6.11 5.36
C TRP E 110 -1.52 5.14 6.15
N HIS E 111 -2.41 4.44 5.46
CA HIS E 111 -3.31 3.49 6.11
C HIS E 111 -2.77 2.05 6.03
N SER E 112 -1.55 1.88 6.56
CA SER E 112 -0.88 0.57 6.60
C SER E 112 -0.93 0.03 8.03
N LYS E 113 -1.73 -1.02 8.25
CA LYS E 113 -1.80 -1.63 9.58
C LYS E 113 -0.42 -2.06 10.05
N ASN E 114 0.31 -2.80 9.23
CA ASN E 114 1.65 -3.26 9.56
C ASN E 114 2.67 -2.29 8.96
N PHE E 115 3.31 -1.51 9.83
CA PHE E 115 4.37 -0.61 9.42
C PHE E 115 5.71 -1.32 9.49
N THR E 116 6.47 -1.25 8.40
CA THR E 116 7.76 -1.91 8.30
C THR E 116 8.85 -0.84 8.14
N LYS E 117 9.69 -0.70 9.16
CA LYS E 117 10.76 0.29 9.09
C LYS E 117 11.69 -0.03 7.94
N TYR E 118 12.13 1.02 7.24
CA TYR E 118 13.10 0.87 6.17
C TYR E 118 14.34 1.68 6.50
N PRO E 119 15.50 1.27 6.00
CA PRO E 119 16.74 1.99 6.34
C PRO E 119 16.75 3.38 5.73
N LYS E 120 17.40 4.31 6.44
CA LYS E 120 17.52 5.71 6.04
C LYS E 120 16.17 6.42 5.96
N LYS E 121 15.09 5.80 6.43
CA LYS E 121 13.77 6.38 6.42
C LYS E 121 13.35 6.76 7.83
N PHE E 122 12.31 7.60 7.91
CA PHE E 122 11.85 8.10 9.20
C PHE E 122 10.99 7.03 9.88
N TYR E 123 10.29 7.43 10.93
CA TYR E 123 9.46 6.52 11.72
C TYR E 123 8.39 7.31 12.45
N PRO E 124 7.10 6.98 12.28
CA PRO E 124 6.06 7.78 12.92
C PRO E 124 5.98 7.53 14.42
N LEU E 125 5.54 8.56 15.14
CA LEU E 125 5.43 8.52 16.59
C LEU E 125 4.00 8.82 16.99
N GLU E 126 3.43 7.97 17.85
CA GLU E 126 2.06 8.16 18.31
C GLU E 126 2.05 9.15 19.46
N ILE E 127 1.22 10.19 19.34
CA ILE E 127 1.14 11.26 20.33
C ILE E 127 -0.31 11.40 20.76
N ASP E 128 -0.56 11.29 22.06
CA ASP E 128 -1.91 11.36 22.58
C ASP E 128 -2.38 12.81 22.67
N TYR E 129 -3.69 13.00 22.52
CA TYR E 129 -4.30 14.32 22.55
C TYR E 129 -5.65 14.23 23.24
N GLY E 130 -6.25 15.39 23.48
CA GLY E 130 -7.56 15.47 24.11
C GLY E 130 -7.57 14.93 25.52
N GLY E 144 -29.84 15.09 49.19
CA GLY E 144 -29.55 13.67 49.24
C GLY E 144 -28.34 13.29 48.40
N THR E 145 -28.14 14.02 47.29
CA THR E 145 -27.01 13.73 46.42
C THR E 145 -25.67 13.96 47.12
N LYS E 146 -25.61 14.93 48.02
CA LYS E 146 -24.40 15.16 48.81
C LYS E 146 -23.96 13.87 49.49
N SER E 147 -22.66 13.60 49.44
CA SER E 147 -22.11 12.41 50.08
C SER E 147 -22.03 12.61 51.59
N LYS E 148 -22.26 11.53 52.33
CA LYS E 148 -22.25 11.53 53.78
C LYS E 148 -21.19 10.55 54.26
N LEU E 149 -19.93 10.92 54.07
CA LEU E 149 -18.78 10.13 54.50
C LEU E 149 -17.89 11.00 55.39
N PRO E 150 -17.04 10.37 56.21
CA PRO E 150 -16.08 11.15 56.99
C PRO E 150 -15.24 12.06 56.10
N LYS E 151 -15.09 13.32 56.54
CA LYS E 151 -14.40 14.31 55.73
C LYS E 151 -12.95 13.95 55.40
N PRO E 152 -12.14 13.40 56.33
CA PRO E 152 -10.77 13.05 55.95
C PRO E 152 -10.70 12.09 54.77
N VAL E 153 -11.63 11.13 54.67
CA VAL E 153 -11.63 10.23 53.54
C VAL E 153 -11.94 10.98 52.25
N GLN E 154 -12.85 11.96 52.31
CA GLN E 154 -13.18 12.73 51.12
C GLN E 154 -11.99 13.57 50.67
N ASP E 155 -11.25 14.14 51.62
CA ASP E 155 -10.01 14.84 51.28
C ASP E 155 -9.01 13.89 50.64
N LEU E 156 -8.83 12.70 51.24
CA LEU E 156 -7.95 11.69 50.66
C LEU E 156 -8.34 11.39 49.22
N ILE E 157 -9.64 11.23 48.96
CA ILE E 157 -10.09 10.89 47.62
C ILE E 157 -9.76 12.03 46.66
N LYS E 158 -10.12 13.26 47.03
CA LYS E 158 -9.76 14.40 46.19
C LYS E 158 -8.26 14.44 45.93
N MET E 159 -7.46 13.91 46.85
CA MET E 159 -6.01 13.90 46.67
C MET E 159 -5.57 12.82 45.67
N ILE E 160 -6.04 11.58 45.87
CA ILE E 160 -5.55 10.48 45.06
C ILE E 160 -6.21 10.46 43.69
N PHE E 161 -7.45 10.97 43.59
CA PHE E 161 -8.13 11.15 42.30
C PHE E 161 -8.04 12.61 41.86
N ASP E 162 -6.87 13.22 42.04
CA ASP E 162 -6.66 14.64 41.76
C ASP E 162 -6.35 14.79 40.27
N VAL E 163 -7.41 14.98 39.47
CA VAL E 163 -7.25 15.12 38.02
C VAL E 163 -6.30 16.26 37.69
N GLU E 164 -6.26 17.30 38.53
CA GLU E 164 -5.40 18.43 38.25
C GLU E 164 -3.93 18.02 38.24
N SER E 165 -3.50 17.29 39.26
CA SER E 165 -2.11 16.82 39.28
C SER E 165 -1.87 15.77 38.20
N MET E 166 -2.88 14.97 37.86
CA MET E 166 -2.72 14.01 36.78
C MET E 166 -2.44 14.71 35.45
N LYS E 167 -3.12 15.83 35.19
CA LYS E 167 -2.82 16.62 33.99
C LYS E 167 -1.49 17.33 34.13
N LYS E 168 -1.15 17.81 35.33
CA LYS E 168 0.17 18.37 35.58
C LYS E 168 1.25 17.36 35.20
N ALA E 169 0.96 16.08 35.37
CA ALA E 169 1.91 15.04 34.99
C ALA E 169 1.86 14.77 33.48
N MET E 170 0.70 14.36 32.97
CA MET E 170 0.59 13.99 31.55
C MET E 170 0.59 15.19 30.62
N TYR E 171 -0.45 16.03 30.72
CA TYR E 171 -0.68 17.08 29.74
C TYR E 171 -0.01 18.40 30.10
N GLU E 172 1.06 18.37 30.89
CA GLU E 172 1.80 19.59 31.17
C GLU E 172 2.84 19.79 30.07
N ILE E 173 3.17 21.05 29.81
CA ILE E 173 4.04 21.40 28.68
C ILE E 173 5.47 21.33 29.22
N ASP E 174 5.99 20.10 29.29
CA ASP E 174 7.33 19.82 29.81
C ASP E 174 8.30 19.80 28.63
N LEU E 175 8.70 20.99 28.19
CA LEU E 175 9.43 21.14 26.94
C LEU E 175 10.60 20.18 26.85
N GLN E 176 11.41 20.09 27.92
CA GLN E 176 12.57 19.21 27.91
C GLN E 176 12.16 17.74 27.92
N LYS E 177 11.20 17.38 28.77
CA LYS E 177 10.79 15.98 28.91
C LYS E 177 10.21 15.44 27.61
N MET E 178 9.30 16.20 26.98
CA MET E 178 8.64 15.80 25.74
C MET E 178 9.06 16.78 24.64
N PRO E 179 10.25 16.60 24.05
CA PRO E 179 10.72 17.58 23.05
C PRO E 179 9.87 17.64 21.80
N LEU E 180 9.06 16.63 21.52
CA LEU E 180 8.18 16.62 20.35
C LEU E 180 6.71 16.54 20.69
N GLY E 181 6.35 15.93 21.81
CA GLY E 181 4.96 15.85 22.21
C GLY E 181 4.74 14.75 23.21
N LYS E 182 3.51 14.70 23.73
CA LYS E 182 3.13 13.68 24.70
C LYS E 182 2.94 12.36 23.97
N LEU E 183 3.94 11.49 24.05
CA LEU E 183 3.83 10.18 23.41
C LEU E 183 2.70 9.39 24.04
N SER E 184 2.14 8.46 23.26
CA SER E 184 1.04 7.63 23.72
C SER E 184 1.55 6.53 24.64
N LYS E 185 0.59 5.78 25.21
CA LYS E 185 0.95 4.72 26.13
C LYS E 185 1.75 3.62 25.44
N ARG E 186 1.31 3.22 24.24
CA ARG E 186 1.99 2.13 23.54
C ARG E 186 3.45 2.50 23.24
N GLN E 187 3.70 3.76 22.88
CA GLN E 187 5.07 4.19 22.60
C GLN E 187 5.96 3.97 23.82
N ILE E 188 5.53 4.47 24.98
CA ILE E 188 6.35 4.38 26.18
C ILE E 188 6.49 2.92 26.60
N GLN E 189 5.47 2.10 26.40
CA GLN E 189 5.57 0.70 26.75
C GLN E 189 6.57 -0.05 25.86
N ALA E 190 6.56 0.25 24.56
CA ALA E 190 7.56 -0.34 23.67
C ALA E 190 8.96 0.09 24.06
N ALA E 191 9.13 1.37 24.40
CA ALA E 191 10.44 1.84 24.87
C ALA E 191 10.85 1.09 26.12
N TYR E 192 9.90 0.85 27.03
CA TYR E 192 10.20 0.14 28.27
C TYR E 192 10.65 -1.29 27.99
N SER E 193 10.01 -1.96 27.03
CA SER E 193 10.43 -3.31 26.66
C SER E 193 11.84 -3.31 26.06
N ILE E 194 12.11 -2.36 25.16
CA ILE E 194 13.45 -2.26 24.59
C ILE E 194 14.46 -1.97 25.68
N LEU E 195 14.05 -1.23 26.73
CA LEU E 195 14.95 -1.01 27.86
C LEU E 195 15.20 -2.28 28.65
N SER E 196 14.18 -3.15 28.76
CA SER E 196 14.42 -4.47 29.33
C SER E 196 15.52 -5.19 28.55
N GLU E 197 15.43 -5.14 27.22
CA GLU E 197 16.47 -5.72 26.38
C GLU E 197 17.84 -5.09 26.69
N VAL E 198 17.87 -3.76 26.81
CA VAL E 198 19.13 -3.06 27.07
C VAL E 198 19.72 -3.50 28.40
N GLN E 199 18.87 -3.67 29.41
CA GLN E 199 19.36 -4.08 30.72
C GLN E 199 19.95 -5.48 30.67
N GLN E 200 19.26 -6.42 30.00
CA GLN E 200 19.82 -7.75 29.91
C GLN E 200 21.09 -7.78 29.05
N ALA E 201 21.24 -6.82 28.13
CA ALA E 201 22.48 -6.72 27.37
C ALA E 201 23.61 -6.17 28.23
N VAL E 202 23.30 -5.22 29.12
CA VAL E 202 24.31 -4.73 30.05
C VAL E 202 24.74 -5.85 31.00
N SER E 203 23.75 -6.64 31.47
CA SER E 203 24.07 -7.77 32.33
C SER E 203 24.96 -8.78 31.62
N GLN E 204 24.64 -9.08 30.36
CA GLN E 204 25.42 -10.02 29.57
C GLN E 204 26.58 -9.37 28.82
N GLY E 205 26.64 -8.05 28.79
CA GLY E 205 27.73 -7.37 28.10
C GLY E 205 27.72 -7.65 26.61
N SER E 206 26.58 -7.35 25.98
CA SER E 206 26.39 -7.65 24.57
C SER E 206 27.39 -6.89 23.70
N SER E 207 27.50 -7.31 22.45
CA SER E 207 28.39 -6.65 21.51
C SER E 207 27.95 -5.20 21.31
N ASP E 208 28.93 -4.33 21.08
CA ASP E 208 28.64 -2.90 20.96
C ASP E 208 27.64 -2.62 19.85
N SER E 209 27.59 -3.45 18.81
CA SER E 209 26.65 -3.21 17.71
C SER E 209 25.21 -3.43 18.15
N GLN E 210 24.97 -4.46 18.96
CA GLN E 210 23.61 -4.71 19.47
C GLN E 210 23.14 -3.55 20.33
N ILE E 211 24.02 -3.03 21.20
CA ILE E 211 23.62 -1.91 22.04
C ILE E 211 23.47 -0.65 21.20
N LEU E 212 24.24 -0.52 20.11
CA LEU E 212 24.04 0.58 19.18
C LEU E 212 22.64 0.52 18.58
N ASP E 213 22.20 -0.66 18.18
CA ASP E 213 20.83 -0.80 17.66
C ASP E 213 19.80 -0.46 18.74
N LEU E 214 20.02 -0.95 19.95
CA LEU E 214 19.13 -0.61 21.06
C LEU E 214 19.01 0.90 21.22
N SER E 215 20.16 1.60 21.21
CA SER E 215 20.13 3.06 21.37
C SER E 215 19.41 3.74 20.21
N ASN E 216 19.73 3.33 18.98
CA ASN E 216 19.05 3.90 17.82
C ASN E 216 17.54 3.80 17.99
N ARG E 217 17.04 2.61 18.29
CA ARG E 217 15.60 2.42 18.36
C ARG E 217 15.00 3.13 19.56
N PHE E 218 15.69 3.13 20.70
CA PHE E 218 15.14 3.76 21.90
C PHE E 218 15.09 5.28 21.77
N TYR E 219 16.02 5.87 21.02
CA TYR E 219 16.00 7.32 20.83
C TYR E 219 15.12 7.75 19.66
N THR E 220 14.96 6.89 18.65
CA THR E 220 13.98 7.18 17.61
C THR E 220 12.56 7.07 18.15
N LEU E 221 12.32 6.05 18.98
CA LEU E 221 10.99 5.87 19.55
C LEU E 221 10.65 6.99 20.53
N ILE E 222 11.62 7.38 21.36
CA ILE E 222 11.43 8.46 22.32
C ILE E 222 12.43 9.57 22.00
N PRO E 223 12.00 10.71 21.47
CA PRO E 223 12.96 11.78 21.16
C PRO E 223 13.51 12.41 22.43
N HIS E 224 14.74 12.91 22.32
CA HIS E 224 15.43 13.55 23.43
C HIS E 224 16.23 14.74 22.91
N ASP E 225 16.06 15.89 23.55
CA ASP E 225 16.79 17.09 23.15
C ASP E 225 18.25 16.99 23.56
N PHE E 226 19.09 16.54 22.65
CA PHE E 226 20.53 16.49 22.85
C PHE E 226 21.26 17.66 22.18
N GLY E 227 20.51 18.68 21.75
CA GLY E 227 21.15 19.80 21.07
C GLY E 227 21.95 19.33 19.88
N MET E 228 23.16 19.87 19.74
CA MET E 228 24.06 19.44 18.69
C MET E 228 24.98 18.30 19.12
N LYS E 229 25.08 18.03 20.42
CA LYS E 229 25.90 16.91 20.87
C LYS E 229 25.33 15.60 20.37
N LYS E 230 26.22 14.64 20.15
CA LYS E 230 25.81 13.35 19.61
C LYS E 230 25.16 12.51 20.70
N PRO E 231 23.97 11.94 20.46
CA PRO E 231 23.35 11.08 21.47
C PRO E 231 24.28 9.95 21.87
N PRO E 232 24.35 9.62 23.16
CA PRO E 232 25.29 8.60 23.62
C PRO E 232 24.70 7.20 23.52
N LEU E 233 25.56 6.22 23.74
CA LEU E 233 25.15 4.83 23.85
C LEU E 233 24.73 4.53 25.28
N LEU E 234 23.88 3.51 25.43
CA LEU E 234 23.29 3.17 26.72
C LEU E 234 24.18 2.25 27.55
N ASN E 235 25.50 2.33 27.40
CA ASN E 235 26.38 1.48 28.18
C ASN E 235 26.24 1.76 29.68
N ASN E 236 26.07 3.04 30.04
CA ASN E 236 25.90 3.42 31.44
C ASN E 236 24.63 2.79 31.99
N ALA E 237 24.78 1.86 32.94
CA ALA E 237 23.61 1.14 33.45
C ALA E 237 22.73 2.03 34.32
N ASP E 238 23.35 2.90 35.11
CA ASP E 238 22.58 3.73 36.04
C ASP E 238 21.68 4.71 35.30
N SER E 239 22.21 5.37 34.27
CA SER E 239 21.36 6.25 33.47
C SER E 239 20.25 5.47 32.78
N VAL E 240 20.51 4.22 32.41
CA VAL E 240 19.48 3.38 31.83
C VAL E 240 18.35 3.17 32.83
N GLN E 241 18.70 2.80 34.07
CA GLN E 241 17.67 2.60 35.09
C GLN E 241 16.95 3.91 35.41
N ALA E 242 17.64 5.04 35.27
CA ALA E 242 16.99 6.34 35.51
C ALA E 242 15.94 6.63 34.45
N LYS E 243 16.30 6.46 33.18
CA LYS E 243 15.32 6.63 32.11
C LYS E 243 14.18 5.64 32.26
N ALA E 244 14.48 4.43 32.77
CA ALA E 244 13.41 3.46 33.02
C ALA E 244 12.48 3.93 34.13
N GLU E 245 13.04 4.55 35.17
CA GLU E 245 12.21 5.15 36.20
C GLU E 245 11.29 6.22 35.61
N MET E 246 11.83 7.05 34.72
CA MET E 246 11.00 8.07 34.06
C MET E 246 9.87 7.41 33.27
N LEU E 247 10.19 6.36 32.50
CA LEU E 247 9.19 5.69 31.70
C LEU E 247 8.12 5.04 32.56
N ASP E 248 8.53 4.38 33.65
CA ASP E 248 7.56 3.79 34.57
C ASP E 248 6.69 4.86 35.23
N ASN E 249 7.29 6.01 35.54
CA ASN E 249 6.52 7.13 36.06
C ASN E 249 5.39 7.49 35.08
N LEU E 250 5.76 7.76 33.82
CA LEU E 250 4.77 8.15 32.83
C LEU E 250 3.73 7.05 32.63
N LEU E 251 4.17 5.78 32.69
CA LEU E 251 3.27 4.66 32.45
C LEU E 251 2.23 4.53 33.56
N ASP E 252 2.68 4.43 34.81
CA ASP E 252 1.74 4.38 35.93
C ASP E 252 0.88 5.64 35.97
N ILE E 253 1.42 6.77 35.52
CA ILE E 253 0.63 7.99 35.44
C ILE E 253 -0.55 7.78 34.50
N GLU E 254 -0.28 7.34 33.27
CA GLU E 254 -1.36 7.14 32.31
C GLU E 254 -2.33 6.06 32.79
N VAL E 255 -1.85 5.06 33.53
CA VAL E 255 -2.73 3.99 34.00
C VAL E 255 -3.68 4.52 35.07
N ALA E 256 -3.14 5.23 36.06
CA ALA E 256 -3.98 5.85 37.07
C ALA E 256 -4.91 6.89 36.46
N TYR E 257 -4.52 7.47 35.33
CA TYR E 257 -5.40 8.42 34.66
C TYR E 257 -6.54 7.71 33.96
N SER E 258 -6.26 6.55 33.34
CA SER E 258 -7.31 5.78 32.71
C SER E 258 -8.31 5.26 33.74
N LEU E 259 -7.82 4.86 34.92
CA LEU E 259 -8.77 4.49 35.98
C LEU E 259 -9.49 5.71 36.53
N LEU E 260 -8.84 6.88 36.49
CA LEU E 260 -9.45 8.12 36.94
C LEU E 260 -10.74 8.39 36.18
N ARG E 261 -10.63 8.70 34.90
CA ARG E 261 -11.79 8.97 34.05
C ARG E 261 -12.35 7.67 33.47
N GLY E 262 -12.58 6.68 34.34
CA GLY E 262 -13.11 5.40 33.91
C GLY E 262 -14.55 5.43 33.48
N GLY E 263 -15.26 6.53 33.72
CA GLY E 263 -16.66 6.65 33.35
C GLY E 263 -17.58 6.74 34.55
N ASP E 266 -24.19 12.72 35.33
CA ASP E 266 -24.16 12.26 36.71
C ASP E 266 -25.36 11.38 37.02
N SER E 267 -25.24 10.57 38.07
CA SER E 267 -26.36 9.74 38.52
C SER E 267 -26.78 10.13 39.93
N SER E 268 -27.23 11.38 40.09
CA SER E 268 -27.72 11.90 41.37
C SER E 268 -26.95 11.32 42.56
N LYS E 269 -25.63 11.27 42.45
CA LYS E 269 -24.77 10.78 43.53
C LYS E 269 -23.44 11.49 43.44
N ASP E 270 -22.99 12.04 44.57
CA ASP E 270 -21.74 12.82 44.61
C ASP E 270 -20.60 11.98 44.04
N PRO E 271 -19.62 12.60 43.38
CA PRO E 271 -18.47 11.81 42.88
C PRO E 271 -17.58 11.26 43.97
N ILE E 272 -17.68 11.77 45.20
CA ILE E 272 -16.93 11.18 46.30
C ILE E 272 -17.26 9.69 46.41
N ASP E 273 -18.55 9.37 46.48
CA ASP E 273 -18.96 7.97 46.55
C ASP E 273 -18.54 7.20 45.30
N VAL E 274 -18.61 7.86 44.14
CA VAL E 274 -18.23 7.21 42.88
C VAL E 274 -16.79 6.69 42.97
N ASN E 275 -15.85 7.61 43.18
CA ASN E 275 -14.45 7.22 43.22
C ASN E 275 -14.08 6.47 44.49
N TYR E 276 -14.93 6.49 45.52
CA TYR E 276 -14.70 5.64 46.69
C TYR E 276 -15.04 4.18 46.38
N GLU E 277 -16.12 3.95 45.63
CA GLU E 277 -16.48 2.59 45.25
C GLU E 277 -15.66 2.09 44.06
N LYS E 278 -15.02 3.00 43.32
CA LYS E 278 -14.12 2.55 42.26
C LYS E 278 -12.88 1.82 42.80
N LEU E 279 -12.66 1.81 44.12
CA LEU E 279 -11.52 1.14 44.71
C LEU E 279 -11.85 -0.24 45.27
N LYS E 280 -13.14 -0.54 45.48
CA LYS E 280 -13.56 -1.84 46.02
C LYS E 280 -12.96 -2.10 47.40
N THR E 281 -12.69 -1.05 48.16
CA THR E 281 -12.12 -1.18 49.49
C THR E 281 -13.02 -0.54 50.53
N ASP E 282 -13.01 -1.11 51.74
CA ASP E 282 -13.71 -0.55 52.89
C ASP E 282 -12.69 0.24 53.71
N ILE E 283 -12.84 1.57 53.71
CA ILE E 283 -11.91 2.48 54.37
C ILE E 283 -12.58 2.99 55.64
N LYS E 284 -11.86 2.94 56.76
CA LYS E 284 -12.37 3.42 58.04
C LYS E 284 -11.31 4.29 58.68
N VAL E 285 -11.66 5.56 58.95
CA VAL E 285 -10.72 6.51 59.51
C VAL E 285 -10.47 6.15 60.98
N VAL E 286 -9.31 5.55 61.25
CA VAL E 286 -8.99 5.20 62.62
C VAL E 286 -8.91 6.47 63.46
N ASP E 287 -9.71 6.54 64.52
CA ASP E 287 -9.69 7.67 65.43
C ASP E 287 -8.30 7.86 66.03
N ARG E 288 -7.77 9.09 65.92
CA ARG E 288 -6.42 9.35 66.41
C ARG E 288 -6.26 8.92 67.87
N ASP E 289 -7.29 9.11 68.68
CA ASP E 289 -7.20 8.76 70.10
C ASP E 289 -7.29 7.27 70.35
N SER E 290 -7.49 6.45 69.32
CA SER E 290 -7.59 5.02 69.51
C SER E 290 -6.22 4.44 69.87
N GLU E 291 -6.24 3.23 70.41
CA GLU E 291 -4.99 2.57 70.79
C GLU E 291 -4.13 2.28 69.57
N GLU E 292 -4.70 1.59 68.58
CA GLU E 292 -3.97 1.28 67.36
C GLU E 292 -3.37 2.54 66.73
N ALA E 293 -4.11 3.65 66.77
CA ALA E 293 -3.58 4.89 66.22
C ALA E 293 -2.35 5.35 67.01
N GLU E 294 -2.39 5.23 68.33
CA GLU E 294 -1.24 5.60 69.14
C GLU E 294 -0.04 4.72 68.81
N ILE E 295 -0.28 3.42 68.61
CA ILE E 295 0.81 2.52 68.28
C ILE E 295 1.40 2.86 66.92
N ILE E 296 0.54 3.23 65.96
CA ILE E 296 1.01 3.62 64.64
C ILE E 296 1.86 4.89 64.74
N ARG E 297 1.40 5.85 65.54
CA ARG E 297 2.17 7.09 65.72
C ARG E 297 3.53 6.79 66.34
N LYS E 298 3.58 5.89 67.33
CA LYS E 298 4.85 5.54 67.93
C LYS E 298 5.77 4.85 66.93
N TYR E 299 5.20 3.97 66.09
CA TYR E 299 5.96 3.35 65.02
C TYR E 299 6.62 4.41 64.15
N VAL E 300 5.81 5.35 63.66
CA VAL E 300 6.33 6.40 62.78
C VAL E 300 7.40 7.21 63.48
N LYS E 301 7.15 7.58 64.74
CA LYS E 301 8.10 8.39 65.49
C LYS E 301 9.44 7.67 65.62
N ASN E 302 9.43 6.45 66.15
CA ASN E 302 10.68 5.75 66.41
C ASN E 302 11.44 5.45 65.13
N THR E 303 10.75 4.96 64.10
CA THR E 303 11.42 4.48 62.91
C THR E 303 11.75 5.56 61.89
N HIS E 304 11.52 6.83 62.21
CA HIS E 304 11.85 7.92 61.30
C HIS E 304 13.28 8.39 61.56
N ALA E 305 14.23 7.87 60.80
CA ALA E 305 15.62 8.30 60.88
C ALA E 305 15.79 9.49 59.94
N THR E 306 15.84 10.71 60.52
CA THR E 306 16.02 11.91 59.70
C THR E 306 17.30 11.84 58.87
N THR E 307 18.29 11.09 59.32
CA THR E 307 19.49 10.87 58.54
C THR E 307 19.14 10.29 57.17
N HIS E 308 19.70 10.87 56.11
CA HIS E 308 19.43 10.44 54.74
C HIS E 308 17.99 10.74 54.30
N ASN E 309 17.36 11.75 54.88
CA ASN E 309 15.99 12.09 54.53
C ASN E 309 15.83 13.59 54.33
N ALA E 310 16.12 14.37 55.38
CA ALA E 310 15.97 15.83 55.34
C ALA E 310 14.50 16.22 55.23
N TYR E 311 13.69 15.66 56.13
CA TYR E 311 12.28 16.00 56.21
C TYR E 311 11.64 15.30 57.41
N ASP E 312 10.94 16.04 58.23
CA ASP E 312 10.19 15.44 59.33
C ASP E 312 8.85 14.93 58.81
N LEU E 313 8.24 14.03 59.58
CA LEU E 313 6.98 13.43 59.21
C LEU E 313 5.94 13.70 60.29
N GLU E 314 4.74 14.12 59.86
CA GLU E 314 3.63 14.35 60.76
C GLU E 314 2.46 13.47 60.30
N VAL E 315 1.89 12.71 61.24
CA VAL E 315 0.83 11.75 60.93
C VAL E 315 -0.49 12.52 60.91
N ILE E 316 -1.03 12.78 59.71
CA ILE E 316 -2.26 13.54 59.60
C ILE E 316 -3.44 12.61 59.91
N ASP E 317 -3.65 11.61 59.04
CA ASP E 317 -4.83 10.76 59.12
C ASP E 317 -4.44 9.29 59.04
N ILE E 318 -5.27 8.45 59.65
CA ILE E 318 -5.10 7.00 59.62
C ILE E 318 -6.32 6.40 58.92
N PHE E 319 -6.10 5.33 58.18
CA PHE E 319 -7.18 4.65 57.45
C PHE E 319 -6.94 3.15 57.52
N LYS E 320 -7.78 2.45 58.27
CA LYS E 320 -7.82 0.99 58.21
C LYS E 320 -8.55 0.60 56.94
N ILE E 321 -7.86 -0.11 56.05
CA ILE E 321 -8.39 -0.48 54.74
C ILE E 321 -8.59 -1.99 54.71
N GLU E 322 -9.75 -2.40 54.22
CA GLU E 322 -10.08 -3.80 54.00
C GLU E 322 -10.35 -3.94 52.51
N ARG E 323 -9.38 -4.49 51.79
CA ARG E 323 -9.51 -4.68 50.35
C ARG E 323 -10.39 -5.90 50.06
N GLU E 324 -11.30 -5.74 49.12
CA GLU E 324 -12.19 -6.83 48.75
C GLU E 324 -11.39 -8.01 48.23
N GLY E 325 -11.67 -9.19 48.78
CA GLY E 325 -10.99 -10.40 48.33
C GLY E 325 -9.66 -10.63 49.01
N GLU E 326 -8.88 -9.56 49.18
CA GLU E 326 -7.56 -9.70 49.80
C GLU E 326 -7.65 -10.34 51.18
N CYS E 327 -8.78 -10.19 51.87
CA CYS E 327 -8.91 -10.79 53.19
C CYS E 327 -8.77 -12.30 53.14
N GLN E 328 -9.41 -12.94 52.15
CA GLN E 328 -9.36 -14.39 52.05
C GLN E 328 -8.12 -14.90 51.35
N ARG E 329 -7.60 -14.16 50.36
CA ARG E 329 -6.40 -14.61 49.68
C ARG E 329 -5.19 -14.64 50.61
N TYR E 330 -5.26 -13.93 51.73
CA TYR E 330 -4.20 -13.97 52.74
C TYR E 330 -4.39 -15.10 53.74
N LYS E 331 -5.56 -15.75 53.75
CA LYS E 331 -5.79 -16.83 54.71
C LYS E 331 -4.80 -17.98 54.58
N PRO E 332 -4.37 -18.41 53.38
CA PRO E 332 -3.38 -19.49 53.30
C PRO E 332 -2.18 -19.27 54.20
N PHE E 333 -1.81 -18.01 54.45
CA PHE E 333 -0.69 -17.66 55.32
C PHE E 333 -1.15 -17.12 56.67
N LYS E 334 -2.45 -17.22 56.97
CA LYS E 334 -2.96 -16.64 58.22
C LYS E 334 -2.24 -17.21 59.43
N GLN E 335 -1.95 -18.50 59.41
CA GLN E 335 -1.24 -19.14 60.52
C GLN E 335 0.27 -19.19 60.32
N LEU E 336 0.77 -18.93 59.12
CA LEU E 336 2.21 -18.87 58.89
C LEU E 336 2.84 -17.89 59.86
N HIS E 337 3.78 -18.37 60.65
CA HIS E 337 4.40 -17.55 61.69
C HIS E 337 5.23 -16.42 61.08
N ASN E 338 5.69 -15.53 61.94
CA ASN E 338 6.57 -14.43 61.56
C ASN E 338 5.86 -13.47 60.61
N ARG E 339 4.58 -13.21 60.87
CA ARG E 339 3.88 -12.16 60.19
C ARG E 339 4.27 -10.82 60.80
N ARG E 340 4.42 -9.80 59.96
CA ARG E 340 4.86 -8.51 60.43
C ARG E 340 4.18 -7.41 59.64
N LEU E 341 4.02 -6.26 60.28
CA LEU E 341 3.45 -5.08 59.65
C LEU E 341 4.59 -4.23 59.11
N LEU E 342 4.59 -3.97 57.82
CA LEU E 342 5.71 -3.28 57.19
C LEU E 342 5.23 -2.11 56.34
N TRP E 343 6.18 -1.25 56.00
CA TRP E 343 5.92 -0.05 55.23
C TRP E 343 6.09 -0.33 53.75
N HIS E 344 5.15 0.14 52.94
CA HIS E 344 5.31 0.21 51.50
C HIS E 344 4.89 1.61 51.05
N GLY E 345 5.79 2.29 50.35
CA GLY E 345 5.51 3.65 49.94
C GLY E 345 5.93 3.94 48.53
N SER E 346 5.01 4.46 47.72
CA SER E 346 5.32 4.88 46.36
C SER E 346 4.62 6.21 46.11
N ARG E 347 4.74 6.70 44.88
CA ARG E 347 4.10 7.96 44.52
C ARG E 347 2.61 7.88 44.84
N THR E 348 2.07 8.97 45.39
CA THR E 348 0.65 9.01 45.71
C THR E 348 -0.21 8.77 44.48
N THR E 349 0.29 9.13 43.29
CA THR E 349 -0.47 8.94 42.06
C THR E 349 -0.89 7.48 41.89
N ASN E 350 -0.02 6.54 42.25
CA ASN E 350 -0.30 5.13 42.06
C ASN E 350 -1.24 4.57 43.12
N PHE E 351 -1.36 5.24 44.27
CA PHE E 351 -2.12 4.68 45.38
C PHE E 351 -3.54 4.30 44.98
N ALA E 352 -4.15 5.09 44.09
CA ALA E 352 -5.48 4.75 43.59
C ALA E 352 -5.50 3.32 43.05
N GLY E 353 -4.66 3.05 42.05
CA GLY E 353 -4.60 1.70 41.50
C GLY E 353 -4.17 0.67 42.52
N ILE E 354 -3.26 1.04 43.42
CA ILE E 354 -2.77 0.10 44.43
C ILE E 354 -3.90 -0.34 45.35
N LEU E 355 -4.89 0.54 45.58
CA LEU E 355 -6.05 0.17 46.38
C LEU E 355 -7.09 -0.55 45.53
N SER E 356 -7.18 -0.21 44.23
CA SER E 356 -8.20 -0.80 43.38
C SER E 356 -7.89 -2.25 43.03
N GLN E 357 -6.61 -2.57 42.80
CA GLN E 357 -6.21 -3.89 42.37
C GLN E 357 -5.40 -4.66 43.41
N GLY E 358 -5.02 -4.04 44.52
CA GLY E 358 -4.14 -4.67 45.48
C GLY E 358 -2.69 -4.65 45.03
N LEU E 359 -1.80 -4.92 45.98
CA LEU E 359 -0.37 -4.87 45.68
C LEU E 359 -0.01 -5.93 44.65
N ARG E 360 0.71 -5.50 43.61
CA ARG E 360 1.06 -6.34 42.47
C ARG E 360 2.57 -6.52 42.40
N ILE E 361 2.99 -7.48 41.58
CA ILE E 361 4.40 -7.74 41.30
C ILE E 361 4.67 -7.34 39.86
N ALA E 362 5.92 -6.99 39.58
CA ALA E 362 6.35 -6.59 38.24
C ALA E 362 5.92 -7.62 37.20
N PRO E 363 5.64 -7.20 35.97
CA PRO E 363 5.19 -8.13 34.94
C PRO E 363 6.31 -9.05 34.51
N PRO E 364 5.99 -10.23 33.95
CA PRO E 364 7.06 -11.17 33.56
C PRO E 364 8.04 -10.60 32.53
N GLU E 365 7.62 -9.63 31.72
CA GLU E 365 8.48 -9.12 30.65
C GLU E 365 9.39 -7.98 31.12
N ALA E 366 9.21 -7.48 32.34
CA ALA E 366 10.12 -6.47 32.85
C ALA E 366 11.45 -7.13 33.25
N PRO E 367 12.54 -6.38 33.23
CA PRO E 367 13.84 -6.97 33.56
C PRO E 367 13.97 -7.29 35.04
N VAL E 368 14.72 -8.35 35.33
CA VAL E 368 14.90 -8.80 36.70
C VAL E 368 16.24 -8.36 37.29
N THR E 369 17.17 -7.90 36.45
CA THR E 369 18.47 -7.45 36.96
C THR E 369 18.37 -6.09 37.63
N GLY E 370 17.43 -5.25 37.20
CA GLY E 370 17.29 -3.94 37.83
C GLY E 370 16.88 -4.03 39.29
N TYR E 371 16.00 -4.99 39.61
CA TYR E 371 15.58 -5.17 40.99
C TYR E 371 16.73 -5.71 41.82
N MET E 372 17.03 -5.01 42.93
CA MET E 372 18.15 -5.42 43.77
C MET E 372 18.04 -6.89 44.17
N PHE E 373 16.83 -7.33 44.53
CA PHE E 373 16.58 -8.70 44.96
C PHE E 373 15.49 -9.34 44.12
N GLY E 374 15.47 -9.00 42.83
CA GLY E 374 14.49 -9.57 41.91
C GLY E 374 13.11 -8.99 42.13
N LYS E 375 12.20 -9.43 41.26
CA LYS E 375 10.83 -8.95 41.30
C LYS E 375 10.11 -9.49 42.54
N GLY E 376 9.16 -8.72 43.03
CA GLY E 376 8.39 -9.10 44.19
C GLY E 376 8.01 -7.89 45.01
N ILE E 377 7.04 -8.11 45.91
CA ILE E 377 6.61 -7.04 46.80
C ILE E 377 7.77 -6.63 47.70
N TYR E 378 8.05 -5.33 47.73
CA TYR E 378 9.08 -4.79 48.60
C TYR E 378 8.43 -4.17 49.84
N PHE E 379 9.19 -4.17 50.93
CA PHE E 379 8.72 -3.61 52.19
C PHE E 379 9.90 -3.00 52.93
N ALA E 380 9.59 -2.30 54.01
CA ALA E 380 10.62 -1.68 54.84
C ALA E 380 10.11 -1.63 56.28
N ASP E 381 10.99 -2.02 57.20
CA ASP E 381 10.72 -1.86 58.63
C ASP E 381 11.08 -0.47 59.13
N MET E 382 11.78 0.33 58.33
CA MET E 382 12.11 1.72 58.65
C MET E 382 11.24 2.61 57.77
N VAL E 383 10.35 3.39 58.40
CA VAL E 383 9.45 4.23 57.63
C VAL E 383 10.23 5.23 56.79
N SER E 384 11.47 5.57 57.18
CA SER E 384 12.27 6.50 56.41
C SER E 384 12.52 6.00 55.00
N LYS E 385 12.99 4.76 54.89
CA LYS E 385 13.32 4.20 53.57
C LYS E 385 12.08 4.14 52.69
N SER E 386 10.98 3.59 53.21
CA SER E 386 9.77 3.49 52.42
C SER E 386 9.24 4.86 52.02
N ALA E 387 9.40 5.85 52.89
CA ALA E 387 8.93 7.20 52.56
C ALA E 387 9.78 7.82 51.46
N ASN E 388 11.09 7.53 51.46
CA ASN E 388 11.93 8.06 50.39
C ASN E 388 11.41 7.72 49.00
N TYR E 389 10.60 6.66 48.89
CA TYR E 389 10.04 6.24 47.61
C TYR E 389 8.74 6.96 47.26
N CYS E 390 8.11 7.66 48.22
CA CYS E 390 6.93 8.45 47.90
C CYS E 390 7.25 9.59 46.94
N HIS E 391 8.52 9.94 46.79
CA HIS E 391 8.96 10.99 45.87
C HIS E 391 8.22 12.30 46.11
N THR E 392 7.87 12.55 47.37
CA THR E 392 7.26 13.82 47.74
C THR E 392 8.26 14.95 47.53
N SER E 393 7.89 15.93 46.71
CA SER E 393 8.76 17.06 46.41
C SER E 393 8.49 18.21 47.38
N GLN E 394 9.36 19.23 47.31
CA GLN E 394 9.16 20.42 48.13
C GLN E 394 7.76 20.99 47.92
N GLY E 395 7.28 20.99 46.68
CA GLY E 395 5.95 21.46 46.37
C GLY E 395 4.84 20.51 46.71
N ASP E 396 5.17 19.30 47.17
CA ASP E 396 4.18 18.28 47.55
C ASP E 396 4.48 17.81 48.96
N PRO E 397 4.16 18.62 49.97
CA PRO E 397 4.45 18.22 51.36
C PRO E 397 3.62 17.05 51.85
N ILE E 398 2.57 16.66 51.12
CA ILE E 398 1.71 15.55 51.50
C ILE E 398 2.20 14.29 50.79
N GLY E 399 2.29 13.19 51.55
CA GLY E 399 2.66 11.92 50.96
C GLY E 399 1.76 10.83 51.52
N LEU E 400 1.84 9.66 50.89
CA LEU E 400 1.06 8.51 51.30
C LEU E 400 1.98 7.32 51.50
N ILE E 401 1.57 6.43 52.41
CA ILE E 401 2.33 5.21 52.70
C ILE E 401 1.35 4.20 53.27
N LEU E 402 1.68 2.92 53.12
CA LEU E 402 0.79 1.83 53.47
C LEU E 402 1.45 0.90 54.46
N LEU E 403 0.69 0.46 55.46
CA LEU E 403 1.11 -0.61 56.35
C LEU E 403 0.48 -1.92 55.90
N GLY E 404 1.31 -2.95 55.79
CA GLY E 404 0.86 -4.21 55.27
C GLY E 404 1.22 -5.37 56.18
N GLU E 405 0.23 -6.22 56.46
CA GLU E 405 0.43 -7.44 57.24
C GLU E 405 0.94 -8.52 56.31
N VAL E 406 2.27 -8.61 56.19
CA VAL E 406 2.91 -9.56 55.30
C VAL E 406 3.38 -10.76 56.12
N ALA E 407 3.06 -11.95 55.63
CA ALA E 407 3.40 -13.21 56.30
C ALA E 407 4.73 -13.72 55.76
N LEU E 408 5.78 -12.96 56.07
CA LEU E 408 7.15 -13.31 55.69
C LEU E 408 7.42 -14.80 55.87
N GLY E 409 7.24 -15.30 57.09
CA GLY E 409 7.46 -16.71 57.37
C GLY E 409 8.90 -17.06 57.66
N ASN E 410 9.74 -17.14 56.63
CA ASN E 410 11.14 -17.49 56.80
C ASN E 410 12.00 -16.56 55.95
N MET E 411 12.87 -15.82 56.62
CA MET E 411 13.68 -14.78 55.98
C MET E 411 15.00 -15.38 55.50
N TYR E 412 15.12 -15.58 54.19
CA TYR E 412 16.39 -15.95 53.58
C TYR E 412 17.26 -14.69 53.54
N GLU E 413 18.14 -14.55 54.53
CA GLU E 413 18.86 -13.30 54.71
C GLU E 413 19.94 -13.14 53.65
N LEU E 414 20.15 -11.89 53.23
CA LEU E 414 21.17 -11.56 52.24
C LEU E 414 21.74 -10.20 52.57
N LYS E 415 23.04 -10.15 52.89
CA LYS E 415 23.68 -8.87 53.19
C LYS E 415 23.92 -8.07 51.92
N HIS E 416 24.55 -8.68 50.92
CA HIS E 416 24.84 -8.02 49.67
C HIS E 416 23.72 -8.26 48.66
N ALA E 417 23.61 -7.35 47.70
CA ALA E 417 22.60 -7.48 46.66
C ALA E 417 22.72 -8.81 45.95
N SER E 418 21.59 -9.29 45.44
CA SER E 418 21.57 -10.58 44.73
C SER E 418 20.28 -10.71 43.93
N HIS E 419 20.39 -10.68 42.61
CA HIS E 419 19.22 -10.86 41.74
C HIS E 419 18.94 -12.34 41.61
N ILE E 420 17.76 -12.76 42.07
CA ILE E 420 17.46 -14.17 42.27
C ILE E 420 16.16 -14.53 41.55
N SER E 421 15.92 -15.84 41.44
CA SER E 421 14.70 -16.35 40.83
C SER E 421 14.13 -17.50 41.66
N LYS E 422 15.01 -18.35 42.19
CA LYS E 422 14.59 -19.55 42.91
C LYS E 422 14.54 -19.27 44.41
N LEU E 423 13.36 -19.39 44.99
CA LEU E 423 13.21 -19.35 46.44
C LEU E 423 13.90 -20.56 47.04
N PRO E 424 14.83 -20.40 47.97
CA PRO E 424 15.46 -21.57 48.59
C PRO E 424 14.41 -22.47 49.24
N LYS E 425 14.84 -23.69 49.53
CA LYS E 425 13.93 -24.72 50.05
C LYS E 425 13.47 -24.35 51.45
N GLY E 426 12.16 -24.22 51.63
CA GLY E 426 11.61 -23.88 52.92
C GLY E 426 11.82 -22.44 53.33
N LYS E 427 11.89 -21.52 52.36
CA LYS E 427 12.02 -20.10 52.62
C LYS E 427 10.98 -19.34 51.83
N HIS E 428 10.30 -18.40 52.49
CA HIS E 428 9.19 -17.67 51.89
C HIS E 428 9.51 -16.22 51.57
N SER E 429 10.64 -15.69 52.01
CA SER E 429 10.90 -14.27 51.85
C SER E 429 12.40 -14.01 51.95
N VAL E 430 12.80 -12.87 51.39
CA VAL E 430 14.16 -12.39 51.43
C VAL E 430 14.23 -11.21 52.39
N LYS E 431 15.36 -11.10 53.08
CA LYS E 431 15.61 -10.00 54.00
C LYS E 431 16.98 -9.40 53.70
N GLY E 432 16.98 -8.27 52.99
CA GLY E 432 18.18 -7.49 52.86
C GLY E 432 18.51 -6.81 54.17
N LEU E 433 19.69 -7.06 54.70
CA LEU E 433 20.08 -6.59 56.03
C LEU E 433 20.83 -5.28 55.91
N GLY E 434 20.35 -4.26 56.62
CA GLY E 434 21.04 -2.99 56.68
C GLY E 434 21.62 -2.73 58.05
N LYS E 435 22.64 -1.87 58.12
CA LYS E 435 23.34 -1.63 59.37
C LYS E 435 22.42 -1.03 60.43
N THR E 436 21.41 -0.27 60.01
CA THR E 436 20.46 0.36 60.92
C THR E 436 19.17 -0.45 60.94
N THR E 437 18.68 -0.79 62.11
CA THR E 437 17.45 -1.56 62.22
C THR E 437 16.59 -1.03 63.36
N PRO E 438 15.28 -1.30 63.34
CA PRO E 438 14.46 -1.00 64.51
C PRO E 438 14.84 -1.89 65.69
N ASP E 439 14.79 -1.30 66.90
CA ASP E 439 15.10 -2.03 68.12
C ASP E 439 14.30 -3.32 68.16
N PRO E 440 14.94 -4.48 68.02
CA PRO E 440 14.16 -5.74 68.05
C PRO E 440 13.44 -5.95 69.38
N SER E 441 14.08 -5.60 70.49
CA SER E 441 13.43 -5.71 71.80
C SER E 441 12.12 -4.94 71.83
N ALA E 442 12.10 -3.76 71.22
CA ALA E 442 10.89 -2.93 71.19
C ALA E 442 10.01 -3.42 70.04
N ASN E 443 9.16 -4.41 70.34
CA ASN E 443 8.20 -4.91 69.37
C ASN E 443 6.97 -5.38 70.14
N ILE E 444 5.85 -5.44 69.43
CA ILE E 444 4.59 -5.85 70.02
C ILE E 444 3.78 -6.65 69.00
N SER E 445 3.02 -7.62 69.50
CA SER E 445 2.21 -8.50 68.67
C SER E 445 0.78 -7.95 68.63
N LEU E 446 0.52 -7.10 67.64
CA LEU E 446 -0.81 -6.60 67.38
C LEU E 446 -1.52 -7.56 66.44
N ASP E 447 -2.63 -8.15 66.90
CA ASP E 447 -3.35 -9.16 66.13
C ASP E 447 -2.43 -10.35 65.82
N GLY E 448 -1.51 -10.64 66.72
CA GLY E 448 -0.54 -11.70 66.49
C GLY E 448 0.50 -11.38 65.45
N VAL E 449 0.64 -10.11 65.09
CA VAL E 449 1.57 -9.66 64.06
C VAL E 449 2.62 -8.77 64.73
N ASP E 450 3.89 -9.07 64.49
CA ASP E 450 4.98 -8.34 65.13
C ASP E 450 5.18 -6.99 64.44
N VAL E 451 5.18 -5.93 65.23
CA VAL E 451 5.43 -4.57 64.74
C VAL E 451 6.83 -4.17 65.17
N PRO E 452 7.74 -3.85 64.25
CA PRO E 452 9.12 -3.47 64.64
C PRO E 452 9.25 -1.97 64.86
N LEU E 453 8.53 -1.46 65.86
CA LEU E 453 8.50 -0.03 66.17
C LEU E 453 9.64 0.38 67.10
N GLY E 454 10.80 -0.23 66.93
CA GLY E 454 11.93 0.11 67.76
C GLY E 454 12.67 1.34 67.29
N THR E 455 13.57 1.81 68.14
CA THR E 455 14.39 2.96 67.81
C THR E 455 15.54 2.54 66.89
N GLY E 456 16.05 3.52 66.14
CA GLY E 456 17.16 3.23 65.25
C GLY E 456 18.36 2.72 66.01
N ILE E 457 18.60 1.42 65.95
CA ILE E 457 19.73 0.80 66.63
C ILE E 457 20.71 0.28 65.58
N SER E 458 21.95 0.07 66.03
CA SER E 458 23.02 -0.39 65.16
C SER E 458 22.93 -1.91 65.02
N SER E 459 22.32 -2.35 63.93
CA SER E 459 22.20 -3.78 63.67
C SER E 459 23.59 -4.42 63.59
N GLY E 460 23.76 -5.53 64.30
CA GLY E 460 25.08 -6.16 64.32
C GLY E 460 25.58 -6.54 62.94
N VAL E 461 24.69 -6.58 61.96
CA VAL E 461 25.07 -6.87 60.58
C VAL E 461 26.10 -5.87 60.11
N ASN E 462 27.32 -6.34 59.86
CA ASN E 462 28.38 -5.51 59.33
C ASN E 462 28.84 -6.08 57.99
N ASP E 463 29.60 -5.27 57.25
CA ASP E 463 30.09 -5.67 55.93
C ASP E 463 28.92 -5.95 55.00
N THR E 464 27.93 -5.07 55.03
CA THR E 464 26.71 -5.20 54.25
C THR E 464 26.59 -4.04 53.28
N SER E 465 25.64 -4.16 52.36
CA SER E 465 25.38 -3.14 51.36
C SER E 465 24.19 -2.26 51.69
N LEU E 466 23.16 -2.80 52.34
CA LEU E 466 21.99 -2.01 52.64
C LEU E 466 22.26 -1.08 53.83
N LEU E 467 21.48 0.00 53.89
CA LEU E 467 21.48 0.88 55.05
C LEU E 467 20.37 0.47 56.01
N TYR E 468 19.12 0.63 55.58
CA TYR E 468 17.98 0.13 56.32
C TYR E 468 17.49 -1.17 55.69
N ASN E 469 16.86 -2.00 56.51
CA ASN E 469 16.49 -3.34 56.06
C ASN E 469 15.42 -3.29 54.98
N GLU E 470 15.49 -4.25 54.06
CA GLU E 470 14.48 -4.47 53.05
C GLU E 470 13.85 -5.83 53.29
N TYR E 471 12.52 -5.88 53.37
CA TYR E 471 11.79 -7.13 53.48
C TYR E 471 11.07 -7.36 52.16
N ILE E 472 11.21 -8.57 51.60
CA ILE E 472 10.69 -8.86 50.27
C ILE E 472 9.99 -10.21 50.31
N VAL E 473 8.77 -10.26 49.76
CA VAL E 473 8.09 -11.51 49.49
C VAL E 473 7.94 -11.63 47.97
N TYR E 474 7.43 -12.78 47.52
CA TYR E 474 7.31 -13.07 46.11
C TYR E 474 5.93 -13.63 45.77
N ASP E 475 4.90 -13.19 46.49
CA ASP E 475 3.53 -13.65 46.25
C ASP E 475 2.59 -12.55 46.70
N ILE E 476 1.77 -12.04 45.78
CA ILE E 476 0.88 -10.92 46.09
C ILE E 476 -0.13 -11.30 47.17
N ALA E 477 -0.40 -12.59 47.36
CA ALA E 477 -1.33 -12.99 48.41
C ALA E 477 -0.69 -13.01 49.79
N GLN E 478 0.65 -13.05 49.87
CA GLN E 478 1.33 -13.02 51.15
C GLN E 478 1.14 -11.69 51.87
N VAL E 479 0.72 -10.65 51.17
CA VAL E 479 0.57 -9.32 51.73
C VAL E 479 -0.91 -9.07 52.00
N ASN E 480 -1.18 -8.21 52.98
CA ASN E 480 -2.55 -7.83 53.31
C ASN E 480 -2.51 -6.39 53.83
N LEU E 481 -2.86 -5.44 52.97
CA LEU E 481 -2.80 -4.03 53.33
C LEU E 481 -3.82 -3.75 54.42
N LYS E 482 -3.33 -3.32 55.59
CA LYS E 482 -4.19 -3.12 56.75
C LYS E 482 -4.51 -1.67 57.02
N TYR E 483 -3.52 -0.78 56.93
CA TYR E 483 -3.72 0.64 57.23
C TYR E 483 -3.07 1.51 56.16
N LEU E 484 -3.65 2.69 55.96
CA LEU E 484 -3.14 3.68 55.03
C LEU E 484 -2.95 4.99 55.78
N LEU E 485 -1.73 5.53 55.73
CA LEU E 485 -1.36 6.71 56.51
C LEU E 485 -1.22 7.91 55.60
N LYS E 486 -2.01 8.95 55.87
CA LYS E 486 -1.80 10.27 55.26
C LYS E 486 -0.70 10.98 56.04
N LEU E 487 0.37 11.35 55.34
CA LEU E 487 1.56 11.90 55.97
C LEU E 487 1.84 13.31 55.47
N LYS E 488 2.53 14.08 56.33
CA LYS E 488 2.96 15.43 56.03
C LYS E 488 4.49 15.46 56.08
N PHE E 489 5.11 15.79 54.96
CA PHE E 489 6.58 15.85 54.85
C PHE E 489 7.03 17.27 55.13
N ASN E 490 7.17 17.58 56.42
CA ASN E 490 7.70 18.88 56.83
C ASN E 490 9.17 18.98 56.48
N PHE E 491 9.47 19.40 55.25
CA PHE E 491 10.86 19.59 54.83
C PHE E 491 11.50 20.69 55.65
N LYS E 492 12.67 20.39 56.23
CA LYS E 492 13.34 21.34 57.11
C LYS E 492 13.87 22.53 56.31
N THR E 493 12.99 23.42 55.87
CA THR E 493 13.37 24.57 55.08
C THR E 493 13.40 25.81 55.97
N SER E 494 13.62 26.97 55.35
CA SER E 494 13.68 28.23 56.11
C SER E 494 12.44 28.38 56.99
N LEU E 495 11.29 27.96 56.48
CA LEU E 495 10.06 27.99 57.28
C LEU E 495 10.19 27.14 58.53
N TRP E 496 10.40 25.84 58.36
CA TRP E 496 10.59 24.96 59.52
C TRP E 496 11.75 25.44 60.38
N LEU E 497 12.77 26.05 59.77
CA LEU E 497 13.91 26.54 60.55
C LEU E 497 13.49 27.68 61.47
N GLU E 498 12.65 28.60 60.98
CA GLU E 498 12.13 29.65 61.84
C GLU E 498 11.23 29.06 62.93
N HIS E 499 10.42 28.06 62.57
CA HIS E 499 9.58 27.42 63.58
C HIS E 499 10.37 26.63 64.60
N HIS E 500 11.64 26.34 64.32
CA HIS E 500 12.48 25.54 65.20
C HIS E 500 13.50 26.38 65.94
N HIS E 501 13.42 27.71 65.84
CA HIS E 501 14.37 28.61 66.49
C HIS E 501 13.63 29.91 66.83
N HIS E 502 12.82 29.83 67.89
CA HIS E 502 12.07 30.99 68.38
C HIS E 502 12.95 32.24 68.44
N ASP G 26 32.78 13.15 11.05
CA ASP G 26 34.07 12.54 11.32
C ASP G 26 35.22 13.35 10.73
N LYS G 27 34.90 14.14 9.71
CA LYS G 27 35.91 14.93 8.99
C LYS G 27 35.38 16.35 8.81
N LEU G 28 36.31 17.29 8.65
CA LEU G 28 35.98 18.69 8.46
C LEU G 28 36.41 19.15 7.06
N TYR G 29 37.71 19.28 6.83
CA TYR G 29 38.22 19.62 5.51
C TYR G 29 37.88 18.52 4.52
N ARG G 30 37.49 18.91 3.30
CA ARG G 30 37.10 17.97 2.27
C ARG G 30 37.65 18.44 0.94
N VAL G 31 37.95 17.48 0.07
CA VAL G 31 38.56 17.78 -1.23
C VAL G 31 38.09 16.75 -2.24
N GLU G 32 37.87 17.19 -3.47
CA GLU G 32 37.52 16.26 -4.54
C GLU G 32 37.41 17.03 -5.84
N TYR G 33 37.22 16.29 -6.92
CA TYR G 33 36.97 16.91 -8.22
C TYR G 33 35.50 17.28 -8.36
N ALA G 34 35.25 18.39 -9.02
CA ALA G 34 33.89 18.92 -9.12
C ALA G 34 32.93 17.93 -9.77
N LYS G 35 31.99 17.41 -8.98
CA LYS G 35 30.99 16.50 -9.53
C LYS G 35 30.09 17.21 -10.54
N SER G 36 29.88 18.51 -10.37
CA SER G 36 29.07 19.29 -11.29
C SER G 36 29.64 20.70 -11.36
N GLY G 37 29.15 21.47 -12.33
CA GLY G 37 29.58 22.84 -12.51
C GLY G 37 28.63 23.83 -11.88
N ARG G 38 27.92 23.40 -10.84
CA ARG G 38 26.89 24.22 -10.19
C ARG G 38 27.36 24.82 -8.88
N ALA G 39 28.34 24.22 -8.22
CA ALA G 39 28.81 24.76 -6.94
C ALA G 39 29.37 26.16 -7.14
N SER G 40 28.90 27.10 -6.33
CA SER G 40 29.36 28.48 -6.38
C SER G 40 30.41 28.69 -5.30
N CYS G 41 31.54 29.29 -5.68
CA CYS G 41 32.58 29.60 -4.71
C CYS G 41 32.06 30.60 -3.69
N LYS G 42 32.17 30.25 -2.41
CA LYS G 42 31.64 31.11 -1.36
C LYS G 42 32.40 32.42 -1.25
N LYS G 43 33.59 32.51 -1.83
CA LYS G 43 34.36 33.75 -1.81
C LYS G 43 34.05 34.62 -3.03
N CYS G 44 34.36 34.12 -4.22
CA CYS G 44 34.20 34.89 -5.45
C CYS G 44 32.84 34.70 -6.11
N SER G 45 32.01 33.76 -5.63
CA SER G 45 30.66 33.51 -6.12
C SER G 45 30.65 32.95 -7.55
N GLU G 46 31.81 32.72 -8.16
CA GLU G 46 31.87 32.18 -9.50
C GLU G 46 31.63 30.67 -9.46
N SER G 47 31.01 30.15 -10.51
CA SER G 47 30.73 28.72 -10.56
C SER G 47 32.05 27.95 -10.68
N ILE G 48 32.10 26.80 -10.00
CA ILE G 48 33.28 25.93 -10.03
C ILE G 48 33.10 24.95 -11.18
N PRO G 49 33.91 25.03 -12.23
CA PRO G 49 33.70 24.15 -13.39
C PRO G 49 33.72 22.67 -13.00
N LYS G 50 33.12 21.86 -13.86
CA LYS G 50 33.04 20.42 -13.62
C LYS G 50 34.42 19.77 -13.73
N ASP G 51 34.61 18.70 -12.96
CA ASP G 51 35.83 17.89 -13.01
C ASP G 51 37.06 18.71 -12.65
N SER G 52 36.91 19.74 -11.82
CA SER G 52 38.02 20.58 -11.40
C SER G 52 38.28 20.38 -9.91
N LEU G 53 39.56 20.31 -9.55
CA LEU G 53 39.94 20.18 -8.15
C LEU G 53 39.31 21.29 -7.32
N ARG G 54 38.63 20.91 -6.24
CA ARG G 54 37.98 21.88 -5.37
C ARG G 54 38.00 21.37 -3.94
N MET G 55 38.16 22.30 -3.01
CA MET G 55 38.13 22.04 -1.58
C MET G 55 36.92 22.70 -0.95
N ALA G 56 36.38 22.04 0.06
CA ALA G 56 35.26 22.55 0.83
C ALA G 56 35.50 22.29 2.31
N ILE G 57 34.64 22.90 3.11
CA ILE G 57 34.58 22.61 4.54
C ILE G 57 33.15 22.20 4.87
N MET G 58 33.01 21.14 5.65
CA MET G 58 31.69 20.64 6.03
C MET G 58 31.18 21.45 7.21
N VAL G 59 30.00 22.05 7.05
CA VAL G 59 29.40 22.91 8.07
C VAL G 59 27.96 22.45 8.30
N GLN G 60 27.51 22.61 9.54
CA GLN G 60 26.15 22.21 9.90
C GLN G 60 25.18 23.25 9.38
N SER G 61 24.36 22.88 8.40
CA SER G 61 23.42 23.81 7.81
C SER G 61 22.27 24.10 8.78
N PRO G 62 21.66 25.29 8.67
CA PRO G 62 20.46 25.57 9.46
C PRO G 62 19.16 25.08 8.83
N MET G 63 19.22 24.50 7.64
CA MET G 63 18.05 24.00 6.93
C MET G 63 17.67 22.59 7.36
N PHE G 64 18.64 21.76 7.70
CA PHE G 64 18.39 20.37 8.07
C PHE G 64 19.51 19.89 8.97
N ASP G 65 19.20 18.85 9.77
CA ASP G 65 20.17 18.27 10.68
C ASP G 65 21.14 17.41 9.86
N GLY G 66 22.06 18.09 9.19
CA GLY G 66 23.04 17.41 8.36
C GLY G 66 24.08 18.33 7.78
N LYS G 67 25.35 17.92 7.84
CA LYS G 67 26.42 18.74 7.31
C LYS G 67 26.25 18.97 5.81
N VAL G 68 26.95 19.98 5.31
CA VAL G 68 26.88 20.35 3.90
C VAL G 68 28.24 20.96 3.53
N PRO G 69 28.72 20.80 2.30
CA PRO G 69 30.04 21.36 1.97
C PRO G 69 29.98 22.77 1.43
N HIS G 70 30.64 23.71 2.11
CA HIS G 70 30.91 25.02 1.52
C HIS G 70 32.14 24.92 0.65
N TRP G 71 31.98 25.16 -0.65
CA TRP G 71 33.00 24.94 -1.66
C TRP G 71 33.75 26.22 -1.99
N TYR G 72 34.98 26.05 -2.44
CA TYR G 72 35.81 27.16 -2.91
C TYR G 72 36.66 26.67 -4.06
N HIS G 73 37.05 27.59 -4.93
CA HIS G 73 38.11 27.29 -5.89
C HIS G 73 39.38 26.96 -5.13
N PHE G 74 40.28 26.21 -5.78
CA PHE G 74 41.50 25.78 -5.10
C PHE G 74 42.29 26.97 -4.56
N SER G 75 42.40 28.04 -5.34
CA SER G 75 43.13 29.21 -4.87
C SER G 75 42.34 29.97 -3.82
N CYS G 76 41.03 30.15 -4.05
CA CYS G 76 40.21 30.88 -3.10
C CYS G 76 40.20 30.22 -1.74
N PHE G 77 40.29 28.89 -1.70
CA PHE G 77 40.28 28.20 -0.41
C PHE G 77 41.48 28.60 0.43
N TRP G 78 42.67 28.61 -0.16
CA TRP G 78 43.87 29.02 0.57
C TRP G 78 43.98 30.53 0.71
N LYS G 79 43.18 31.29 -0.04
CA LYS G 79 43.16 32.74 0.15
C LYS G 79 42.48 33.10 1.47
N VAL G 80 41.46 32.34 1.88
CA VAL G 80 40.71 32.65 3.10
C VAL G 80 41.42 32.20 4.36
N GLY G 81 42.61 31.61 4.25
CA GLY G 81 43.40 31.30 5.42
C GLY G 81 43.05 29.98 6.09
N HIS G 82 43.97 29.02 6.02
CA HIS G 82 43.81 27.74 6.72
C HIS G 82 45.19 27.25 7.15
N SER G 83 45.24 26.64 8.33
CA SER G 83 46.46 26.07 8.89
C SER G 83 46.30 24.56 8.98
N ILE G 84 46.34 23.90 7.82
CA ILE G 84 46.20 22.46 7.73
C ILE G 84 47.60 21.86 7.82
N ARG G 85 47.89 21.20 8.96
CA ARG G 85 49.23 20.68 9.18
C ARG G 85 49.45 19.32 8.53
N HIS G 86 48.39 18.52 8.42
CA HIS G 86 48.47 17.19 7.82
C HIS G 86 47.29 17.02 6.88
N PRO G 87 47.43 17.52 5.64
CA PRO G 87 46.31 17.40 4.68
C PRO G 87 45.80 15.99 4.51
N ASP G 88 46.69 14.99 4.57
CA ASP G 88 46.28 13.62 4.31
C ASP G 88 45.27 13.15 5.34
N VAL G 89 45.56 13.35 6.63
CA VAL G 89 44.70 12.81 7.68
C VAL G 89 43.49 13.71 7.93
N GLU G 90 43.65 15.03 7.75
CA GLU G 90 42.60 15.98 8.09
C GLU G 90 41.62 16.24 6.96
N VAL G 91 41.87 15.71 5.76
CA VAL G 91 41.02 15.94 4.60
C VAL G 91 40.50 14.61 4.10
N ASP G 92 39.18 14.51 3.98
CA ASP G 92 38.55 13.29 3.45
C ASP G 92 38.55 13.35 1.93
N GLY G 93 39.14 12.34 1.30
CA GLY G 93 39.26 12.30 -0.14
C GLY G 93 40.57 12.79 -0.68
N PHE G 94 41.52 13.16 0.18
CA PHE G 94 42.81 13.63 -0.29
C PHE G 94 43.53 12.57 -1.11
N SER G 95 43.59 11.35 -0.58
CA SER G 95 44.27 10.24 -1.25
C SER G 95 43.51 9.72 -2.47
N GLU G 96 42.42 10.36 -2.87
CA GLU G 96 41.63 9.93 -4.01
C GLU G 96 41.84 10.80 -5.24
N LEU G 97 42.81 11.72 -5.19
CA LEU G 97 43.07 12.64 -6.28
C LEU G 97 44.23 12.15 -7.13
N ARG G 98 44.60 12.95 -8.13
CA ARG G 98 45.79 12.67 -8.91
C ARG G 98 47.05 12.88 -8.07
N TRP G 99 48.08 12.11 -8.37
CA TRP G 99 49.32 12.24 -7.64
C TRP G 99 49.92 13.63 -7.81
N ASP G 100 49.73 14.24 -8.99
CA ASP G 100 50.23 15.58 -9.23
C ASP G 100 49.43 16.62 -8.46
N ASP G 101 48.10 16.56 -8.55
CA ASP G 101 47.26 17.47 -7.78
C ASP G 101 47.46 17.25 -6.28
N GLN G 102 47.68 16.01 -5.86
CA GLN G 102 48.06 15.76 -4.48
C GLN G 102 49.32 16.54 -4.14
N GLN G 103 50.43 16.21 -4.77
CA GLN G 103 51.69 16.91 -4.50
C GLN G 103 51.56 18.42 -4.60
N LYS G 104 50.55 18.92 -5.32
CA LYS G 104 50.29 20.36 -5.33
C LYS G 104 49.61 20.82 -4.03
N VAL G 105 48.60 20.06 -3.58
CA VAL G 105 47.88 20.41 -2.36
C VAL G 105 48.80 20.29 -1.15
N LYS G 106 49.60 19.21 -1.11
CA LYS G 106 50.54 19.02 -0.01
C LYS G 106 51.44 20.24 0.17
N LYS G 107 51.83 20.86 -0.95
CA LYS G 107 52.68 22.05 -0.87
C LYS G 107 51.87 23.28 -0.50
N THR G 108 50.76 23.53 -1.20
CA THR G 108 50.00 24.74 -0.95
C THR G 108 49.45 24.79 0.47
N ALA G 109 49.26 23.64 1.12
CA ALA G 109 48.73 23.63 2.48
C ALA G 109 49.73 24.20 3.48
N GLU G 110 50.96 23.67 3.48
CA GLU G 110 52.00 24.18 4.36
C GLU G 110 52.73 25.39 3.80
N ALA G 111 52.57 25.68 2.51
CA ALA G 111 53.25 26.82 1.90
C ALA G 111 52.31 28.02 1.80
N GLU G 137 67.47 2.77 6.17
CA GLU G 137 66.01 2.74 6.29
C GLU G 137 65.38 3.92 5.58
N LYS G 138 66.12 4.52 4.64
CA LYS G 138 65.64 5.64 3.85
C LYS G 138 65.09 5.20 2.51
N ASP G 139 65.88 4.46 1.72
CA ASP G 139 65.39 3.93 0.46
C ASP G 139 64.23 2.97 0.69
N LYS G 140 64.21 2.31 1.85
CA LYS G 140 63.15 1.37 2.18
C LYS G 140 61.77 2.00 2.03
N ASP G 141 61.57 3.18 2.60
CA ASP G 141 60.28 3.86 2.49
C ASP G 141 60.16 4.67 1.20
N SER G 142 61.29 5.14 0.67
CA SER G 142 61.26 5.87 -0.59
C SER G 142 60.68 5.00 -1.71
N LYS G 143 61.08 3.73 -1.76
CA LYS G 143 60.57 2.86 -2.82
C LYS G 143 59.09 2.58 -2.64
N LEU G 144 58.63 2.44 -1.40
CA LEU G 144 57.20 2.24 -1.16
C LEU G 144 56.40 3.46 -1.60
N GLU G 145 56.93 4.66 -1.36
CA GLU G 145 56.23 5.86 -1.83
C GLU G 145 56.23 5.95 -3.35
N LYS G 146 57.34 5.55 -3.98
CA LYS G 146 57.37 5.49 -5.45
C LYS G 146 56.34 4.49 -5.96
N ALA G 147 56.15 3.38 -5.26
CA ALA G 147 55.12 2.42 -5.63
C ALA G 147 53.73 3.04 -5.51
N LEU G 148 53.49 3.79 -4.43
CA LEU G 148 52.22 4.51 -4.32
C LEU G 148 52.00 5.42 -5.53
N LYS G 149 53.03 6.16 -5.92
CA LYS G 149 52.94 7.04 -7.08
C LYS G 149 52.58 6.25 -8.33
N ALA G 150 53.28 5.15 -8.56
CA ALA G 150 53.00 4.30 -9.72
C ALA G 150 51.56 3.84 -9.72
N GLN G 151 51.07 3.37 -8.57
CA GLN G 151 49.70 2.86 -8.49
C GLN G 151 48.68 3.96 -8.77
N ASN G 152 48.92 5.15 -8.24
CA ASN G 152 48.00 6.27 -8.47
C ASN G 152 47.94 6.63 -9.95
N ASP G 153 49.11 6.82 -10.58
CA ASP G 153 49.14 7.13 -12.00
C ASP G 153 48.49 6.02 -12.82
N LEU G 154 48.68 4.76 -12.40
CA LEU G 154 48.08 3.64 -13.10
C LEU G 154 46.56 3.69 -13.02
N ILE G 155 46.03 3.94 -11.82
CA ILE G 155 44.59 3.99 -11.64
C ILE G 155 43.99 5.10 -12.50
N TRP G 156 44.67 6.24 -12.58
CA TRP G 156 44.11 7.34 -13.37
C TRP G 156 44.20 7.05 -14.88
N ASN G 157 45.33 6.49 -15.34
CA ASN G 157 45.43 6.05 -16.72
C ASN G 157 44.30 5.07 -17.05
N ILE G 158 43.95 4.21 -16.10
CA ILE G 158 42.84 3.28 -16.31
C ILE G 158 41.54 4.06 -16.46
N LYS G 159 41.12 4.75 -15.40
CA LYS G 159 39.79 5.35 -15.37
C LYS G 159 39.57 6.32 -16.54
N ASP G 160 40.62 7.04 -16.96
CA ASP G 160 40.49 7.93 -18.10
C ASP G 160 39.96 7.17 -19.32
N GLU G 161 40.72 6.18 -19.79
CA GLU G 161 40.27 5.40 -20.95
C GLU G 161 38.95 4.70 -20.66
N LEU G 162 38.74 4.28 -19.41
CA LEU G 162 37.47 3.67 -19.02
C LEU G 162 36.30 4.54 -19.47
N LYS G 163 36.29 5.80 -19.06
CA LYS G 163 35.19 6.68 -19.49
C LYS G 163 35.32 7.04 -20.96
N LYS G 164 36.53 7.05 -21.50
CA LYS G 164 36.72 7.41 -22.90
C LYS G 164 36.00 6.43 -23.83
N VAL G 165 36.05 5.14 -23.53
CA VAL G 165 35.56 4.13 -24.45
C VAL G 165 34.19 3.59 -24.03
N CYS G 166 33.94 3.53 -22.73
CA CYS G 166 32.73 2.92 -22.21
C CYS G 166 31.66 3.97 -21.90
N SER G 167 30.41 3.56 -22.05
CA SER G 167 29.28 4.38 -21.65
C SER G 167 28.94 4.08 -20.18
N THR G 168 28.03 4.89 -19.63
CA THR G 168 27.64 4.70 -18.24
C THR G 168 26.96 3.37 -18.02
N ASN G 169 26.06 2.98 -18.94
CA ASN G 169 25.38 1.71 -18.81
C ASN G 169 26.35 0.54 -18.91
N ASP G 170 27.42 0.68 -19.71
CA ASP G 170 28.42 -0.38 -19.79
C ASP G 170 29.11 -0.58 -18.45
N LEU G 171 29.50 0.51 -17.78
CA LEU G 171 30.10 0.41 -16.45
C LEU G 171 29.12 -0.18 -15.45
N LYS G 172 27.85 0.24 -15.52
CA LYS G 172 26.83 -0.30 -14.64
C LYS G 172 26.72 -1.82 -14.82
N GLU G 173 26.71 -2.28 -16.07
CA GLU G 173 26.63 -3.71 -16.34
C GLU G 173 27.88 -4.43 -15.84
N LEU G 174 29.05 -3.83 -16.02
CA LEU G 174 30.28 -4.39 -15.49
C LEU G 174 30.15 -4.63 -13.99
N LEU G 175 29.68 -3.63 -13.27
CA LEU G 175 29.51 -3.78 -11.82
C LEU G 175 28.48 -4.85 -11.50
N ILE G 176 27.36 -4.85 -12.20
CA ILE G 176 26.31 -5.84 -11.96
C ILE G 176 26.87 -7.25 -12.09
N PHE G 177 27.64 -7.49 -13.15
CA PHE G 177 28.08 -8.84 -13.48
C PHE G 177 29.09 -9.42 -12.51
N ASN G 178 29.45 -8.71 -11.44
CA ASN G 178 30.43 -9.19 -10.48
C ASN G 178 29.88 -9.19 -9.05
N LYS G 179 28.58 -9.46 -8.91
CA LYS G 179 27.93 -9.50 -7.61
C LYS G 179 28.10 -8.20 -6.83
N GLN G 180 28.43 -7.11 -7.52
CA GLN G 180 28.64 -5.82 -6.86
C GLN G 180 27.28 -5.19 -6.58
N GLN G 181 27.29 -3.92 -6.19
CA GLN G 181 26.07 -3.16 -5.93
C GLN G 181 26.18 -1.84 -6.66
N VAL G 182 25.25 -1.59 -7.58
CA VAL G 182 25.30 -0.41 -8.45
C VAL G 182 25.27 0.85 -7.59
N PRO G 183 26.31 1.66 -7.59
CA PRO G 183 26.30 2.91 -6.82
C PRO G 183 25.57 4.00 -7.57
N SER G 184 25.48 5.17 -6.93
CA SER G 184 24.86 6.34 -7.51
C SER G 184 25.95 7.32 -7.96
N GLY G 185 25.92 7.70 -9.23
CA GLY G 185 26.88 8.64 -9.75
C GLY G 185 27.90 8.02 -10.69
N GLU G 186 28.09 8.63 -11.86
CA GLU G 186 29.05 8.09 -12.82
C GLU G 186 30.45 8.00 -12.22
N SER G 187 30.85 9.02 -11.47
CA SER G 187 32.18 9.01 -10.85
C SER G 187 32.35 7.79 -9.96
N ALA G 188 31.38 7.56 -9.05
CA ALA G 188 31.45 6.40 -8.17
C ALA G 188 31.36 5.09 -8.95
N ILE G 189 30.58 5.07 -10.03
CA ILE G 189 30.48 3.86 -10.85
C ILE G 189 31.85 3.49 -11.40
N LEU G 190 32.53 4.43 -12.08
CA LEU G 190 33.84 4.09 -12.64
C LEU G 190 34.86 3.83 -11.53
N ASP G 191 34.72 4.50 -10.38
CA ASP G 191 35.62 4.20 -9.26
C ASP G 191 35.50 2.74 -8.85
N ARG G 192 34.27 2.26 -8.64
CA ARG G 192 34.06 0.88 -8.24
C ARG G 192 34.46 -0.09 -9.34
N VAL G 193 34.26 0.28 -10.60
CA VAL G 193 34.71 -0.55 -11.71
C VAL G 193 36.22 -0.73 -11.65
N ALA G 194 36.96 0.37 -11.47
CA ALA G 194 38.41 0.28 -11.35
C ALA G 194 38.82 -0.56 -10.15
N ASP G 195 38.13 -0.37 -9.02
CA ASP G 195 38.45 -1.18 -7.84
C ASP G 195 38.31 -2.67 -8.14
N GLY G 196 37.16 -3.06 -8.72
CA GLY G 196 36.94 -4.47 -9.00
C GLY G 196 37.90 -5.03 -10.02
N MET G 197 38.32 -4.20 -10.99
CA MET G 197 39.24 -4.68 -12.01
C MET G 197 40.67 -4.80 -11.50
N VAL G 198 41.06 -3.95 -10.55
CA VAL G 198 42.45 -3.93 -10.08
C VAL G 198 42.62 -4.92 -8.94
N PHE G 199 41.84 -4.76 -7.86
CA PHE G 199 42.02 -5.53 -6.65
C PHE G 199 41.09 -6.74 -6.56
N GLY G 200 40.31 -7.00 -7.59
CA GLY G 200 39.43 -8.15 -7.60
C GLY G 200 38.00 -7.77 -7.24
N ALA G 201 37.05 -8.51 -7.80
CA ALA G 201 35.64 -8.25 -7.54
C ALA G 201 35.34 -8.43 -6.06
N LEU G 202 34.95 -7.34 -5.40
CA LEU G 202 34.59 -7.41 -3.99
C LEU G 202 33.44 -8.39 -3.80
N LEU G 203 33.47 -9.11 -2.71
CA LEU G 203 32.41 -10.05 -2.39
C LEU G 203 31.49 -9.47 -1.33
N PRO G 204 30.24 -9.92 -1.29
CA PRO G 204 29.32 -9.38 -0.28
C PRO G 204 29.91 -9.53 1.11
N CYS G 205 29.49 -8.65 2.02
CA CYS G 205 29.97 -8.74 3.38
C CYS G 205 29.66 -10.11 3.97
N GLU G 206 30.48 -10.51 4.95
CA GLU G 206 30.27 -11.80 5.60
C GLU G 206 29.19 -11.74 6.67
N GLU G 207 28.90 -10.56 7.21
CA GLU G 207 27.91 -10.42 8.26
C GLU G 207 26.57 -9.93 7.70
N CYS G 208 26.54 -8.70 7.20
CA CYS G 208 25.29 -8.11 6.71
C CYS G 208 25.07 -8.32 5.22
N SER G 209 26.08 -8.79 4.49
CA SER G 209 26.01 -9.03 3.05
C SER G 209 26.01 -7.73 2.25
N GLY G 210 26.20 -6.59 2.90
CA GLY G 210 26.22 -5.32 2.19
C GLY G 210 27.52 -5.08 1.46
N GLN G 211 27.41 -4.34 0.36
CA GLN G 211 28.58 -4.02 -0.45
C GLN G 211 29.55 -3.16 0.34
N LEU G 212 30.84 -3.46 0.20
CA LEU G 212 31.88 -2.65 0.81
C LEU G 212 32.41 -1.64 -0.20
N VAL G 213 32.96 -0.55 0.32
CA VAL G 213 33.49 0.53 -0.50
C VAL G 213 34.84 0.95 0.06
N PHE G 214 35.70 1.43 -0.85
CA PHE G 214 37.05 1.85 -0.48
C PHE G 214 37.04 3.26 0.10
N LYS G 215 37.58 3.41 1.30
CA LYS G 215 37.81 4.71 1.91
C LYS G 215 39.32 4.97 1.97
N SER G 216 39.68 6.16 2.43
CA SER G 216 41.10 6.53 2.48
C SER G 216 41.91 5.54 3.30
N ASP G 217 41.33 5.05 4.41
CA ASP G 217 42.06 4.22 5.35
C ASP G 217 41.74 2.73 5.25
N ALA G 218 40.53 2.34 4.86
CA ALA G 218 40.18 0.93 4.81
C ALA G 218 38.85 0.77 4.10
N TYR G 219 38.48 -0.48 3.83
CA TYR G 219 37.21 -0.81 3.21
C TYR G 219 36.10 -0.83 4.27
N TYR G 220 35.05 -0.06 4.03
CA TYR G 220 33.94 0.04 4.97
C TYR G 220 32.68 -0.56 4.35
N CYS G 221 31.95 -1.31 5.17
CA CYS G 221 30.72 -1.94 4.71
C CYS G 221 29.56 -0.95 4.79
N THR G 222 28.81 -0.82 3.70
CA THR G 222 27.67 0.09 3.62
C THR G 222 26.34 -0.61 3.88
N GLY G 223 26.37 -1.85 4.34
CA GLY G 223 25.15 -2.58 4.57
C GLY G 223 24.42 -2.14 5.82
N ASP G 224 23.17 -2.59 5.93
CA ASP G 224 22.30 -2.29 7.07
C ASP G 224 22.00 -3.59 7.79
N VAL G 225 22.62 -3.78 8.96
CA VAL G 225 22.30 -4.95 9.78
C VAL G 225 20.80 -5.02 10.00
N THR G 226 20.21 -3.92 10.46
CA THR G 226 18.77 -3.77 10.62
C THR G 226 18.36 -2.43 10.03
N ALA G 227 17.05 -2.26 9.84
CA ALA G 227 16.55 -1.01 9.28
C ALA G 227 16.90 0.18 10.17
N TRP G 228 17.24 -0.06 11.44
CA TRP G 228 17.59 1.01 12.37
C TRP G 228 19.09 1.19 12.54
N THR G 229 19.90 0.19 12.15
CA THR G 229 21.32 0.17 12.44
C THR G 229 22.13 0.05 11.15
N LYS G 230 23.40 0.45 11.23
CA LYS G 230 24.32 0.41 10.12
C LYS G 230 25.46 -0.55 10.41
N CYS G 231 25.96 -1.18 9.34
CA CYS G 231 27.08 -2.10 9.47
C CYS G 231 28.38 -1.33 9.64
N MET G 232 29.16 -1.71 10.65
CA MET G 232 30.43 -1.07 10.96
C MET G 232 31.62 -1.90 10.52
N VAL G 233 31.42 -2.97 9.75
CA VAL G 233 32.53 -3.80 9.30
C VAL G 233 33.57 -2.93 8.61
N LYS G 234 34.82 -3.05 9.06
CA LYS G 234 35.92 -2.25 8.54
C LYS G 234 37.14 -3.16 8.45
N THR G 235 37.74 -3.23 7.27
CA THR G 235 38.92 -4.07 7.08
C THR G 235 39.75 -3.52 5.92
N GLN G 236 41.03 -3.91 5.91
CA GLN G 236 41.95 -3.54 4.85
C GLN G 236 42.27 -4.72 3.94
N THR G 237 41.78 -5.92 4.25
CA THR G 237 42.00 -7.11 3.45
C THR G 237 40.65 -7.81 3.26
N PRO G 238 39.81 -7.29 2.38
CA PRO G 238 38.49 -7.89 2.16
C PRO G 238 38.56 -9.16 1.33
N ASN G 239 37.49 -9.94 1.42
CA ASN G 239 37.37 -11.17 0.66
C ASN G 239 37.07 -10.84 -0.79
N ARG G 240 37.79 -11.49 -1.71
CA ARG G 240 37.69 -11.15 -3.12
C ARG G 240 37.63 -12.41 -3.97
N LYS G 241 36.98 -12.29 -5.11
CA LYS G 241 37.08 -13.23 -6.22
C LYS G 241 37.71 -12.50 -7.41
N GLU G 242 37.88 -13.22 -8.51
CA GLU G 242 38.50 -12.62 -9.68
C GLU G 242 37.48 -11.84 -10.50
N TRP G 243 37.92 -10.71 -11.06
CA TRP G 243 37.05 -9.90 -11.90
C TRP G 243 36.65 -10.67 -13.15
N VAL G 244 35.49 -10.32 -13.69
CA VAL G 244 34.91 -11.01 -14.83
C VAL G 244 34.52 -9.97 -15.88
N THR G 245 34.92 -10.21 -17.13
CA THR G 245 34.54 -9.35 -18.24
C THR G 245 33.63 -10.15 -19.16
N PRO G 246 32.36 -9.77 -19.34
CA PRO G 246 31.45 -10.58 -20.15
C PRO G 246 31.88 -10.63 -21.62
N LYS G 247 31.23 -11.52 -22.36
CA LYS G 247 31.55 -11.69 -23.77
C LYS G 247 31.37 -10.39 -24.54
N GLU G 248 30.45 -9.52 -24.11
CA GLU G 248 30.27 -8.23 -24.76
C GLU G 248 31.58 -7.47 -24.86
N PHE G 249 32.31 -7.40 -23.75
CA PHE G 249 33.55 -6.63 -23.65
C PHE G 249 34.74 -7.53 -23.98
N ARG G 250 34.77 -8.01 -25.22
CA ARG G 250 35.85 -8.87 -25.71
C ARG G 250 36.84 -8.10 -26.59
N GLU G 251 36.36 -7.46 -27.65
CA GLU G 251 37.23 -6.58 -28.42
C GLU G 251 37.68 -5.38 -27.60
N ILE G 252 36.77 -4.82 -26.79
CA ILE G 252 37.15 -3.73 -25.91
C ILE G 252 38.11 -4.22 -24.83
N SER G 253 37.89 -5.45 -24.33
CA SER G 253 38.83 -6.02 -23.37
C SER G 253 40.21 -6.19 -23.98
N TYR G 254 40.27 -6.63 -25.23
CA TYR G 254 41.56 -6.70 -25.92
C TYR G 254 42.17 -5.31 -26.06
N LEU G 255 41.33 -4.31 -26.36
CA LEU G 255 41.81 -2.93 -26.35
C LEU G 255 42.40 -2.55 -24.99
N LYS G 256 41.84 -3.09 -23.91
CA LYS G 256 42.42 -2.90 -22.58
C LYS G 256 43.65 -3.78 -22.40
N LYS G 257 43.44 -5.08 -22.25
CA LYS G 257 44.54 -6.04 -22.05
C LYS G 257 45.43 -5.60 -20.89
N LEU G 258 44.79 -5.22 -19.78
CA LEU G 258 45.50 -4.66 -18.64
C LEU G 258 46.66 -5.54 -18.22
N LYS G 259 46.41 -6.84 -18.04
CA LYS G 259 47.44 -7.79 -17.61
C LYS G 259 48.12 -7.32 -16.32
N VAL G 260 47.34 -6.71 -15.43
CA VAL G 260 47.88 -6.23 -14.17
C VAL G 260 48.36 -7.39 -13.30
N LYS G 261 47.77 -8.57 -13.47
CA LYS G 261 48.16 -9.76 -12.71
C LYS G 261 47.89 -9.61 -11.23
N LYS G 262 46.84 -8.87 -10.86
CA LYS G 262 46.46 -8.75 -9.46
C LYS G 262 47.48 -7.94 -8.67
N GLN G 263 47.03 -7.27 -7.61
CA GLN G 263 47.89 -6.44 -6.79
C GLN G 263 47.18 -6.25 -5.45
N ASP G 264 47.71 -5.35 -4.62
CA ASP G 264 47.15 -5.10 -3.30
C ASP G 264 47.02 -3.61 -3.06
N ARG G 265 45.90 -3.21 -2.45
CA ARG G 265 45.64 -1.81 -2.13
C ARG G 265 46.64 -1.30 -1.10
N ILE G 266 47.48 -0.35 -1.48
CA ILE G 266 48.39 0.26 -0.53
C ILE G 266 47.61 1.18 0.40
N PHE G 267 47.78 1.00 1.70
CA PHE G 267 47.06 1.79 2.70
C PHE G 267 47.98 2.71 3.51
N PRO G 268 47.42 3.75 4.12
CA PRO G 268 48.23 4.75 4.83
C PRO G 268 48.96 4.13 6.00
N PRO G 269 50.06 4.76 6.47
CA PRO G 269 50.76 4.27 7.67
C PRO G 269 49.88 4.34 8.91
N GLU H 23 -0.62 5.18 -39.13
CA GLU H 23 -0.51 3.95 -38.35
C GLU H 23 0.88 3.35 -38.50
N SER H 24 1.46 2.92 -37.37
CA SER H 24 2.77 2.26 -37.41
C SER H 24 2.70 0.99 -38.26
N SER H 25 1.66 0.20 -38.07
CA SER H 25 1.48 -1.05 -38.82
C SER H 25 2.65 -2.00 -38.58
N ASP H 26 3.17 -1.99 -37.36
CA ASP H 26 4.26 -2.91 -36.98
C ASP H 26 5.52 -2.63 -37.80
N LYS H 27 5.47 -2.91 -39.09
CA LYS H 27 6.63 -2.78 -39.98
C LYS H 27 7.73 -3.76 -39.58
N LEU H 28 7.47 -5.03 -39.90
CA LEU H 28 8.35 -6.11 -39.47
C LEU H 28 9.80 -5.82 -39.82
N TYR H 29 10.06 -5.48 -41.08
CA TYR H 29 11.39 -4.99 -41.44
C TYR H 29 11.72 -3.80 -40.54
N ARG H 30 12.89 -3.84 -39.92
CA ARG H 30 13.31 -2.78 -39.02
C ARG H 30 14.81 -2.62 -39.12
N VAL H 31 15.28 -1.40 -38.85
CA VAL H 31 16.70 -1.08 -38.97
C VAL H 31 17.07 -0.08 -37.90
N GLU H 32 18.29 -0.23 -37.35
CA GLU H 32 18.77 0.72 -36.36
C GLU H 32 20.21 0.37 -36.00
N TYR H 33 20.82 1.24 -35.20
CA TYR H 33 22.15 0.98 -34.68
C TYR H 33 22.07 0.07 -33.46
N ALA H 34 23.05 -0.80 -33.32
CA ALA H 34 23.04 -1.80 -32.24
C ALA H 34 23.03 -1.12 -30.88
N LYS H 35 21.91 -1.25 -30.16
CA LYS H 35 21.81 -0.67 -28.83
C LYS H 35 22.78 -1.34 -27.86
N SER H 36 23.09 -2.62 -28.10
CA SER H 36 24.03 -3.34 -27.27
C SER H 36 24.79 -4.33 -28.15
N GLY H 37 25.83 -4.92 -27.57
CA GLY H 37 26.63 -5.90 -28.27
C GLY H 37 26.24 -7.32 -27.92
N ARG H 38 24.98 -7.52 -27.53
CA ARG H 38 24.49 -8.82 -27.10
C ARG H 38 23.65 -9.55 -28.14
N ALA H 39 23.04 -8.83 -29.08
CA ALA H 39 22.20 -9.47 -30.09
C ALA H 39 23.02 -10.43 -30.94
N SER H 40 22.53 -11.66 -31.07
CA SER H 40 23.18 -12.69 -31.88
C SER H 40 22.51 -12.77 -33.25
N CYS H 41 23.32 -12.78 -34.29
CA CYS H 41 22.80 -12.95 -35.65
C CYS H 41 22.18 -14.34 -35.78
N LYS H 42 20.93 -14.39 -36.24
CA LYS H 42 20.22 -15.66 -36.33
C LYS H 42 20.81 -16.60 -37.36
N LYS H 43 21.74 -16.14 -38.20
CA LYS H 43 22.36 -17.01 -39.20
C LYS H 43 23.73 -17.48 -38.72
N CYS H 44 24.71 -16.58 -38.71
CA CYS H 44 26.06 -16.94 -38.34
C CYS H 44 26.25 -17.13 -36.84
N SER H 45 25.24 -16.77 -36.02
CA SER H 45 25.25 -16.90 -34.58
C SER H 45 26.26 -15.98 -33.90
N GLU H 46 26.97 -15.15 -34.66
CA GLU H 46 27.94 -14.23 -34.07
C GLU H 46 27.24 -13.01 -33.49
N SER H 47 27.82 -12.46 -32.43
CA SER H 47 27.26 -11.28 -31.78
C SER H 47 27.37 -10.06 -32.69
N ILE H 48 26.35 -9.21 -32.63
CA ILE H 48 26.31 -7.99 -33.43
C ILE H 48 26.94 -6.87 -32.58
N PRO H 49 28.10 -6.33 -32.98
CA PRO H 49 28.76 -5.33 -32.13
C PRO H 49 27.88 -4.12 -31.85
N LYS H 50 28.21 -3.42 -30.77
CA LYS H 50 27.45 -2.25 -30.37
C LYS H 50 27.65 -1.11 -31.36
N ASP H 51 26.63 -0.27 -31.48
CA ASP H 51 26.68 0.91 -32.35
C ASP H 51 26.94 0.55 -33.81
N SER H 52 26.51 -0.64 -34.22
CA SER H 52 26.67 -1.10 -35.59
C SER H 52 25.32 -1.19 -36.27
N LEU H 53 25.26 -0.74 -37.53
CA LEU H 53 24.03 -0.84 -38.31
C LEU H 53 23.57 -2.28 -38.34
N ARG H 54 22.31 -2.50 -38.02
CA ARG H 54 21.75 -3.84 -37.99
C ARG H 54 20.28 -3.78 -38.36
N MET H 55 19.84 -4.80 -39.09
CA MET H 55 18.45 -4.96 -39.49
C MET H 55 17.87 -6.17 -38.79
N ALA H 56 16.58 -6.09 -38.50
CA ALA H 56 15.84 -7.18 -37.88
C ALA H 56 14.48 -7.30 -38.53
N ILE H 57 13.80 -8.39 -38.20
CA ILE H 57 12.41 -8.59 -38.56
C ILE H 57 11.64 -8.86 -37.28
N MET H 58 10.50 -8.18 -37.12
CA MET H 58 9.68 -8.35 -35.93
C MET H 58 8.80 -9.58 -36.10
N VAL H 59 8.90 -10.52 -35.18
CA VAL H 59 8.16 -11.78 -35.24
C VAL H 59 7.48 -12.02 -33.90
N GLN H 60 6.31 -12.66 -33.96
CA GLN H 60 5.53 -12.95 -32.76
C GLN H 60 6.17 -14.13 -32.02
N SER H 61 6.72 -13.87 -30.85
CA SER H 61 7.36 -14.93 -30.09
C SER H 61 6.30 -15.86 -29.50
N PRO H 62 6.65 -17.13 -29.28
CA PRO H 62 5.73 -18.05 -28.60
C PRO H 62 5.81 -18.02 -27.08
N MET H 63 6.72 -17.23 -26.51
CA MET H 63 6.88 -17.18 -25.06
C MET H 63 5.92 -16.22 -24.39
N PHE H 64 5.56 -15.12 -25.06
CA PHE H 64 4.67 -14.12 -24.47
C PHE H 64 3.96 -13.38 -25.61
N ASP H 65 2.83 -12.77 -25.26
CA ASP H 65 2.03 -12.01 -26.22
C ASP H 65 2.73 -10.69 -26.50
N GLY H 66 3.77 -10.75 -27.33
CA GLY H 66 4.51 -9.57 -27.71
C GLY H 66 5.56 -9.84 -28.77
N LYS H 67 5.59 -9.01 -29.80
CA LYS H 67 6.55 -9.18 -30.88
C LYS H 67 7.98 -9.02 -30.35
N VAL H 68 8.94 -9.49 -31.15
CA VAL H 68 10.35 -9.46 -30.77
C VAL H 68 11.19 -9.35 -32.04
N PRO H 69 12.35 -8.68 -32.00
CA PRO H 69 13.15 -8.55 -33.22
C PRO H 69 14.16 -9.68 -33.40
N HIS H 70 14.06 -10.41 -34.50
CA HIS H 70 15.14 -11.30 -34.91
C HIS H 70 16.17 -10.46 -35.66
N TRP H 71 17.38 -10.38 -35.12
CA TRP H 71 18.42 -9.50 -35.62
C TRP H 71 19.37 -10.25 -36.55
N TYR H 72 19.96 -9.49 -37.47
CA TYR H 72 20.96 -10.02 -38.38
C TYR H 72 22.01 -8.94 -38.61
N HIS H 73 23.21 -9.36 -38.97
CA HIS H 73 24.18 -8.42 -39.50
C HIS H 73 23.64 -7.83 -40.80
N PHE H 74 24.14 -6.65 -41.16
CA PHE H 74 23.64 -5.98 -42.35
C PHE H 74 23.77 -6.88 -43.58
N SER H 75 24.91 -7.58 -43.70
CA SER H 75 25.10 -8.48 -44.83
C SER H 75 24.27 -9.75 -44.68
N CYS H 76 24.26 -10.34 -43.48
CA CYS H 76 23.50 -11.57 -43.26
C CYS H 76 22.02 -11.36 -43.51
N PHE H 77 21.50 -10.16 -43.22
CA PHE H 77 20.08 -9.88 -43.45
C PHE H 77 19.73 -10.04 -44.93
N TRP H 78 20.52 -9.43 -45.81
CA TRP H 78 20.28 -9.54 -47.24
C TRP H 78 20.74 -10.87 -47.82
N LYS H 79 21.54 -11.65 -47.07
CA LYS H 79 21.90 -12.98 -47.54
C LYS H 79 20.70 -13.92 -47.53
N VAL H 80 19.78 -13.76 -46.57
CA VAL H 80 18.64 -14.66 -46.45
C VAL H 80 17.52 -14.32 -47.41
N GLY H 81 17.68 -13.31 -48.26
CA GLY H 81 16.71 -13.03 -49.29
C GLY H 81 15.54 -12.19 -48.84
N HIS H 82 15.44 -10.96 -49.34
CA HIS H 82 14.30 -10.09 -49.07
C HIS H 82 14.02 -9.24 -50.30
N SER H 83 12.75 -9.01 -50.57
CA SER H 83 12.32 -8.17 -51.69
C SER H 83 11.63 -6.93 -51.13
N ILE H 84 12.43 -6.03 -50.57
CA ILE H 84 11.94 -4.79 -49.99
C ILE H 84 11.94 -3.74 -51.09
N ARG H 85 10.73 -3.36 -51.54
CA ARG H 85 10.61 -2.44 -52.66
C ARG H 85 10.70 -0.99 -52.21
N HIS H 86 10.26 -0.69 -50.99
CA HIS H 86 10.26 0.66 -50.45
C HIS H 86 10.83 0.61 -49.03
N PRO H 87 12.15 0.61 -48.90
CA PRO H 87 12.75 0.55 -47.55
C PRO H 87 12.25 1.64 -46.60
N ASP H 88 12.02 2.85 -47.12
CA ASP H 88 11.63 3.95 -46.24
C ASP H 88 10.30 3.69 -45.57
N VAL H 89 9.29 3.27 -46.34
CA VAL H 89 7.95 3.12 -45.77
C VAL H 89 7.80 1.78 -45.06
N GLU H 90 8.50 0.74 -45.52
CA GLU H 90 8.34 -0.60 -44.96
C GLU H 90 9.26 -0.87 -43.78
N VAL H 91 10.17 0.05 -43.45
CA VAL H 91 11.11 -0.14 -42.36
C VAL H 91 10.92 0.99 -41.35
N ASP H 92 10.71 0.60 -40.09
CA ASP H 92 10.55 1.58 -39.01
C ASP H 92 11.94 2.01 -38.53
N GLY H 93 12.20 3.32 -38.57
CA GLY H 93 13.49 3.85 -38.20
C GLY H 93 14.42 4.11 -39.36
N PHE H 94 13.97 3.90 -40.60
CA PHE H 94 14.83 4.15 -41.75
C PHE H 94 15.27 5.61 -41.80
N SER H 95 14.32 6.54 -41.65
CA SER H 95 14.63 7.95 -41.70
C SER H 95 15.33 8.45 -40.45
N GLU H 96 15.68 7.58 -39.51
CA GLU H 96 16.33 7.97 -38.27
C GLU H 96 17.82 7.63 -38.26
N LEU H 97 18.38 7.17 -39.38
CA LEU H 97 19.76 6.74 -39.45
C LEU H 97 20.63 7.84 -40.08
N ARG H 98 21.91 7.53 -40.26
CA ARG H 98 22.79 8.41 -41.01
C ARG H 98 22.42 8.37 -42.49
N TRP H 99 22.61 9.51 -43.16
CA TRP H 99 22.28 9.59 -44.58
C TRP H 99 23.11 8.62 -45.41
N ASP H 100 24.35 8.37 -45.00
CA ASP H 100 25.22 7.45 -45.75
C ASP H 100 24.74 6.01 -45.59
N ASP H 101 24.51 5.57 -44.35
CA ASP H 101 23.98 4.24 -44.14
C ASP H 101 22.61 4.07 -44.78
N GLN H 102 21.80 5.14 -44.78
CA GLN H 102 20.55 5.13 -45.53
C GLN H 102 20.83 4.80 -46.99
N GLN H 103 21.54 5.70 -47.69
CA GLN H 103 21.85 5.45 -49.09
C GLN H 103 22.48 4.09 -49.33
N LYS H 104 23.09 3.48 -48.31
CA LYS H 104 23.59 2.13 -48.46
C LYS H 104 22.45 1.11 -48.44
N VAL H 105 21.52 1.27 -47.50
CA VAL H 105 20.39 0.34 -47.41
C VAL H 105 19.49 0.47 -48.63
N LYS H 106 19.21 1.71 -49.05
CA LYS H 106 18.37 1.95 -50.21
C LYS H 106 18.86 1.16 -51.42
N LYS H 107 20.18 1.08 -51.58
CA LYS H 107 20.76 0.34 -52.70
C LYS H 107 20.73 -1.16 -52.43
N THR H 108 21.23 -1.58 -51.26
CA THR H 108 21.34 -3.00 -50.96
C THR H 108 19.98 -3.69 -50.93
N ALA H 109 18.89 -2.95 -50.77
CA ALA H 109 17.58 -3.57 -50.68
C ALA H 109 17.20 -4.23 -52.00
N GLU H 110 17.29 -3.49 -53.11
CA GLU H 110 17.02 -4.06 -54.42
C GLU H 110 18.23 -4.76 -55.01
N ALA H 111 19.42 -4.55 -54.45
CA ALA H 111 20.63 -5.18 -54.94
C ALA H 111 21.00 -6.39 -54.10
N SER H 134 8.97 14.73 -65.04
CA SER H 134 8.63 16.15 -65.06
C SER H 134 9.78 16.95 -65.67
N LYS H 135 9.56 18.26 -65.79
CA LYS H 135 10.54 19.19 -66.34
C LYS H 135 11.13 20.13 -65.30
N LYS H 136 10.32 20.62 -64.37
CA LYS H 136 10.78 21.50 -63.29
C LYS H 136 10.61 20.90 -61.92
N GLU H 137 9.48 20.24 -61.64
CA GLU H 137 9.27 19.60 -60.35
C GLU H 137 10.42 18.67 -59.99
N LYS H 138 11.07 18.09 -61.01
CA LYS H 138 12.20 17.20 -60.79
C LYS H 138 13.30 17.89 -59.99
N ASP H 139 13.75 19.05 -60.47
CA ASP H 139 14.81 19.78 -59.76
C ASP H 139 14.33 20.26 -58.40
N LYS H 140 13.05 20.63 -58.27
CA LYS H 140 12.52 21.05 -56.97
C LYS H 140 12.70 19.95 -55.94
N ASP H 141 12.20 18.75 -56.25
CA ASP H 141 12.33 17.63 -55.33
C ASP H 141 13.79 17.29 -55.07
N SER H 142 14.63 17.38 -56.10
CA SER H 142 16.05 17.08 -55.91
C SER H 142 16.69 18.04 -54.90
N LYS H 143 16.39 19.33 -55.02
CA LYS H 143 17.00 20.30 -54.10
C LYS H 143 16.46 20.14 -52.69
N LEU H 144 15.16 19.86 -52.54
CA LEU H 144 14.64 19.65 -51.20
C LEU H 144 15.25 18.40 -50.57
N GLU H 145 15.51 17.36 -51.36
CA GLU H 145 16.18 16.18 -50.84
C GLU H 145 17.61 16.50 -50.45
N LYS H 146 18.28 17.37 -51.21
CA LYS H 146 19.61 17.83 -50.79
C LYS H 146 19.52 18.52 -49.43
N ALA H 147 18.46 19.29 -49.21
CA ALA H 147 18.26 19.90 -47.89
C ALA H 147 18.08 18.84 -46.81
N LEU H 148 17.30 17.80 -47.10
CA LEU H 148 17.16 16.68 -46.17
C LEU H 148 18.51 16.07 -45.82
N LYS H 149 19.35 15.84 -46.83
CA LYS H 149 20.68 15.30 -46.60
C LYS H 149 21.48 16.20 -45.68
N ALA H 150 21.47 17.51 -45.96
CA ALA H 150 22.17 18.45 -45.10
C ALA H 150 21.69 18.34 -43.65
N GLN H 151 20.37 18.26 -43.46
CA GLN H 151 19.82 18.20 -42.11
C GLN H 151 20.25 16.93 -41.38
N ASN H 152 20.26 15.80 -42.09
CA ASN H 152 20.66 14.54 -41.47
C ASN H 152 22.12 14.59 -41.05
N ASP H 153 22.99 15.00 -41.97
CA ASP H 153 24.41 15.11 -41.63
C ASP H 153 24.62 16.08 -40.48
N LEU H 154 23.83 17.15 -40.43
CA LEU H 154 23.94 18.11 -39.34
C LEU H 154 23.59 17.48 -38.00
N ILE H 155 22.47 16.75 -37.95
CA ILE H 155 22.06 16.12 -36.69
C ILE H 155 23.12 15.15 -36.20
N TRP H 156 23.74 14.41 -37.12
CA TRP H 156 24.74 13.45 -36.68
C TRP H 156 26.03 14.14 -36.24
N ASN H 157 26.46 15.16 -36.99
CA ASN H 157 27.58 15.98 -36.53
C ASN H 157 27.31 16.53 -35.13
N ILE H 158 26.06 16.87 -34.85
CA ILE H 158 25.68 17.29 -33.50
C ILE H 158 25.95 16.17 -32.51
N LYS H 159 25.24 15.05 -32.69
CA LYS H 159 25.29 13.98 -31.70
C LYS H 159 26.73 13.53 -31.42
N ASP H 160 27.59 13.56 -32.42
CA ASP H 160 28.98 13.19 -32.22
C ASP H 160 29.60 13.98 -31.08
N GLU H 161 29.75 15.29 -31.26
CA GLU H 161 30.32 16.13 -30.21
C GLU H 161 29.46 16.10 -28.96
N LEU H 162 28.14 15.99 -29.12
CA LEU H 162 27.22 15.93 -28.00
C LEU H 162 27.67 14.89 -26.98
N LYS H 163 27.78 13.63 -27.41
CA LYS H 163 28.24 12.61 -26.47
C LYS H 163 29.74 12.65 -26.24
N LYS H 164 30.52 13.19 -27.19
CA LYS H 164 31.97 13.25 -26.99
C LYS H 164 32.32 14.09 -25.77
N VAL H 165 31.60 15.19 -25.56
CA VAL H 165 31.98 16.14 -24.50
C VAL H 165 31.10 15.97 -23.27
N CYS H 166 29.83 15.60 -23.47
CA CYS H 166 28.87 15.52 -22.39
C CYS H 166 28.68 14.08 -21.90
N SER H 167 28.39 13.94 -20.61
CA SER H 167 28.04 12.66 -20.03
C SER H 167 26.53 12.42 -20.13
N THR H 168 26.11 11.21 -19.76
CA THR H 168 24.70 10.87 -19.82
C THR H 168 23.88 11.72 -18.86
N ASN H 169 24.38 11.92 -17.64
CA ASN H 169 23.65 12.73 -16.67
C ASN H 169 23.52 14.17 -17.14
N ASP H 170 24.53 14.66 -17.87
CA ASP H 170 24.43 16.02 -18.42
C ASP H 170 23.28 16.11 -19.42
N LEU H 171 23.16 15.12 -20.30
CA LEU H 171 22.04 15.10 -21.24
C LEU H 171 20.71 15.00 -20.51
N LYS H 172 20.67 14.19 -19.45
CA LYS H 172 19.46 14.09 -18.64
C LYS H 172 19.07 15.46 -18.08
N GLU H 173 20.05 16.20 -17.56
CA GLU H 173 19.76 17.52 -17.00
C GLU H 173 19.32 18.49 -18.11
N LEU H 174 19.96 18.43 -19.26
CA LEU H 174 19.54 19.25 -20.39
C LEU H 174 18.07 19.01 -20.71
N LEU H 175 17.67 17.74 -20.81
CA LEU H 175 16.27 17.44 -21.10
C LEU H 175 15.36 17.93 -19.98
N ILE H 176 15.76 17.71 -18.73
CA ILE H 176 14.94 18.15 -17.60
C ILE H 176 14.68 19.64 -17.69
N PHE H 177 15.73 20.42 -17.98
CA PHE H 177 15.64 21.87 -17.90
C PHE H 177 14.76 22.48 -18.99
N ASN H 178 14.12 21.66 -19.84
CA ASN H 178 13.28 22.17 -20.91
C ASN H 178 11.88 21.57 -20.87
N LYS H 179 11.37 21.27 -19.67
CA LYS H 179 10.04 20.71 -19.49
C LYS H 179 9.86 19.42 -20.28
N GLN H 180 10.95 18.77 -20.66
CA GLN H 180 10.89 17.55 -21.46
C GLN H 180 10.57 16.36 -20.56
N GLN H 181 10.72 15.15 -21.11
CA GLN H 181 10.50 13.91 -20.37
C GLN H 181 11.69 13.00 -20.63
N VAL H 182 12.41 12.66 -19.56
CA VAL H 182 13.63 11.85 -19.66
C VAL H 182 13.25 10.49 -20.23
N PRO H 183 13.74 10.12 -21.41
CA PRO H 183 13.44 8.79 -21.96
C PRO H 183 14.37 7.74 -21.37
N SER H 184 14.15 6.49 -21.79
CA SER H 184 14.95 5.36 -21.35
C SER H 184 15.91 4.98 -22.47
N GLY H 185 17.21 4.98 -22.15
CA GLY H 185 18.22 4.61 -23.13
C GLY H 185 19.05 5.79 -23.59
N GLU H 186 20.38 5.63 -23.58
CA GLU H 186 21.26 6.71 -24.00
C GLU H 186 20.96 7.17 -25.42
N SER H 187 20.68 6.22 -26.32
CA SER H 187 20.39 6.58 -27.71
C SER H 187 19.19 7.51 -27.78
N ALA H 188 18.08 7.13 -27.12
CA ALA H 188 16.89 7.98 -27.10
C ALA H 188 17.17 9.30 -26.39
N ILE H 189 18.03 9.28 -25.36
CA ILE H 189 18.39 10.50 -24.66
C ILE H 189 19.00 11.49 -25.63
N LEU H 190 20.02 11.07 -26.38
CA LEU H 190 20.67 11.95 -27.33
C LEU H 190 19.74 12.34 -28.47
N ASP H 191 18.85 11.43 -28.88
CA ASP H 191 17.88 11.76 -29.91
C ASP H 191 17.00 12.94 -29.47
N ARG H 192 16.43 12.85 -28.26
CA ARG H 192 15.58 13.93 -27.78
C ARG H 192 16.36 15.20 -27.53
N VAL H 193 17.60 15.10 -27.07
CA VAL H 193 18.43 16.29 -26.89
C VAL H 193 18.61 17.01 -28.22
N ALA H 194 18.99 16.26 -29.27
CA ALA H 194 19.16 16.88 -30.59
C ALA H 194 17.85 17.49 -31.07
N ASP H 195 16.74 16.78 -30.89
CA ASP H 195 15.44 17.32 -31.31
C ASP H 195 15.17 18.66 -30.64
N GLY H 196 15.30 18.71 -29.31
CA GLY H 196 15.01 19.94 -28.59
C GLY H 196 15.96 21.07 -28.94
N MET H 197 17.22 20.75 -29.23
CA MET H 197 18.17 21.81 -29.57
C MET H 197 17.99 22.32 -30.98
N VAL H 198 17.51 21.48 -31.90
CA VAL H 198 17.39 21.87 -33.30
C VAL H 198 16.05 22.55 -33.53
N PHE H 199 14.96 21.85 -33.22
CA PHE H 199 13.62 22.31 -33.54
C PHE H 199 12.93 22.97 -32.35
N GLY H 200 13.62 23.16 -31.25
CA GLY H 200 13.06 23.83 -30.10
C GLY H 200 12.58 22.85 -29.04
N ALA H 201 12.63 23.31 -27.79
CA ALA H 201 12.19 22.48 -26.67
C ALA H 201 10.71 22.15 -26.81
N LEU H 202 10.42 20.85 -26.96
CA LEU H 202 9.04 20.41 -27.08
C LEU H 202 8.23 20.80 -25.86
N LEU H 203 6.98 21.18 -26.10
CA LEU H 203 6.05 21.54 -25.03
C LEU H 203 5.01 20.45 -24.83
N PRO H 204 4.40 20.39 -23.64
CA PRO H 204 3.44 19.32 -23.35
C PRO H 204 2.34 19.21 -24.39
N CYS H 205 1.79 18.00 -24.50
CA CYS H 205 0.67 17.73 -25.39
C CYS H 205 -0.52 18.62 -25.05
N GLU H 206 -1.39 18.82 -26.03
CA GLU H 206 -2.58 19.65 -25.83
C GLU H 206 -3.69 18.90 -25.10
N GLU H 207 -3.71 17.58 -25.17
CA GLU H 207 -4.76 16.80 -24.50
C GLU H 207 -4.26 16.19 -23.19
N CYS H 208 -3.31 15.27 -23.28
CA CYS H 208 -2.85 14.55 -22.10
C CYS H 208 -1.64 15.20 -21.45
N SER H 209 -1.01 16.18 -22.10
CA SER H 209 0.15 16.91 -21.60
C SER H 209 1.42 16.07 -21.58
N GLY H 210 1.38 14.85 -22.10
CA GLY H 210 2.60 14.05 -22.18
C GLY H 210 3.46 14.48 -23.34
N GLN H 211 4.77 14.38 -23.15
CA GLN H 211 5.69 14.80 -24.19
C GLN H 211 5.56 13.89 -25.41
N LEU H 212 5.58 14.50 -26.59
CA LEU H 212 5.58 13.79 -27.85
C LEU H 212 7.02 13.66 -28.37
N VAL H 213 7.21 12.67 -29.25
CA VAL H 213 8.52 12.37 -29.81
C VAL H 213 8.37 12.15 -31.31
N PHE H 214 9.46 12.39 -32.04
CA PHE H 214 9.45 12.30 -33.49
C PHE H 214 9.44 10.83 -33.93
N LYS H 215 8.50 10.49 -34.78
CA LYS H 215 8.40 9.17 -35.40
C LYS H 215 8.81 9.28 -36.86
N SER H 216 8.81 8.12 -37.54
CA SER H 216 9.26 8.09 -38.92
C SER H 216 8.46 9.06 -39.80
N ASP H 217 7.16 9.16 -39.56
CA ASP H 217 6.29 9.95 -40.42
C ASP H 217 5.86 11.27 -39.80
N ALA H 218 5.74 11.35 -38.48
CA ALA H 218 5.27 12.56 -37.82
C ALA H 218 5.53 12.42 -36.33
N TYR H 219 5.26 13.49 -35.59
CA TYR H 219 5.42 13.49 -34.15
C TYR H 219 4.23 12.81 -33.48
N TYR H 220 4.51 11.82 -32.65
CA TYR H 220 3.50 11.05 -31.93
C TYR H 220 3.62 11.30 -30.44
N CYS H 221 2.48 11.43 -29.78
CA CYS H 221 2.46 11.68 -28.33
C CYS H 221 2.65 10.38 -27.56
N THR H 222 3.57 10.39 -26.60
CA THR H 222 3.86 9.23 -25.77
C THR H 222 3.11 9.28 -24.45
N GLY H 223 2.22 10.26 -24.27
CA GLY H 223 1.49 10.37 -23.04
C GLY H 223 0.37 9.36 -22.95
N ASP H 224 -0.16 9.23 -21.73
CA ASP H 224 -1.27 8.31 -21.46
C ASP H 224 -2.46 9.15 -21.05
N VAL H 225 -3.44 9.28 -21.95
CA VAL H 225 -4.67 10.01 -21.63
C VAL H 225 -5.27 9.48 -20.33
N THR H 226 -5.48 8.16 -20.28
CA THR H 226 -5.96 7.49 -19.09
C THR H 226 -5.09 6.26 -18.83
N ALA H 227 -5.25 5.69 -17.63
CA ALA H 227 -4.49 4.51 -17.26
C ALA H 227 -4.80 3.33 -18.18
N TRP H 228 -5.84 3.41 -19.01
CA TRP H 228 -6.23 2.31 -19.88
C TRP H 228 -5.75 2.48 -21.32
N THR H 229 -5.50 3.71 -21.76
CA THR H 229 -5.17 3.97 -23.16
C THR H 229 -3.93 4.86 -23.25
N LYS H 230 -3.43 4.97 -24.46
CA LYS H 230 -2.30 5.83 -24.80
C LYS H 230 -2.78 6.89 -25.78
N CYS H 231 -2.19 8.08 -25.71
CA CYS H 231 -2.58 9.16 -26.60
C CYS H 231 -2.01 8.90 -27.99
N MET H 232 -2.89 8.96 -29.01
CA MET H 232 -2.49 8.75 -30.40
C MET H 232 -2.43 10.05 -31.17
N VAL H 233 -2.55 11.20 -30.50
CA VAL H 233 -2.49 12.48 -31.19
C VAL H 233 -1.19 12.56 -31.98
N LYS H 234 -1.31 12.92 -33.26
CA LYS H 234 -0.17 12.98 -34.17
C LYS H 234 -0.29 14.21 -35.04
N THR H 235 0.78 15.00 -35.07
CA THR H 235 0.82 16.23 -35.86
C THR H 235 2.25 16.48 -36.28
N GLN H 236 2.41 17.32 -37.30
CA GLN H 236 3.73 17.64 -37.84
C GLN H 236 4.22 19.02 -37.44
N THR H 237 3.41 19.83 -36.77
CA THR H 237 3.79 21.16 -36.31
C THR H 237 3.35 21.35 -34.87
N PRO H 238 4.05 20.73 -33.91
CA PRO H 238 3.68 20.87 -32.51
C PRO H 238 4.15 22.21 -31.94
N ASN H 239 3.53 22.60 -30.83
CA ASN H 239 3.90 23.82 -30.15
C ASN H 239 5.18 23.62 -29.36
N ARG H 240 6.12 24.55 -29.51
CA ARG H 240 7.44 24.43 -28.90
C ARG H 240 7.89 25.79 -28.37
N LYS H 241 8.81 25.74 -27.41
CA LYS H 241 9.57 26.91 -26.98
C LYS H 241 11.01 26.74 -27.42
N GLU H 242 11.84 27.75 -27.14
CA GLU H 242 13.23 27.70 -27.53
C GLU H 242 14.06 26.93 -26.51
N TRP H 243 15.05 26.19 -27.00
CA TRP H 243 15.90 25.42 -26.11
C TRP H 243 16.67 26.33 -25.17
N VAL H 244 17.00 25.82 -23.99
CA VAL H 244 17.66 26.58 -22.95
C VAL H 244 18.87 25.78 -22.46
N THR H 245 20.02 26.45 -22.39
CA THR H 245 21.25 25.86 -21.88
C THR H 245 21.69 26.58 -20.62
N PRO H 246 21.78 25.92 -19.45
CA PRO H 246 22.14 26.64 -18.21
C PRO H 246 23.54 27.23 -18.26
N LYS H 247 23.91 27.97 -17.23
CA LYS H 247 25.28 28.50 -17.17
C LYS H 247 26.30 27.37 -17.06
N GLU H 248 25.93 26.27 -16.42
CA GLU H 248 26.79 25.09 -16.43
C GLU H 248 27.15 24.72 -17.86
N PHE H 249 26.15 24.59 -18.71
CA PHE H 249 26.38 24.24 -20.12
C PHE H 249 26.42 25.49 -20.97
N ARG H 250 27.28 26.42 -20.57
CA ARG H 250 27.57 27.65 -21.30
C ARG H 250 28.95 27.56 -21.94
N GLU H 251 29.97 27.30 -21.12
CA GLU H 251 31.28 26.97 -21.67
C GLU H 251 31.20 25.66 -22.45
N ILE H 252 30.40 24.71 -21.95
CA ILE H 252 30.17 23.47 -22.68
C ILE H 252 29.43 23.75 -23.99
N SER H 253 28.47 24.68 -23.97
CA SER H 253 27.79 25.07 -25.20
C SER H 253 28.76 25.67 -26.20
N TYR H 254 29.67 26.52 -25.71
CA TYR H 254 30.71 27.07 -26.59
C TYR H 254 31.59 25.95 -27.13
N LEU H 255 31.93 24.96 -26.30
CA LEU H 255 32.64 23.79 -26.79
C LEU H 255 31.86 23.09 -27.89
N LYS H 256 30.53 23.10 -27.78
CA LYS H 256 29.67 22.59 -28.85
C LYS H 256 29.54 23.56 -30.00
N LYS H 257 29.91 24.83 -29.80
CA LYS H 257 29.80 25.86 -30.83
C LYS H 257 28.37 25.95 -31.34
N LEU H 258 27.41 25.97 -30.41
CA LEU H 258 25.99 25.94 -30.75
C LEU H 258 25.67 27.00 -31.80
N LYS H 259 25.37 26.55 -33.02
CA LYS H 259 25.07 27.49 -34.10
C LYS H 259 23.68 28.09 -33.95
N VAL H 260 22.72 27.31 -33.45
CA VAL H 260 21.36 27.79 -33.24
C VAL H 260 20.73 28.16 -34.57
N LYS H 261 21.02 27.38 -35.60
CA LYS H 261 20.46 27.60 -36.94
C LYS H 261 19.02 27.11 -36.94
N LYS H 262 18.07 28.02 -36.76
CA LYS H 262 16.67 27.63 -36.66
C LYS H 262 16.21 27.00 -37.97
N GLN H 263 15.28 26.06 -37.86
CA GLN H 263 14.77 25.34 -39.01
C GLN H 263 13.47 24.66 -38.60
N ASP H 264 12.96 23.80 -39.49
CA ASP H 264 11.71 23.07 -39.28
C ASP H 264 11.93 21.62 -39.64
N ARG H 265 11.33 20.72 -38.87
CA ARG H 265 11.47 19.29 -39.10
C ARG H 265 10.92 18.91 -40.48
N ILE H 266 11.81 18.49 -41.37
CA ILE H 266 11.39 17.98 -42.67
C ILE H 266 10.76 16.60 -42.48
N PHE H 267 9.59 16.41 -43.05
CA PHE H 267 8.84 15.18 -42.92
C PHE H 267 8.88 14.43 -44.24
N PRO H 268 8.61 13.12 -44.24
CA PRO H 268 8.87 12.34 -45.44
C PRO H 268 8.06 12.86 -46.60
N PRO H 269 8.58 12.73 -47.83
CA PRO H 269 7.80 13.14 -49.00
C PRO H 269 6.60 12.24 -49.27
N GLU H 270 6.60 11.00 -48.76
CA GLU H 270 5.55 10.04 -49.07
C GLU H 270 4.18 10.60 -48.75
N THR H 271 3.37 10.86 -49.79
CA THR H 271 2.03 11.37 -49.63
C THR H 271 2.04 12.70 -48.89
N1 YH0 I . -39.51 -8.23 -24.78
C7 YH0 I . -42.70 -9.00 -26.55
C8 YH0 I . -37.46 -6.84 -24.75
N2 YH0 I . -39.23 -6.83 -26.49
C9 YH0 I . -36.36 -6.64 -25.56
O1 YH0 I . -33.12 -6.20 -22.25
C1 YH0 I . -41.75 -9.11 -25.54
C5 YH0 I . -41.38 -7.34 -27.72
C6 YH0 I . -42.52 -8.13 -27.62
N3 YH0 I . -33.05 -4.69 -23.90
C4 YH0 I . -40.43 -7.47 -26.70
C3 YH0 I . -38.73 -7.31 -25.32
C2 YH0 I . -40.60 -8.33 -25.62
N4 YH0 I . -28.73 -2.88 -25.24
N YH0 I . -40.94 -10.79 -23.99
C YH0 I . -41.96 -10.02 -24.36
O YH0 I . -43.04 -10.03 -23.80
C10 YH0 I . -35.16 -6.23 -25.02
C11 YH0 I . -35.03 -6.01 -23.65
C12 YH0 I . -36.14 -6.20 -22.84
C13 YH0 I . -37.34 -6.62 -23.38
C14 YH0 I . -33.66 -5.64 -23.21
C15 YH0 I . -31.60 -4.53 -23.84
C16 YH0 I . -31.11 -3.34 -24.62
C17 YH0 I . -29.68 -3.08 -24.33
C18 YH0 I . -27.56 -2.75 -24.50
C19 YH0 I . -27.85 -2.87 -23.14
C20 YH0 I . -26.87 -2.76 -22.16
C21 YH0 I . -25.57 -2.51 -22.57
C22 YH0 I . -25.27 -2.38 -23.93
C23 YH0 I . -26.25 -2.51 -24.90
N5 YH0 I . -29.20 -3.09 -23.06
N1 YH0 J . 10.61 -0.29 46.97
C7 YH0 J . 10.98 -0.54 50.67
C8 YH0 J . 11.68 -0.64 44.77
N2 YH0 J . 12.81 -0.73 47.00
C9 YH0 J . 12.74 -0.19 43.98
O1 YH0 J . 10.46 -0.71 39.92
C1 YH0 J . 10.30 -0.34 49.48
C5 YH0 J . 13.08 -0.88 49.52
C6 YH0 J . 12.35 -0.81 50.69
N3 YH0 J . 12.53 -1.59 39.86
C4 YH0 J . 12.40 -0.68 48.32
C3 YH0 J . 11.70 -0.51 46.24
C2 YH0 J . 11.04 -0.41 48.28
N4 YH0 J . 13.05 -2.10 35.53
N YH0 J . 8.32 0.82 48.70
C YH0 J . 8.82 -0.12 49.48
O YH0 J . 8.12 -0.82 50.21
C10 YH0 J . 12.70 -0.33 42.62
C11 YH0 J . 11.61 -0.93 41.99
C12 YH0 J . 10.57 -1.40 42.77
C13 YH0 J . 10.60 -1.25 44.15
C14 YH0 J . 11.49 -1.07 40.51
C15 YH0 J . 12.70 -1.41 38.42
C16 YH0 J . 13.90 -2.14 37.88
C17 YH0 J . 14.04 -1.96 36.41
C18 YH0 J . 13.60 -1.66 34.32
C19 YH0 J . 14.92 -1.26 34.51
C20 YH0 J . 15.69 -0.76 33.49
C21 YH0 J . 15.12 -0.68 32.22
C22 YH0 J . 13.81 -1.08 32.01
C23 YH0 J . 13.03 -1.58 33.04
N5 YH0 J . 15.16 -1.46 35.86
ZN ZN K . 36.71 31.07 -6.13
ZN ZN L . 28.81 -5.72 6.64
ZN ZN M . -1.18 13.43 -25.99
ZN ZN N . 25.53 -12.49 -39.08
#